data_8UNF
#
_entry.id   8UNF
#
_cell.length_a   1.00
_cell.length_b   1.00
_cell.length_c   1.00
_cell.angle_alpha   90.00
_cell.angle_beta   90.00
_cell.angle_gamma   90.00
#
_symmetry.space_group_name_H-M   'P 1'
#
loop_
_entity.id
_entity.type
_entity.pdbx_description
1 polymer 'primer DNA'
2 polymer 'template DNA'
3 polymer 'Sliding clamp'
4 polymer 'Sliding-clamp-loader large subunit'
5 polymer 'Sliding-clamp-loader small subunit'
6 non-polymer "ADENOSINE-5'-DIPHOSPHATE"
7 non-polymer 'MAGNESIUM ION'
8 non-polymer [[[(2R,3S,4R,5R)-5-(6-aminopurin-9-yl)-3,4-bis(oxidanyl)oxolan-2-yl]methoxy-oxidanyl-phosphoryl]oxy-oxidanyl-phosphoryl]oxy-tris(fluoranyl)beryllium
#
loop_
_entity_poly.entity_id
_entity_poly.type
_entity_poly.pdbx_seq_one_letter_code
_entity_poly.pdbx_strand_id
1 'polydeoxyribonucleotide' (DG)(DC)(DA)(DG)(DA)(DC)(DA)(DC)(DT)(DA)(DC)(DG)(DA)(DG)(DT)(DA)(DC)(DA)(DT)(DA) J
2 'polydeoxyribonucleotide'
;(DT)(DT)(DT)(DT)(DT)(DA)(DT)(DG)(DT)(DA)(DC)(DT)(DC)(DG)(DT)(DA)(DG)(DT)(DG)(DT)
(DC)(DT)(DG)(DC)
;
I
3 'polypeptide(L)'
;MKLSKDTTALLKNFATINSGIMLKSGQFIMTRAVNGTTYAEANISDVIDFDVAIYDLNGFLGILSLVNDDAEISQSEDGN
IKIADARSTIFWPAADPSTVVAPNKPIPFPVASAVTEIKAEDLQQLLRVSRGLQIDTIAITVKEGKIVINGFNKVEDSAL
TRVKYSLTLGDYDGENTFNFIINMANMKMQPGNYKLLLWAKGKQGAAKFEGEHANYVVALEADSTHDF
;
H,G,F
4 'polypeptide(L)'
;MITVNEKEHILEQKYRPSTIDECILPAFDKETFKSITSKGKIPHIILHSPSPGTGKTTVAKALCHDVNADMMFVNGSDCK
IDFVRGPLTNFASAASFDGRQKVIVIDEFDRSGLAESQRHLRSFMEAYSSNCSIIITANNIDGIIKPLQSRCRVITFGQP
TDEDKIEMMKQMIRRLTEICKHEGIAIADMKVVAALVKKNFPDFRKTIGELDSYSSKGVLDAGILSLVTNDRGAIDDVLE
SLKNKDVKQLRALAPKYAADYSWFVGKLAEEIYSRVTPQSIIRMYEIVGENNQYHGIAANTELHLAYLFIQLACEMQWK
;
E,D,C,B
5 'polypeptide(L)'
;MSLFKDDIQLNEHQVAWYSKDWTAVQSAADSFKEKAENEFFEIIGAINNKTKCSIAQKDYSKFMVENALSQFPECMPAVY
AMNLIGSGLSDEAHFNYLMAAVPRGKRYGKWAKLVEDSTEVLIIKLLAKRYQVNTNDAINYKSILTKNGKLPLVLKELKG
LVTDDFLKEVTKNVKEQKQLKKLALEW
;
A
#
loop_
_chem_comp.id
_chem_comp.type
_chem_comp.name
_chem_comp.formula
08T non-polymer [[[(2R,3S,4R,5R)-5-(6-aminopurin-9-yl)-3,4-bis(oxidanyl)oxolan-2-yl]methoxy-oxidanyl-phosphoryl]oxy-oxidanyl-phosphoryl]oxy-tris(fluoranyl)beryllium 'C10 H14 Be F3 N5 O10 P2'
ADP non-polymer ADENOSINE-5'-DIPHOSPHATE 'C10 H15 N5 O10 P2'
DA DNA linking 2'-DEOXYADENOSINE-5'-MONOPHOSPHATE 'C10 H14 N5 O6 P'
DC DNA linking 2'-DEOXYCYTIDINE-5'-MONOPHOSPHATE 'C9 H14 N3 O7 P'
DG DNA linking 2'-DEOXYGUANOSINE-5'-MONOPHOSPHATE 'C10 H14 N5 O7 P'
DT DNA linking THYMIDINE-5'-MONOPHOSPHATE 'C10 H15 N2 O8 P'
MG non-polymer 'MAGNESIUM ION' 'Mg 2'
#
# COMPACT_ATOMS: atom_id res chain seq x y z
N MET C 1 -42.64 -0.99 19.24
CA MET C 1 -42.97 -0.78 17.84
C MET C 1 -42.85 -2.08 17.06
N LYS C 2 -43.60 -2.20 15.98
CA LYS C 2 -43.44 -3.29 15.02
C LYS C 2 -42.84 -2.72 13.75
N LEU C 3 -41.80 -3.38 13.25
CA LEU C 3 -41.09 -2.94 12.05
C LEU C 3 -41.32 -3.97 10.95
N SER C 4 -42.15 -3.61 9.98
CA SER C 4 -42.49 -4.52 8.90
C SER C 4 -41.28 -4.71 7.98
N LYS C 5 -41.46 -5.54 6.95
CA LYS C 5 -40.38 -5.74 5.99
C LYS C 5 -40.05 -4.45 5.26
N ASP C 6 -41.07 -3.70 4.82
CA ASP C 6 -40.81 -2.49 4.06
C ASP C 6 -40.10 -1.44 4.92
N THR C 7 -40.57 -1.24 6.16
CA THR C 7 -39.92 -0.28 7.03
C THR C 7 -38.50 -0.72 7.39
N THR C 8 -38.29 -2.03 7.57
CA THR C 8 -36.95 -2.51 7.84
C THR C 8 -36.01 -2.27 6.66
N ALA C 9 -36.49 -2.50 5.43
CA ALA C 9 -35.67 -2.21 4.26
C ALA C 9 -35.40 -0.72 4.14
N LEU C 10 -36.40 0.11 4.43
CA LEU C 10 -36.20 1.55 4.41
C LEU C 10 -35.17 1.98 5.43
N LEU C 11 -35.22 1.40 6.63
CA LEU C 11 -34.23 1.73 7.65
C LEU C 11 -32.85 1.23 7.26
N LYS C 12 -32.76 0.08 6.61
CA LYS C 12 -31.48 -0.38 6.12
C LYS C 12 -30.89 0.59 5.11
N ASN C 13 -31.74 1.12 4.23
CA ASN C 13 -31.28 2.13 3.28
C ASN C 13 -30.83 3.39 4.00
N PHE C 14 -31.61 3.84 5.00
CA PHE C 14 -31.24 5.04 5.74
C PHE C 14 -29.95 4.85 6.52
N ALA C 15 -29.62 3.60 6.86
CA ALA C 15 -28.39 3.32 7.58
C ALA C 15 -27.15 3.61 6.73
N THR C 16 -27.28 3.62 5.41
CA THR C 16 -26.15 4.00 4.58
C THR C 16 -25.89 5.50 4.68
N ILE C 17 -26.96 6.30 4.78
CA ILE C 17 -26.81 7.75 4.85
C ILE C 17 -26.15 8.16 6.15
N ASN C 18 -26.63 7.61 7.27
CA ASN C 18 -26.11 7.94 8.58
C ASN C 18 -25.93 6.66 9.37
N SER C 19 -24.90 6.63 10.23
CA SER C 19 -24.65 5.45 11.03
C SER C 19 -25.84 5.16 11.95
N GLY C 20 -26.38 6.20 12.58
CA GLY C 20 -27.52 6.07 13.46
C GLY C 20 -28.67 6.96 13.03
N ILE C 21 -29.73 6.93 13.84
CA ILE C 21 -30.92 7.72 13.55
C ILE C 21 -31.73 7.82 14.82
N MET C 22 -32.22 9.01 15.13
CA MET C 22 -33.17 9.18 16.23
C MET C 22 -34.56 8.91 15.69
N LEU C 23 -35.15 7.79 16.12
CA LEU C 23 -36.54 7.49 15.80
C LEU C 23 -37.43 8.26 16.77
N LYS C 24 -38.14 9.26 16.26
CA LYS C 24 -39.03 10.05 17.09
C LYS C 24 -40.44 9.50 17.01
N SER C 25 -41.24 9.83 18.03
CA SER C 25 -42.60 9.33 18.11
C SER C 25 -43.43 9.81 16.92
N GLY C 26 -44.16 8.88 16.32
CA GLY C 26 -44.98 9.15 15.16
C GLY C 26 -44.72 8.14 14.07
N GLN C 27 -45.25 8.41 12.88
CA GLN C 27 -45.05 7.56 11.72
C GLN C 27 -44.01 8.11 10.77
N PHE C 28 -43.22 9.08 11.20
CA PHE C 28 -42.26 9.78 10.35
C PHE C 28 -40.86 9.58 10.92
N ILE C 29 -39.94 9.16 10.06
CA ILE C 29 -38.54 9.03 10.44
C ILE C 29 -37.70 9.77 9.42
N MET C 30 -36.54 10.25 9.88
CA MET C 30 -35.68 11.09 9.05
C MET C 30 -34.25 10.97 9.55
N THR C 31 -33.32 11.27 8.66
CA THR C 31 -31.90 11.23 9.02
C THR C 31 -31.15 12.08 8.02
N ARG C 32 -29.92 12.43 8.38
CA ARG C 32 -29.04 13.18 7.51
C ARG C 32 -27.62 12.67 7.66
N ALA C 33 -26.82 12.86 6.62
CA ALA C 33 -25.44 12.41 6.69
C ALA C 33 -24.68 13.23 7.72
N VAL C 34 -23.58 12.67 8.21
CA VAL C 34 -22.83 13.32 9.27
C VAL C 34 -22.36 14.70 8.83
N ASN C 35 -21.86 14.81 7.61
CA ASN C 35 -21.37 16.09 7.12
C ASN C 35 -22.48 16.99 6.62
N GLY C 36 -23.68 16.46 6.40
CA GLY C 36 -24.79 17.27 5.95
C GLY C 36 -24.93 17.42 4.45
N THR C 37 -24.32 16.53 3.67
CA THR C 37 -24.45 16.61 2.22
C THR C 37 -25.72 15.98 1.70
N THR C 38 -26.40 15.18 2.50
CA THR C 38 -27.65 14.57 2.09
C THR C 38 -28.56 14.44 3.30
N TYR C 39 -29.86 14.40 3.03
CA TYR C 39 -30.89 14.28 4.04
C TYR C 39 -31.94 13.32 3.53
N ALA C 40 -32.59 12.61 4.43
CA ALA C 40 -33.61 11.66 4.02
C ALA C 40 -34.78 11.72 5.00
N GLU C 41 -35.97 11.44 4.48
CA GLU C 41 -37.17 11.38 5.31
C GLU C 41 -38.10 10.33 4.74
N ALA C 42 -39.07 9.90 5.54
CA ALA C 42 -40.02 8.91 5.09
C ALA C 42 -41.26 8.97 5.96
N ASN C 43 -42.40 8.62 5.38
CA ASN C 43 -43.65 8.46 6.09
C ASN C 43 -43.98 6.97 6.11
N ILE C 44 -43.51 6.27 7.13
CA ILE C 44 -43.67 4.82 7.21
C ILE C 44 -45.03 4.49 7.82
N SER C 45 -45.58 3.35 7.42
CA SER C 45 -46.88 2.92 7.93
C SER C 45 -46.82 2.62 9.42
N ASP C 46 -45.72 2.02 9.88
CA ASP C 46 -45.58 1.67 11.28
C ASP C 46 -45.56 2.93 12.15
N VAL C 47 -46.08 2.80 13.35
CA VAL C 47 -46.19 3.92 14.28
C VAL C 47 -45.18 3.73 15.41
N ILE C 48 -44.38 4.75 15.67
CA ILE C 48 -43.39 4.72 16.74
C ILE C 48 -43.99 5.39 17.96
N ASP C 49 -43.95 4.69 19.10
CA ASP C 49 -44.61 5.17 20.30
C ASP C 49 -43.65 5.76 21.33
N PHE C 50 -42.35 5.81 21.05
CA PHE C 50 -41.41 6.37 22.01
C PHE C 50 -40.16 6.82 21.28
N ASP C 51 -39.62 7.97 21.71
CA ASP C 51 -38.38 8.47 21.15
C ASP C 51 -37.21 7.59 21.60
N VAL C 52 -36.35 7.25 20.65
CA VAL C 52 -35.18 6.43 20.92
C VAL C 52 -34.10 6.80 19.91
N ALA C 53 -32.86 6.83 20.37
CA ALA C 53 -31.72 7.12 19.51
C ALA C 53 -30.85 5.87 19.42
N ILE C 54 -30.57 5.43 18.20
CA ILE C 54 -29.77 4.24 17.95
C ILE C 54 -28.43 4.69 17.40
N TYR C 55 -27.35 4.34 18.11
CA TYR C 55 -26.03 4.72 17.63
C TYR C 55 -25.57 3.84 16.49
N ASP C 56 -26.12 2.63 16.38
CA ASP C 56 -25.73 1.67 15.34
C ASP C 56 -27.00 1.10 14.73
N LEU C 57 -27.54 1.81 13.72
CA LEU C 57 -28.72 1.31 13.04
C LEU C 57 -28.41 0.02 12.30
N ASN C 58 -27.20 -0.14 11.78
CA ASN C 58 -26.82 -1.39 11.14
C ASN C 58 -26.88 -2.56 12.11
N GLY C 59 -26.35 -2.38 13.32
CA GLY C 59 -26.41 -3.44 14.31
C GLY C 59 -27.83 -3.72 14.77
N PHE C 60 -28.63 -2.67 14.93
CA PHE C 60 -30.03 -2.86 15.32
C PHE C 60 -30.80 -3.65 14.28
N LEU C 61 -30.59 -3.33 13.00
CA LEU C 61 -31.27 -4.08 11.95
C LEU C 61 -30.73 -5.49 11.81
N GLY C 62 -29.44 -5.68 12.07
CA GLY C 62 -28.89 -7.03 12.10
C GLY C 62 -29.51 -7.88 13.20
N ILE C 63 -29.74 -7.28 14.38
CA ILE C 63 -30.42 -7.98 15.45
C ILE C 63 -31.86 -8.28 15.06
N LEU C 64 -32.54 -7.33 14.44
CA LEU C 64 -33.92 -7.54 14.04
C LEU C 64 -34.06 -8.56 12.90
N SER C 65 -33.01 -8.77 12.11
CA SER C 65 -33.13 -9.65 10.96
C SER C 65 -33.38 -11.10 11.36
N LEU C 66 -32.57 -11.63 12.29
CA LEU C 66 -32.73 -13.02 12.68
C LEU C 66 -33.99 -13.26 13.50
N VAL C 67 -34.54 -12.23 14.11
CA VAL C 67 -35.74 -12.34 14.90
C VAL C 67 -36.95 -12.12 14.00
N ASN C 68 -38.09 -12.71 14.36
CA ASN C 68 -39.28 -12.62 13.54
C ASN C 68 -39.71 -11.16 13.35
N ASP C 69 -40.42 -10.93 12.24
CA ASP C 69 -40.81 -9.56 11.88
C ASP C 69 -41.78 -8.97 12.90
N ASP C 70 -42.71 -9.77 13.41
CA ASP C 70 -43.74 -9.29 14.32
C ASP C 70 -43.21 -8.96 15.70
N ALA C 71 -41.90 -8.97 15.89
CA ALA C 71 -41.32 -8.73 17.21
C ALA C 71 -41.72 -7.36 17.72
N GLU C 72 -42.01 -7.28 19.01
CA GLU C 72 -42.37 -6.03 19.66
C GLU C 72 -41.12 -5.36 20.19
N ILE C 73 -40.92 -4.10 19.82
CA ILE C 73 -39.78 -3.32 20.28
C ILE C 73 -40.30 -2.24 21.23
N SER C 74 -39.75 -2.20 22.44
CA SER C 74 -40.14 -1.20 23.42
C SER C 74 -38.91 -0.76 24.19
N GLN C 75 -39.10 0.14 25.15
CA GLN C 75 -38.01 0.62 25.97
C GLN C 75 -37.99 -0.11 27.29
N SER C 76 -36.79 -0.40 27.78
CA SER C 76 -36.63 -1.18 29.00
C SER C 76 -36.77 -0.29 30.23
N GLU C 77 -36.92 -0.92 31.39
CA GLU C 77 -37.07 -0.19 32.64
C GLU C 77 -35.83 0.63 33.00
N ASP C 78 -34.66 0.26 32.46
CA ASP C 78 -33.40 0.89 32.81
C ASP C 78 -32.87 1.81 31.71
N GLY C 79 -33.69 2.19 30.74
CA GLY C 79 -33.32 3.16 29.75
C GLY C 79 -32.90 2.59 28.42
N ASN C 80 -32.53 1.31 28.36
CA ASN C 80 -32.18 0.67 27.09
C ASN C 80 -33.46 0.36 26.33
N ILE C 81 -33.35 -0.48 25.30
CA ILE C 81 -34.51 -0.95 24.57
C ILE C 81 -34.48 -2.47 24.54
N LYS C 82 -35.64 -3.07 24.31
CA LYS C 82 -35.80 -4.51 24.28
C LYS C 82 -36.66 -4.91 23.09
N ILE C 83 -36.24 -5.98 22.42
CA ILE C 83 -36.98 -6.57 21.32
C ILE C 83 -37.41 -7.96 21.76
N ALA C 84 -38.72 -8.18 21.87
CA ALA C 84 -39.27 -9.43 22.36
C ALA C 84 -40.12 -10.09 21.28
N ASP C 85 -39.84 -11.35 21.00
CA ASP C 85 -40.61 -12.15 20.04
C ASP C 85 -40.63 -13.59 20.55
N ALA C 86 -41.68 -13.95 21.28
CA ALA C 86 -41.91 -15.31 21.73
C ALA C 86 -40.70 -15.89 22.46
N ARG C 87 -39.88 -16.65 21.73
CA ARG C 87 -38.75 -17.36 22.30
C ARG C 87 -37.54 -16.46 22.55
N SER C 88 -37.52 -15.25 22.01
CA SER C 88 -36.34 -14.40 22.10
C SER C 88 -36.69 -13.08 22.78
N THR C 89 -35.74 -12.55 23.54
CA THR C 89 -35.86 -11.22 24.14
C THR C 89 -34.47 -10.62 24.21
N ILE C 90 -34.12 -9.81 23.21
CA ILE C 90 -32.76 -9.30 23.03
C ILE C 90 -32.76 -7.82 23.40
N PHE C 91 -31.80 -7.42 24.22
CA PHE C 91 -31.69 -6.05 24.69
C PHE C 91 -30.67 -5.29 23.86
N TRP C 92 -31.03 -4.08 23.44
CA TRP C 92 -30.18 -3.23 22.64
C TRP C 92 -30.03 -1.87 23.33
N PRO C 93 -28.82 -1.34 23.46
CA PRO C 93 -28.64 -0.06 24.15
C PRO C 93 -29.27 1.09 23.37
N ALA C 94 -29.75 2.09 24.11
CA ALA C 94 -30.28 3.30 23.52
C ALA C 94 -29.34 4.45 23.88
N ALA C 95 -28.66 4.98 22.88
CA ALA C 95 -27.67 6.02 23.10
C ALA C 95 -28.35 7.35 23.41
N ASP C 96 -27.54 8.30 23.86
CA ASP C 96 -28.05 9.64 24.13
C ASP C 96 -28.45 10.29 22.80
N PRO C 97 -29.59 10.99 22.76
CA PRO C 97 -29.96 11.69 21.52
C PRO C 97 -28.90 12.63 20.99
N SER C 98 -28.16 13.30 21.88
CA SER C 98 -27.12 14.22 21.44
C SER C 98 -25.88 13.50 20.93
N THR C 99 -25.77 12.19 21.15
CA THR C 99 -24.62 11.46 20.64
C THR C 99 -24.69 11.29 19.12
N VAL C 100 -25.84 10.90 18.60
CA VAL C 100 -26.00 10.65 17.18
C VAL C 100 -26.44 11.92 16.49
N VAL C 101 -26.10 12.04 15.20
CA VAL C 101 -26.33 13.25 14.43
C VAL C 101 -27.58 13.06 13.59
N ALA C 102 -28.60 13.86 13.87
CA ALA C 102 -29.84 13.88 13.11
C ALA C 102 -30.25 15.33 12.89
N PRO C 103 -31.04 15.61 11.86
CA PRO C 103 -31.29 17.02 11.50
C PRO C 103 -31.99 17.84 12.56
N ASN C 104 -32.68 17.20 13.51
CA ASN C 104 -33.39 17.90 14.58
C ASN C 104 -34.52 18.78 14.05
N LYS C 105 -34.75 18.76 12.75
CA LYS C 105 -35.82 19.53 12.14
C LYS C 105 -36.06 19.06 10.71
N PRO C 106 -37.28 18.67 10.35
CA PRO C 106 -37.55 18.26 8.97
C PRO C 106 -37.41 19.45 8.03
N ILE C 107 -36.47 19.37 7.11
CA ILE C 107 -36.17 20.49 6.22
C ILE C 107 -37.33 20.69 5.25
N PRO C 108 -37.94 21.86 5.20
CA PRO C 108 -39.02 22.13 4.25
C PRO C 108 -38.44 22.51 2.89
N PHE C 109 -38.58 21.63 1.93
CA PHE C 109 -38.05 21.89 0.61
C PHE C 109 -38.84 23.01 -0.05
N PRO C 110 -38.19 24.08 -0.51
CA PRO C 110 -38.93 25.19 -1.14
C PRO C 110 -39.59 24.76 -2.43
N VAL C 111 -40.38 25.65 -3.03
CA VAL C 111 -40.99 25.33 -4.32
C VAL C 111 -39.89 25.08 -5.34
N ALA C 112 -40.02 23.98 -6.07
CA ALA C 112 -38.96 23.55 -6.96
C ALA C 112 -38.76 24.55 -8.10
N SER C 113 -37.50 24.77 -8.46
CA SER C 113 -37.20 25.57 -9.64
C SER C 113 -37.45 24.82 -10.92
N ALA C 114 -37.33 23.49 -10.90
CA ALA C 114 -37.65 22.67 -12.07
C ALA C 114 -38.04 21.28 -11.61
N VAL C 115 -39.19 20.79 -12.06
CA VAL C 115 -39.73 19.52 -11.61
C VAL C 115 -39.75 18.57 -12.80
N THR C 116 -39.18 17.38 -12.62
CA THR C 116 -39.22 16.33 -13.62
C THR C 116 -39.44 15.00 -12.90
N GLU C 117 -39.41 13.91 -13.66
CA GLU C 117 -39.59 12.59 -13.09
C GLU C 117 -38.56 11.64 -13.68
N ILE C 118 -38.02 10.76 -12.84
CA ILE C 118 -37.10 9.72 -13.27
C ILE C 118 -37.69 8.37 -12.87
N LYS C 119 -37.85 7.49 -13.84
CA LYS C 119 -38.50 6.21 -13.62
C LYS C 119 -37.55 5.25 -12.88
N ALA C 120 -38.15 4.22 -12.28
CA ALA C 120 -37.36 3.25 -11.54
C ALA C 120 -36.37 2.55 -12.46
N GLU C 121 -36.81 2.15 -13.65
CA GLU C 121 -35.89 1.51 -14.58
C GLU C 121 -34.84 2.49 -15.08
N ASP C 122 -35.19 3.75 -15.25
CA ASP C 122 -34.21 4.75 -15.66
C ASP C 122 -33.18 4.99 -14.57
N LEU C 123 -33.63 5.10 -13.32
CA LEU C 123 -32.69 5.28 -12.22
C LEU C 123 -31.78 4.07 -12.06
N GLN C 124 -32.35 2.87 -12.17
CA GLN C 124 -31.52 1.67 -12.07
C GLN C 124 -30.51 1.61 -13.21
N GLN C 125 -30.92 1.98 -14.42
CA GLN C 125 -29.98 2.01 -15.53
C GLN C 125 -28.89 3.03 -15.28
N LEU C 126 -29.24 4.19 -14.72
CA LEU C 126 -28.22 5.19 -14.40
C LEU C 126 -27.24 4.63 -13.38
N LEU C 127 -27.72 3.90 -12.39
CA LEU C 127 -26.81 3.37 -11.36
C LEU C 127 -25.89 2.30 -11.94
N ARG C 128 -26.43 1.35 -12.70
CA ARG C 128 -25.57 0.33 -13.28
C ARG C 128 -24.60 0.92 -14.29
N VAL C 129 -25.04 1.89 -15.09
CA VAL C 129 -24.14 2.55 -16.03
C VAL C 129 -23.06 3.30 -15.28
N SER C 130 -23.40 3.94 -14.16
CA SER C 130 -22.39 4.63 -13.37
C SER C 130 -21.36 3.66 -12.84
N ARG C 131 -21.80 2.48 -12.41
CA ARG C 131 -20.83 1.46 -11.99
C ARG C 131 -19.95 1.03 -13.14
N GLY C 132 -20.53 0.80 -14.31
CA GLY C 132 -19.78 0.23 -15.41
C GLY C 132 -18.80 1.19 -16.05
N LEU C 133 -19.19 2.46 -16.18
CA LEU C 133 -18.39 3.49 -16.82
C LEU C 133 -17.56 4.29 -15.85
N GLN C 134 -17.55 3.90 -14.58
CA GLN C 134 -16.85 4.64 -13.52
C GLN C 134 -17.30 6.09 -13.48
N ILE C 135 -18.60 6.31 -13.66
CA ILE C 135 -19.18 7.64 -13.55
C ILE C 135 -19.32 7.98 -12.08
N ASP C 136 -18.82 9.16 -11.69
CA ASP C 136 -18.94 9.61 -10.32
C ASP C 136 -19.73 10.88 -10.15
N THR C 137 -19.97 11.66 -11.21
CA THR C 137 -20.85 12.81 -11.10
C THR C 137 -21.89 12.75 -12.20
N ILE C 138 -23.08 13.27 -11.89
CA ILE C 138 -24.09 13.49 -12.91
C ILE C 138 -24.40 14.98 -12.90
N ALA C 139 -25.04 15.43 -13.98
CA ALA C 139 -25.40 16.83 -14.11
C ALA C 139 -26.75 16.89 -14.79
N ILE C 140 -27.75 17.37 -14.07
CA ILE C 140 -29.09 17.56 -14.61
C ILE C 140 -29.14 18.92 -15.28
N THR C 141 -29.35 18.95 -16.58
CA THR C 141 -29.25 20.17 -17.35
C THR C 141 -30.32 20.18 -18.42
N VAL C 142 -30.37 21.27 -19.17
CA VAL C 142 -31.36 21.48 -20.22
C VAL C 142 -30.63 21.37 -21.56
N LYS C 143 -31.07 20.43 -22.38
CA LYS C 143 -30.47 20.19 -23.69
C LYS C 143 -31.58 20.12 -24.72
N GLU C 144 -31.59 21.08 -25.64
CA GLU C 144 -32.50 21.09 -26.79
C GLU C 144 -33.95 20.93 -26.36
N GLY C 145 -34.32 21.60 -25.27
CA GLY C 145 -35.69 21.60 -24.80
C GLY C 145 -36.06 20.47 -23.87
N LYS C 146 -35.17 19.51 -23.64
CA LYS C 146 -35.43 18.41 -22.73
C LYS C 146 -34.54 18.55 -21.50
N ILE C 147 -34.89 17.80 -20.45
CA ILE C 147 -34.09 17.78 -19.23
C ILE C 147 -33.34 16.46 -19.20
N VAL C 148 -32.02 16.53 -19.17
CA VAL C 148 -31.14 15.39 -19.37
C VAL C 148 -30.17 15.28 -18.21
N ILE C 149 -29.88 14.04 -17.82
CA ILE C 149 -28.85 13.73 -16.84
C ILE C 149 -27.61 13.31 -17.62
N ASN C 150 -26.55 14.10 -17.53
CA ASN C 150 -25.28 13.80 -18.19
C ASN C 150 -24.31 13.28 -17.14
N GLY C 151 -23.83 12.05 -17.32
CA GLY C 151 -22.91 11.46 -16.39
C GLY C 151 -21.48 11.62 -16.85
N PHE C 152 -20.68 12.26 -16.01
CA PHE C 152 -19.26 12.47 -16.24
C PHE C 152 -18.43 11.77 -15.18
N ASN C 153 -17.22 11.39 -15.57
CA ASN C 153 -16.22 10.84 -14.66
C ASN C 153 -15.33 11.99 -14.21
N LYS C 154 -15.57 12.50 -13.01
CA LYS C 154 -14.86 13.69 -12.57
C LYS C 154 -13.37 13.47 -12.39
N VAL C 155 -12.95 12.22 -12.16
CA VAL C 155 -11.54 11.95 -11.92
C VAL C 155 -10.71 12.28 -13.16
N GLU C 156 -11.13 11.74 -14.31
CA GLU C 156 -10.44 11.98 -15.56
C GLU C 156 -10.91 13.23 -16.29
N ASP C 157 -11.94 13.90 -15.77
CA ASP C 157 -12.53 15.08 -16.40
C ASP C 157 -12.80 16.08 -15.29
N SER C 158 -11.78 16.87 -14.92
CA SER C 158 -11.93 17.78 -13.81
C SER C 158 -12.99 18.84 -14.09
N ALA C 159 -13.03 19.33 -15.32
CA ALA C 159 -13.96 20.39 -15.71
C ALA C 159 -15.29 19.87 -16.24
N LEU C 160 -15.48 18.55 -16.27
CA LEU C 160 -16.72 17.92 -16.72
C LEU C 160 -17.06 18.36 -18.15
N THR C 161 -16.18 18.00 -19.07
CA THR C 161 -16.35 18.33 -20.48
C THR C 161 -16.72 17.12 -21.33
N ARG C 162 -16.18 15.95 -21.01
CA ARG C 162 -16.40 14.74 -21.80
C ARG C 162 -17.59 13.99 -21.22
N VAL C 163 -18.72 14.04 -21.91
CA VAL C 163 -19.94 13.36 -21.47
C VAL C 163 -19.75 11.86 -21.66
N LYS C 164 -20.06 11.09 -20.62
CA LYS C 164 -19.97 9.65 -20.70
C LYS C 164 -21.33 8.96 -20.67
N TYR C 165 -22.36 9.62 -20.17
CA TYR C 165 -23.71 9.07 -20.21
C TYR C 165 -24.69 10.22 -20.42
N SER C 166 -25.82 9.93 -21.06
CA SER C 166 -26.82 10.96 -21.28
C SER C 166 -28.20 10.30 -21.26
N LEU C 167 -29.03 10.70 -20.31
CA LEU C 167 -30.35 10.10 -20.13
C LEU C 167 -31.39 11.20 -20.15
N THR C 168 -32.33 11.13 -21.09
CA THR C 168 -33.35 12.16 -21.19
C THR C 168 -34.47 11.86 -20.20
N LEU C 169 -34.84 12.86 -19.40
CA LEU C 169 -35.86 12.69 -18.38
C LEU C 169 -37.23 13.18 -18.82
N GLY C 170 -37.31 14.05 -19.82
CA GLY C 170 -38.56 14.58 -20.29
C GLY C 170 -38.45 16.03 -20.73
N ASP C 171 -39.51 16.49 -21.36
CA ASP C 171 -39.54 17.83 -21.93
C ASP C 171 -39.47 18.87 -20.82
N TYR C 172 -38.75 19.96 -21.09
CA TYR C 172 -38.55 20.98 -20.07
C TYR C 172 -39.70 21.97 -20.02
N ASP C 173 -39.99 22.63 -21.15
CA ASP C 173 -41.07 23.60 -21.23
C ASP C 173 -40.90 24.70 -20.20
N GLY C 174 -39.68 25.22 -20.09
CA GLY C 174 -39.40 26.33 -19.19
C GLY C 174 -38.64 27.43 -19.92
N GLU C 175 -37.97 28.29 -19.16
CA GLU C 175 -37.20 29.37 -19.76
C GLU C 175 -35.85 29.60 -19.10
N ASN C 176 -35.43 28.75 -18.16
CA ASN C 176 -34.17 28.93 -17.44
C ASN C 176 -33.26 27.75 -17.71
N THR C 177 -32.01 28.03 -18.04
CA THR C 177 -31.01 27.02 -18.33
C THR C 177 -30.13 26.82 -17.10
N PHE C 178 -29.99 25.57 -16.67
CA PHE C 178 -29.27 25.23 -15.46
C PHE C 178 -28.37 24.03 -15.72
N ASN C 179 -27.47 23.76 -14.78
CA ASN C 179 -26.60 22.59 -14.82
C ASN C 179 -26.31 22.21 -13.37
N PHE C 180 -27.17 21.35 -12.82
CA PHE C 180 -27.06 20.96 -11.42
C PHE C 180 -26.19 19.71 -11.33
N ILE C 181 -25.01 19.86 -10.76
CA ILE C 181 -24.04 18.78 -10.68
C ILE C 181 -24.25 18.08 -9.34
N ILE C 182 -24.58 16.80 -9.39
CA ILE C 182 -24.78 15.99 -8.21
C ILE C 182 -23.71 14.92 -8.17
N ASN C 183 -22.96 14.88 -7.07
CA ASN C 183 -22.09 13.75 -6.82
C ASN C 183 -22.91 12.47 -6.75
N MET C 184 -22.39 11.41 -7.34
CA MET C 184 -23.10 10.14 -7.29
C MET C 184 -22.93 9.42 -5.95
N ALA C 185 -22.01 9.87 -5.11
CA ALA C 185 -21.92 9.34 -3.75
C ALA C 185 -23.02 9.88 -2.86
N ASN C 186 -23.60 11.02 -3.19
CA ASN C 186 -24.69 11.59 -2.41
C ASN C 186 -26.04 10.96 -2.73
N MET C 187 -26.13 10.19 -3.80
CA MET C 187 -27.39 9.58 -4.21
C MET C 187 -27.51 8.22 -3.53
N LYS C 188 -28.16 8.20 -2.36
CA LYS C 188 -28.32 7.00 -1.56
C LYS C 188 -29.72 6.40 -1.69
N MET C 189 -30.50 6.86 -2.65
CA MET C 189 -31.88 6.43 -2.79
C MET C 189 -31.97 4.96 -3.18
N GLN C 190 -33.02 4.31 -2.69
CA GLN C 190 -33.34 2.96 -3.10
C GLN C 190 -34.09 3.00 -4.43
N PRO C 191 -34.12 1.88 -5.16
CA PRO C 191 -34.79 1.88 -6.46
C PRO C 191 -36.27 2.21 -6.34
N GLY C 192 -36.77 2.94 -7.32
CA GLY C 192 -38.17 3.32 -7.36
C GLY C 192 -38.36 4.52 -8.26
N ASN C 193 -39.64 4.81 -8.52
CA ASN C 193 -40.00 5.99 -9.28
C ASN C 193 -39.80 7.23 -8.43
N TYR C 194 -39.16 8.25 -8.97
CA TYR C 194 -38.83 9.44 -8.20
C TYR C 194 -39.26 10.69 -8.96
N LYS C 195 -39.86 11.62 -8.23
CA LYS C 195 -40.09 12.96 -8.74
C LYS C 195 -38.91 13.84 -8.34
N LEU C 196 -38.17 14.33 -9.32
CA LEU C 196 -36.95 15.07 -9.10
C LEU C 196 -37.27 16.56 -9.12
N LEU C 197 -37.12 17.23 -7.99
CA LEU C 197 -37.39 18.65 -7.83
C LEU C 197 -36.06 19.35 -7.61
N LEU C 198 -35.64 20.19 -8.54
CA LEU C 198 -34.39 20.90 -8.43
C LEU C 198 -34.66 22.34 -8.04
N TRP C 199 -34.14 22.76 -6.90
CA TRP C 199 -34.30 24.12 -6.42
C TRP C 199 -32.94 24.80 -6.38
N ALA C 200 -32.91 26.07 -6.76
CA ALA C 200 -31.68 26.86 -6.74
C ALA C 200 -32.02 28.32 -6.52
N LYS C 201 -31.09 29.03 -5.90
CA LYS C 201 -31.20 30.47 -5.70
C LYS C 201 -29.82 30.99 -5.33
N GLY C 202 -29.26 31.85 -6.15
CA GLY C 202 -27.93 32.35 -5.86
C GLY C 202 -26.92 31.22 -5.82
N LYS C 203 -26.23 31.08 -4.70
CA LYS C 203 -25.25 30.02 -4.52
C LYS C 203 -25.80 28.86 -3.69
N GLN C 204 -27.09 28.85 -3.40
CA GLN C 204 -27.69 27.75 -2.66
C GLN C 204 -28.59 26.94 -3.57
N GLY C 205 -28.72 25.66 -3.27
CA GLY C 205 -29.54 24.81 -4.10
C GLY C 205 -29.51 23.37 -3.61
N ALA C 206 -30.48 22.60 -4.07
CA ALA C 206 -30.62 21.21 -3.67
C ALA C 206 -31.47 20.49 -4.69
N ALA C 207 -31.45 19.16 -4.61
CA ALA C 207 -32.24 18.31 -5.50
C ALA C 207 -32.96 17.28 -4.66
N LYS C 208 -34.28 17.27 -4.74
CA LYS C 208 -35.11 16.40 -3.91
C LYS C 208 -35.73 15.31 -4.78
N PHE C 209 -35.39 14.06 -4.48
CA PHE C 209 -36.01 12.90 -5.11
C PHE C 209 -37.15 12.46 -4.20
N GLU C 210 -38.39 12.66 -4.65
CA GLU C 210 -39.56 12.29 -3.88
C GLU C 210 -40.07 10.96 -4.40
N GLY C 211 -39.94 9.91 -3.59
CA GLY C 211 -40.40 8.60 -3.96
C GLY C 211 -41.74 8.25 -3.31
N GLU C 212 -42.21 7.05 -3.60
CA GLU C 212 -43.45 6.59 -2.98
C GLU C 212 -43.26 6.27 -1.50
N HIS C 213 -42.02 5.99 -1.09
CA HIS C 213 -41.72 5.65 0.30
C HIS C 213 -40.95 6.73 1.02
N ALA C 214 -39.82 7.17 0.45
CA ALA C 214 -38.91 8.09 1.12
C ALA C 214 -38.52 9.22 0.18
N ASN C 215 -38.21 10.38 0.77
CA ASN C 215 -37.76 11.56 0.05
C ASN C 215 -36.31 11.84 0.42
N TYR C 216 -35.45 11.96 -0.59
CA TYR C 216 -34.02 12.21 -0.40
C TYR C 216 -33.66 13.57 -0.95
N VAL C 217 -33.12 14.44 -0.10
CA VAL C 217 -32.67 15.76 -0.51
C VAL C 217 -31.16 15.73 -0.56
N VAL C 218 -30.59 15.89 -1.75
CA VAL C 218 -29.15 15.86 -1.91
C VAL C 218 -28.66 17.25 -2.29
N ALA C 219 -27.39 17.50 -2.00
CA ALA C 219 -26.78 18.79 -2.22
C ALA C 219 -26.02 18.80 -3.55
N LEU C 220 -26.17 19.89 -4.29
CA LEU C 220 -25.45 20.01 -5.54
C LEU C 220 -23.97 20.26 -5.29
N GLU C 221 -23.15 19.87 -6.26
CA GLU C 221 -21.72 20.08 -6.15
C GLU C 221 -21.41 21.58 -6.22
N ALA C 222 -20.13 21.89 -6.00
CA ALA C 222 -19.73 23.29 -5.82
C ALA C 222 -19.98 24.09 -7.08
N ASP C 223 -19.57 23.57 -8.24
CA ASP C 223 -19.62 24.35 -9.47
C ASP C 223 -20.89 24.09 -10.27
N SER C 224 -22.04 24.21 -9.61
CA SER C 224 -23.33 24.03 -10.27
C SER C 224 -23.85 25.39 -10.69
N THR C 225 -23.96 25.60 -12.00
CA THR C 225 -24.39 26.88 -12.53
C THR C 225 -25.87 26.83 -12.85
N HIS C 226 -26.53 27.98 -12.71
CA HIS C 226 -27.95 28.12 -12.99
C HIS C 226 -28.24 29.61 -13.11
N ASP C 227 -29.50 29.94 -13.32
CA ASP C 227 -29.93 31.34 -13.36
C ASP C 227 -31.28 31.50 -12.68
N PHE C 228 -31.44 30.87 -11.51
CA PHE C 228 -32.67 31.00 -10.75
C PHE C 228 -32.54 32.03 -9.63
N MET D 1 -25.04 0.88 -36.57
CA MET D 1 -24.52 -0.48 -36.68
C MET D 1 -24.89 -1.29 -35.42
N LYS D 2 -25.98 -2.04 -35.53
CA LYS D 2 -26.44 -2.83 -34.39
C LYS D 2 -25.56 -4.06 -34.21
N LEU D 3 -25.48 -4.52 -32.97
CA LEU D 3 -24.80 -5.75 -32.63
C LEU D 3 -25.83 -6.78 -32.23
N SER D 4 -25.99 -7.82 -33.05
CA SER D 4 -26.99 -8.83 -32.79
C SER D 4 -26.58 -9.67 -31.59
N LYS D 5 -27.46 -10.61 -31.21
CA LYS D 5 -27.13 -11.48 -30.09
C LYS D 5 -25.95 -12.38 -30.43
N ASP D 6 -25.90 -12.88 -31.67
CA ASP D 6 -24.81 -13.78 -32.05
C ASP D 6 -23.47 -13.04 -32.10
N THR D 7 -23.46 -11.84 -32.66
CA THR D 7 -22.22 -11.05 -32.67
C THR D 7 -21.78 -10.70 -31.26
N THR D 8 -22.73 -10.36 -30.39
CA THR D 8 -22.38 -10.03 -29.01
C THR D 8 -21.83 -11.24 -28.26
N ALA D 9 -22.41 -12.42 -28.49
CA ALA D 9 -21.86 -13.63 -27.88
C ALA D 9 -20.47 -13.93 -28.42
N LEU D 10 -20.26 -13.69 -29.72
CA LEU D 10 -18.94 -13.89 -30.30
C LEU D 10 -17.92 -12.93 -29.72
N LEU D 11 -18.28 -11.65 -29.57
CA LEU D 11 -17.36 -10.69 -28.99
C LEU D 11 -17.12 -10.95 -27.51
N LYS D 12 -18.13 -11.46 -26.80
CA LYS D 12 -17.94 -11.87 -25.43
C LYS D 12 -16.94 -13.01 -25.34
N ASN D 13 -17.03 -13.96 -26.27
CA ASN D 13 -16.03 -15.02 -26.32
C ASN D 13 -14.65 -14.48 -26.64
N PHE D 14 -14.57 -13.51 -27.54
CA PHE D 14 -13.28 -12.91 -27.88
C PHE D 14 -12.69 -12.17 -26.70
N ALA D 15 -13.53 -11.61 -25.84
CA ALA D 15 -13.03 -10.89 -24.67
C ALA D 15 -12.36 -11.81 -23.67
N THR D 16 -12.57 -13.13 -23.77
CA THR D 16 -11.84 -14.06 -22.92
C THR D 16 -10.46 -14.37 -23.46
N ILE D 17 -10.16 -14.00 -24.70
CA ILE D 17 -8.85 -14.20 -25.30
C ILE D 17 -8.01 -12.97 -25.03
N ASN D 18 -8.45 -11.84 -25.54
CA ASN D 18 -7.78 -10.56 -25.34
C ASN D 18 -8.72 -9.62 -24.62
N SER D 19 -8.20 -8.89 -23.63
CA SER D 19 -9.03 -8.00 -22.85
C SER D 19 -9.67 -6.92 -23.71
N GLY D 20 -9.01 -6.51 -24.79
CA GLY D 20 -9.55 -5.52 -25.68
C GLY D 20 -9.33 -5.94 -27.13
N ILE D 21 -10.19 -5.41 -28.00
CA ILE D 21 -10.22 -5.82 -29.39
C ILE D 21 -10.14 -4.59 -30.28
N MET D 22 -9.25 -4.63 -31.26
CA MET D 22 -9.17 -3.60 -32.29
C MET D 22 -10.01 -4.12 -33.46
N LEU D 23 -11.26 -3.66 -33.52
CA LEU D 23 -12.19 -4.11 -34.54
C LEU D 23 -12.30 -3.03 -35.62
N LYS D 24 -12.09 -3.45 -36.87
CA LYS D 24 -12.03 -2.55 -38.00
C LYS D 24 -13.27 -2.70 -38.86
N SER D 25 -13.43 -1.76 -39.79
CA SER D 25 -14.64 -1.72 -40.60
C SER D 25 -14.76 -2.96 -41.48
N GLY D 26 -15.98 -3.39 -41.72
CA GLY D 26 -16.22 -4.59 -42.49
C GLY D 26 -17.10 -5.56 -41.72
N GLN D 27 -16.94 -6.85 -41.99
CA GLN D 27 -17.68 -7.87 -41.27
C GLN D 27 -16.76 -8.89 -40.61
N PHE D 28 -15.54 -8.48 -40.29
CA PHE D 28 -14.48 -9.37 -39.87
C PHE D 28 -13.87 -8.87 -38.57
N ILE D 29 -13.82 -9.72 -37.55
CA ILE D 29 -13.19 -9.40 -36.28
C ILE D 29 -12.18 -10.49 -35.97
N MET D 30 -10.96 -10.09 -35.62
CA MET D 30 -9.92 -11.01 -35.22
C MET D 30 -9.24 -10.50 -33.97
N THR D 31 -8.80 -11.44 -33.15
CA THR D 31 -8.15 -11.09 -31.88
C THR D 31 -7.02 -12.06 -31.63
N ARG D 32 -6.05 -11.62 -30.84
CA ARG D 32 -4.92 -12.44 -30.45
C ARG D 32 -4.65 -12.22 -28.97
N ALA D 33 -4.31 -13.29 -28.27
CA ALA D 33 -4.00 -13.16 -26.85
C ALA D 33 -2.77 -12.29 -26.68
N VAL D 34 -2.68 -11.61 -25.54
CA VAL D 34 -1.57 -10.70 -25.30
C VAL D 34 -0.24 -11.44 -25.37
N ASN D 35 -0.20 -12.66 -24.85
CA ASN D 35 0.99 -13.49 -24.94
C ASN D 35 1.03 -14.31 -26.22
N GLY D 36 0.08 -14.13 -27.12
CA GLY D 36 0.12 -14.79 -28.40
C GLY D 36 0.00 -16.28 -28.34
N THR D 37 -0.73 -16.82 -27.36
CA THR D 37 -0.93 -18.24 -27.23
C THR D 37 -2.22 -18.73 -27.87
N THR D 38 -3.08 -17.82 -28.32
CA THR D 38 -4.34 -18.20 -28.92
C THR D 38 -4.84 -17.05 -29.75
N TYR D 39 -5.00 -17.28 -31.04
CA TYR D 39 -5.49 -16.30 -31.99
C TYR D 39 -6.89 -16.73 -32.41
N ALA D 40 -7.70 -15.76 -32.87
CA ALA D 40 -9.06 -16.09 -33.28
C ALA D 40 -9.56 -15.05 -34.26
N GLU D 41 -10.35 -15.52 -35.24
CA GLU D 41 -11.04 -14.62 -36.16
C GLU D 41 -12.48 -15.08 -36.26
N ALA D 42 -13.29 -14.25 -36.92
CA ALA D 42 -14.68 -14.59 -37.15
C ALA D 42 -15.23 -13.67 -38.21
N ASN D 43 -15.97 -14.24 -39.16
CA ASN D 43 -16.71 -13.48 -40.16
C ASN D 43 -18.13 -13.32 -39.64
N ILE D 44 -18.47 -12.12 -39.20
CA ILE D 44 -19.71 -11.90 -38.50
C ILE D 44 -20.69 -11.12 -39.38
N SER D 45 -21.98 -11.27 -39.09
CA SER D 45 -23.01 -10.73 -39.95
C SER D 45 -23.11 -9.22 -39.84
N ASP D 46 -23.10 -8.70 -38.61
CA ASP D 46 -23.27 -7.27 -38.39
C ASP D 46 -22.08 -6.51 -38.94
N VAL D 47 -22.33 -5.64 -39.91
CA VAL D 47 -21.25 -4.91 -40.56
C VAL D 47 -20.79 -3.78 -39.65
N ILE D 48 -19.49 -3.70 -39.43
CA ILE D 48 -18.88 -2.63 -38.67
C ILE D 48 -18.46 -1.53 -39.63
N ASP D 49 -18.84 -0.29 -39.33
CA ASP D 49 -18.66 0.81 -40.26
C ASP D 49 -17.70 1.87 -39.76
N PHE D 50 -16.82 1.54 -38.81
CA PHE D 50 -15.88 2.52 -38.28
C PHE D 50 -14.79 1.79 -37.52
N ASP D 51 -13.55 2.21 -37.74
CA ASP D 51 -12.42 1.65 -37.00
C ASP D 51 -12.39 2.20 -35.60
N VAL D 52 -12.30 1.32 -34.61
CA VAL D 52 -12.24 1.73 -33.22
C VAL D 52 -11.59 0.61 -32.43
N ALA D 53 -10.79 0.99 -31.43
CA ALA D 53 -10.12 0.04 -30.57
C ALA D 53 -10.66 0.21 -29.17
N ILE D 54 -11.12 -0.89 -28.57
CA ILE D 54 -11.76 -0.88 -27.27
C ILE D 54 -10.79 -1.45 -26.27
N TYR D 55 -10.37 -0.64 -25.29
CA TYR D 55 -9.37 -1.08 -24.33
C TYR D 55 -9.94 -2.06 -23.33
N ASP D 56 -11.26 -2.06 -23.14
CA ASP D 56 -11.93 -2.92 -22.16
C ASP D 56 -13.16 -3.51 -22.84
N LEU D 57 -12.99 -4.65 -23.51
CA LEU D 57 -14.10 -5.20 -24.29
C LEU D 57 -15.19 -5.74 -23.39
N ASN D 58 -14.83 -6.37 -22.27
CA ASN D 58 -15.84 -6.92 -21.37
C ASN D 58 -16.74 -5.83 -20.82
N GLY D 59 -16.16 -4.69 -20.44
CA GLY D 59 -16.97 -3.59 -19.97
C GLY D 59 -17.88 -3.04 -21.06
N PHE D 60 -17.37 -2.98 -22.29
CA PHE D 60 -18.19 -2.49 -23.40
C PHE D 60 -19.38 -3.40 -23.63
N LEU D 61 -19.15 -4.71 -23.59
CA LEU D 61 -20.25 -5.64 -23.79
C LEU D 61 -21.23 -5.61 -22.63
N GLY D 62 -20.74 -5.40 -21.42
CA GLY D 62 -21.65 -5.23 -20.29
C GLY D 62 -22.54 -4.00 -20.46
N ILE D 63 -21.94 -2.88 -20.88
CA ILE D 63 -22.72 -1.67 -21.12
C ILE D 63 -23.74 -1.91 -22.22
N LEU D 64 -23.35 -2.63 -23.27
CA LEU D 64 -24.32 -2.99 -24.30
C LEU D 64 -25.46 -3.82 -23.74
N SER D 65 -25.14 -4.74 -22.83
CA SER D 65 -26.18 -5.56 -22.23
C SER D 65 -27.13 -4.74 -21.36
N LEU D 66 -26.64 -3.62 -20.82
CA LEU D 66 -27.51 -2.76 -20.02
C LEU D 66 -28.64 -2.16 -20.84
N VAL D 67 -28.38 -1.80 -22.08
CA VAL D 67 -29.40 -1.24 -22.95
C VAL D 67 -29.98 -2.34 -23.81
N ASN D 68 -31.08 -2.04 -24.50
CA ASN D 68 -31.79 -3.05 -25.24
C ASN D 68 -31.00 -3.49 -26.47
N ASP D 69 -31.49 -4.55 -27.13
CA ASP D 69 -30.83 -5.07 -28.33
C ASP D 69 -31.02 -4.18 -29.54
N ASP D 70 -31.89 -3.17 -29.46
CA ASP D 70 -32.12 -2.26 -30.56
C ASP D 70 -31.17 -1.08 -30.56
N ALA D 71 -30.21 -1.06 -29.65
CA ALA D 71 -29.30 0.07 -29.52
C ALA D 71 -28.45 0.23 -30.77
N GLU D 72 -28.36 1.46 -31.28
CA GLU D 72 -27.61 1.76 -32.48
C GLU D 72 -26.22 2.24 -32.09
N ILE D 73 -25.20 1.54 -32.54
CA ILE D 73 -23.82 1.86 -32.20
C ILE D 73 -23.22 2.67 -33.33
N SER D 74 -22.57 3.77 -32.99
CA SER D 74 -21.98 4.64 -34.00
C SER D 74 -20.73 5.27 -33.42
N GLN D 75 -20.08 6.11 -34.21
CA GLN D 75 -18.91 6.84 -33.76
C GLN D 75 -19.34 8.25 -33.42
N SER D 76 -19.18 8.64 -32.16
CA SER D 76 -19.60 9.97 -31.76
C SER D 76 -18.71 11.02 -32.40
N GLU D 77 -19.20 12.26 -32.41
CA GLU D 77 -18.42 13.37 -32.93
C GLU D 77 -17.15 13.56 -32.11
N ASP D 78 -17.18 13.19 -30.83
CA ASP D 78 -15.98 13.24 -30.01
C ASP D 78 -14.92 12.28 -30.54
N GLY D 79 -15.33 11.06 -30.89
CA GLY D 79 -14.42 10.04 -31.35
C GLY D 79 -14.67 8.71 -30.68
N ASN D 80 -15.44 8.74 -29.60
CA ASN D 80 -15.72 7.54 -28.82
C ASN D 80 -16.77 6.70 -29.53
N ILE D 81 -17.31 5.72 -28.83
CA ILE D 81 -18.34 4.84 -29.36
C ILE D 81 -19.66 5.23 -28.72
N LYS D 82 -20.59 5.73 -29.52
CA LYS D 82 -21.88 6.20 -29.01
C LYS D 82 -22.91 5.10 -29.23
N ILE D 83 -23.36 4.49 -28.14
CA ILE D 83 -24.45 3.54 -28.14
C ILE D 83 -25.72 4.32 -27.84
N ALA D 84 -26.63 4.40 -28.80
CA ALA D 84 -27.85 5.16 -28.66
C ALA D 84 -29.02 4.22 -28.39
N ASP D 85 -29.83 4.58 -27.40
CA ASP D 85 -30.99 3.82 -26.96
C ASP D 85 -32.23 4.68 -27.16
N ALA D 86 -33.37 4.20 -26.65
CA ALA D 86 -34.60 4.97 -26.74
C ALA D 86 -34.48 6.28 -25.98
N ARG D 87 -33.91 6.24 -24.78
CA ARG D 87 -33.79 7.44 -23.95
C ARG D 87 -32.39 7.66 -23.41
N SER D 88 -31.46 6.73 -23.58
CA SER D 88 -30.13 6.85 -23.01
C SER D 88 -29.08 6.78 -24.11
N THR D 89 -28.01 7.54 -23.94
CA THR D 89 -26.88 7.52 -24.85
C THR D 89 -25.63 7.29 -24.04
N ILE D 90 -24.81 6.33 -24.46
CA ILE D 90 -23.63 5.92 -23.71
C ILE D 90 -22.40 6.12 -24.59
N PHE D 91 -21.39 6.77 -24.06
CA PHE D 91 -20.18 7.06 -24.82
C PHE D 91 -19.04 6.21 -24.25
N TRP D 92 -18.88 5.03 -24.79
CA TRP D 92 -17.77 4.18 -24.38
C TRP D 92 -16.48 4.72 -24.97
N PRO D 93 -15.42 4.86 -24.18
CA PRO D 93 -14.18 5.45 -24.71
C PRO D 93 -13.55 4.59 -25.80
N ALA D 94 -12.92 5.25 -26.76
CA ALA D 94 -12.15 4.58 -27.78
C ALA D 94 -10.68 4.61 -27.38
N ALA D 95 -10.02 3.47 -27.45
CA ALA D 95 -8.65 3.38 -27.02
C ALA D 95 -7.69 3.81 -28.12
N ASP D 96 -6.47 4.12 -27.73
CA ASP D 96 -5.40 4.31 -28.69
C ASP D 96 -5.14 2.98 -29.37
N PRO D 97 -5.02 2.94 -30.70
CA PRO D 97 -4.86 1.65 -31.39
C PRO D 97 -3.62 0.90 -30.98
N SER D 98 -2.60 1.57 -30.44
CA SER D 98 -1.35 0.91 -30.08
C SER D 98 -1.36 0.34 -28.68
N THR D 99 -2.37 0.63 -27.87
CA THR D 99 -2.45 0.05 -26.53
C THR D 99 -3.26 -1.23 -26.50
N VAL D 100 -3.80 -1.66 -27.62
CA VAL D 100 -4.57 -2.89 -27.73
C VAL D 100 -3.77 -3.86 -28.56
N VAL D 101 -3.34 -4.97 -27.94
CA VAL D 101 -2.48 -5.93 -28.62
C VAL D 101 -3.37 -6.73 -29.56
N ALA D 102 -3.33 -6.40 -30.84
CA ALA D 102 -4.15 -7.03 -31.85
C ALA D 102 -3.29 -7.36 -33.07
N PRO D 103 -3.70 -8.34 -33.88
CA PRO D 103 -2.90 -8.69 -35.05
C PRO D 103 -2.88 -7.55 -36.06
N ASN D 104 -1.75 -7.39 -36.74
CA ASN D 104 -1.68 -6.45 -37.85
C ASN D 104 -2.37 -7.01 -39.08
N LYS D 105 -2.25 -8.31 -39.31
CA LYS D 105 -2.90 -8.99 -40.42
C LYS D 105 -3.36 -10.36 -39.94
N PRO D 106 -4.43 -10.90 -40.52
CA PRO D 106 -4.88 -12.24 -40.13
C PRO D 106 -3.82 -13.27 -40.51
N ILE D 107 -3.34 -14.01 -39.52
CA ILE D 107 -2.21 -14.90 -39.82
C ILE D 107 -2.67 -15.96 -40.80
N PRO D 108 -1.96 -16.19 -41.90
CA PRO D 108 -2.35 -17.22 -42.87
C PRO D 108 -1.88 -18.60 -42.42
N PHE D 109 -2.81 -19.42 -42.00
CA PHE D 109 -2.47 -20.75 -41.52
C PHE D 109 -1.90 -21.57 -42.67
N PRO D 110 -0.83 -22.32 -42.46
CA PRO D 110 -0.25 -23.10 -43.55
C PRO D 110 -1.13 -24.27 -43.95
N VAL D 111 -0.67 -25.08 -44.89
CA VAL D 111 -1.40 -26.29 -45.24
C VAL D 111 -1.32 -27.25 -44.05
N ALA D 112 -2.48 -27.74 -43.64
CA ALA D 112 -2.55 -28.53 -42.41
C ALA D 112 -1.81 -29.84 -42.57
N SER D 113 -1.06 -30.21 -41.53
CA SER D 113 -0.37 -31.50 -41.53
C SER D 113 -1.34 -32.65 -41.30
N ALA D 114 -2.28 -32.50 -40.36
CA ALA D 114 -3.27 -33.52 -40.09
C ALA D 114 -4.63 -32.86 -39.89
N VAL D 115 -5.64 -33.35 -40.60
CA VAL D 115 -6.97 -32.76 -40.58
C VAL D 115 -7.94 -33.78 -40.01
N THR D 116 -8.72 -33.36 -39.01
CA THR D 116 -9.76 -34.19 -38.43
C THR D 116 -10.95 -33.30 -38.11
N GLU D 117 -11.89 -33.80 -37.32
CA GLU D 117 -13.10 -33.04 -37.06
C GLU D 117 -13.62 -33.39 -35.68
N ILE D 118 -13.96 -32.38 -34.89
CA ILE D 118 -14.52 -32.59 -33.56
C ILE D 118 -15.91 -31.98 -33.52
N LYS D 119 -16.90 -32.80 -33.16
CA LYS D 119 -18.28 -32.38 -33.18
C LYS D 119 -18.61 -31.55 -31.94
N ALA D 120 -19.75 -30.88 -31.99
CA ALA D 120 -20.16 -30.03 -30.87
C ALA D 120 -20.37 -30.86 -29.61
N GLU D 121 -21.02 -32.02 -29.74
CA GLU D 121 -21.24 -32.86 -28.57
C GLU D 121 -19.91 -33.35 -27.99
N ASP D 122 -18.98 -33.75 -28.86
CA ASP D 122 -17.69 -34.23 -28.39
C ASP D 122 -16.91 -33.12 -27.70
N LEU D 123 -16.90 -31.92 -28.28
CA LEU D 123 -16.20 -30.81 -27.64
C LEU D 123 -16.85 -30.43 -26.31
N GLN D 124 -18.18 -30.42 -26.26
CA GLN D 124 -18.88 -30.11 -25.02
C GLN D 124 -18.56 -31.13 -23.94
N GLN D 125 -18.59 -32.41 -24.28
CA GLN D 125 -18.29 -33.41 -23.26
C GLN D 125 -16.82 -33.42 -22.90
N LEU D 126 -15.94 -33.05 -23.83
CA LEU D 126 -14.53 -32.91 -23.47
C LEU D 126 -14.33 -31.80 -22.46
N LEU D 127 -15.00 -30.67 -22.66
CA LEU D 127 -14.91 -29.58 -21.69
C LEU D 127 -15.52 -29.97 -20.36
N ARG D 128 -16.67 -30.64 -20.37
CA ARG D 128 -17.30 -31.07 -19.12
C ARG D 128 -16.45 -32.10 -18.39
N VAL D 129 -15.87 -33.05 -19.12
CA VAL D 129 -14.96 -34.01 -18.50
C VAL D 129 -13.74 -33.30 -17.96
N SER D 130 -13.28 -32.24 -18.63
CA SER D 130 -12.17 -31.47 -18.11
C SER D 130 -12.52 -30.82 -16.79
N ARG D 131 -13.72 -30.28 -16.68
CA ARG D 131 -14.16 -29.73 -15.41
C ARG D 131 -14.24 -30.82 -14.34
N GLY D 132 -14.66 -32.03 -14.73
CA GLY D 132 -14.88 -33.11 -13.78
C GLY D 132 -13.63 -33.82 -13.29
N LEU D 133 -12.89 -34.43 -14.21
CA LEU D 133 -11.66 -35.15 -13.90
C LEU D 133 -10.48 -34.24 -13.68
N GLN D 134 -10.66 -32.93 -13.78
CA GLN D 134 -9.60 -31.96 -13.50
C GLN D 134 -8.40 -32.16 -14.42
N ILE D 135 -8.66 -32.33 -15.72
CA ILE D 135 -7.59 -32.39 -16.70
C ILE D 135 -7.38 -31.00 -17.27
N ASP D 136 -6.14 -30.55 -17.28
CA ASP D 136 -5.78 -29.25 -17.84
C ASP D 136 -4.90 -29.38 -19.06
N THR D 137 -4.78 -30.57 -19.64
CA THR D 137 -3.98 -30.74 -20.83
C THR D 137 -4.64 -31.76 -21.73
N ILE D 138 -4.54 -31.55 -23.05
CA ILE D 138 -4.97 -32.57 -23.98
C ILE D 138 -3.83 -32.82 -24.95
N ALA D 139 -3.87 -33.97 -25.60
CA ALA D 139 -2.86 -34.33 -26.59
C ALA D 139 -3.57 -35.01 -27.75
N ILE D 140 -3.53 -34.38 -28.91
CA ILE D 140 -4.10 -34.95 -30.12
C ILE D 140 -3.04 -35.82 -30.76
N THR D 141 -3.29 -37.12 -30.85
CA THR D 141 -2.26 -38.05 -31.31
C THR D 141 -2.93 -39.17 -32.10
N VAL D 142 -2.14 -40.16 -32.49
CA VAL D 142 -2.61 -41.29 -33.28
C VAL D 142 -2.56 -42.54 -32.43
N LYS D 143 -3.65 -43.29 -32.42
CA LYS D 143 -3.76 -44.53 -31.65
C LYS D 143 -4.50 -45.54 -32.50
N GLU D 144 -3.82 -46.63 -32.85
CA GLU D 144 -4.42 -47.70 -33.65
C GLU D 144 -5.06 -47.15 -34.92
N GLY D 145 -4.38 -46.19 -35.55
CA GLY D 145 -4.84 -45.62 -36.79
C GLY D 145 -5.96 -44.61 -36.67
N LYS D 146 -6.29 -44.16 -35.47
CA LYS D 146 -7.35 -43.18 -35.28
C LYS D 146 -6.83 -42.00 -34.48
N ILE D 147 -7.29 -40.80 -34.82
CA ILE D 147 -6.87 -39.59 -34.12
C ILE D 147 -7.65 -39.50 -32.82
N VAL D 148 -6.95 -39.40 -31.69
CA VAL D 148 -7.56 -39.36 -30.38
C VAL D 148 -7.05 -38.15 -29.61
N ILE D 149 -7.95 -37.52 -28.86
CA ILE D 149 -7.61 -36.48 -27.91
C ILE D 149 -7.52 -37.13 -26.55
N ASN D 150 -6.32 -37.15 -25.97
CA ASN D 150 -6.09 -37.72 -24.66
C ASN D 150 -6.06 -36.61 -23.63
N GLY D 151 -6.94 -36.67 -22.65
CA GLY D 151 -6.97 -35.68 -21.60
C GLY D 151 -6.13 -36.09 -20.41
N PHE D 152 -5.04 -35.37 -20.18
CA PHE D 152 -4.14 -35.56 -19.05
C PHE D 152 -4.31 -34.43 -18.05
N ASN D 153 -4.03 -34.75 -16.79
CA ASN D 153 -3.96 -33.78 -15.71
C ASN D 153 -2.49 -33.51 -15.48
N LYS D 154 -2.02 -32.35 -15.93
CA LYS D 154 -0.60 -32.03 -15.86
C LYS D 154 -0.12 -31.81 -14.44
N VAL D 155 -1.01 -31.44 -13.52
CA VAL D 155 -0.60 -31.08 -12.17
C VAL D 155 -0.03 -32.29 -11.44
N GLU D 156 -0.75 -33.41 -11.48
CA GLU D 156 -0.32 -34.62 -10.79
C GLU D 156 0.51 -35.53 -11.67
N ASP D 157 0.43 -35.38 -12.99
CA ASP D 157 1.10 -36.24 -13.95
C ASP D 157 1.89 -35.28 -14.84
N SER D 158 3.11 -34.95 -14.40
CA SER D 158 3.90 -33.96 -15.12
C SER D 158 4.36 -34.48 -16.47
N ALA D 159 4.66 -35.77 -16.56
CA ALA D 159 5.21 -36.35 -17.78
C ALA D 159 4.16 -36.67 -18.82
N LEU D 160 2.88 -36.40 -18.53
CA LEU D 160 1.77 -36.66 -19.44
C LEU D 160 1.81 -38.11 -19.93
N THR D 161 1.63 -39.02 -18.97
CA THR D 161 1.60 -40.45 -19.26
C THR D 161 0.39 -41.17 -18.73
N ARG D 162 -0.27 -40.64 -17.70
CA ARG D 162 -1.49 -41.26 -17.16
C ARG D 162 -2.68 -40.61 -17.85
N VAL D 163 -3.27 -41.32 -18.80
CA VAL D 163 -4.39 -40.81 -19.57
C VAL D 163 -5.64 -40.83 -18.70
N LYS D 164 -6.25 -39.67 -18.50
CA LYS D 164 -7.47 -39.58 -17.72
C LYS D 164 -8.73 -39.56 -18.57
N TYR D 165 -8.61 -39.15 -19.83
CA TYR D 165 -9.73 -39.14 -20.75
C TYR D 165 -9.22 -39.49 -22.13
N SER D 166 -10.08 -40.02 -22.98
CA SER D 166 -9.65 -40.35 -24.34
C SER D 166 -10.85 -40.29 -25.27
N LEU D 167 -10.82 -39.36 -26.21
CA LEU D 167 -11.93 -39.12 -27.13
C LEU D 167 -11.46 -39.40 -28.54
N THR D 168 -12.13 -40.32 -29.23
CA THR D 168 -11.73 -40.66 -30.59
C THR D 168 -12.38 -39.71 -31.58
N LEU D 169 -11.56 -39.09 -32.43
CA LEU D 169 -12.03 -38.04 -33.33
C LEU D 169 -12.41 -38.61 -34.69
N GLY D 170 -11.52 -39.35 -35.31
CA GLY D 170 -11.80 -39.91 -36.61
C GLY D 170 -10.62 -40.71 -37.12
N ASP D 171 -10.81 -41.32 -38.28
CA ASP D 171 -9.76 -42.12 -38.88
C ASP D 171 -8.61 -41.24 -39.37
N TYR D 172 -7.40 -41.78 -39.27
CA TYR D 172 -6.19 -41.12 -39.75
C TYR D 172 -5.54 -42.03 -40.78
N ASP D 173 -5.52 -41.59 -42.04
CA ASP D 173 -4.99 -42.41 -43.12
C ASP D 173 -3.53 -42.09 -43.43
N GLY D 174 -2.95 -41.07 -42.81
CA GLY D 174 -1.57 -40.72 -43.08
C GLY D 174 -0.59 -41.69 -42.45
N GLU D 175 0.68 -41.50 -42.78
CA GLU D 175 1.75 -42.36 -42.31
C GLU D 175 2.63 -41.71 -41.26
N ASN D 176 2.31 -40.49 -40.82
CA ASN D 176 3.11 -39.80 -39.82
C ASN D 176 2.53 -40.03 -38.43
N THR D 177 3.40 -39.93 -37.43
CA THR D 177 3.02 -40.04 -36.03
C THR D 177 3.28 -38.69 -35.34
N PHE D 178 2.36 -38.28 -34.50
CA PHE D 178 2.45 -36.99 -33.84
C PHE D 178 1.75 -37.05 -32.49
N ASN D 179 2.09 -36.09 -31.63
CA ASN D 179 1.43 -35.91 -30.33
C ASN D 179 1.41 -34.42 -30.05
N PHE D 180 0.37 -33.74 -30.52
CA PHE D 180 0.25 -32.29 -30.38
C PHE D 180 -0.43 -31.97 -29.06
N ILE D 181 0.31 -31.41 -28.12
CA ILE D 181 -0.20 -31.12 -26.79
C ILE D 181 -0.78 -29.72 -26.78
N ILE D 182 -1.98 -29.57 -26.25
CA ILE D 182 -2.67 -28.29 -26.16
C ILE D 182 -3.11 -28.08 -24.73
N ASN D 183 -2.74 -26.94 -24.17
CA ASN D 183 -3.25 -26.56 -22.86
C ASN D 183 -4.75 -26.33 -22.97
N MET D 184 -5.51 -26.92 -22.06
CA MET D 184 -6.95 -26.71 -22.09
C MET D 184 -7.33 -25.31 -21.68
N ALA D 185 -6.42 -24.56 -21.06
CA ALA D 185 -6.66 -23.15 -20.81
C ALA D 185 -6.60 -22.33 -22.07
N ASN D 186 -6.10 -22.89 -23.17
CA ASN D 186 -6.03 -22.22 -24.45
C ASN D 186 -7.19 -22.58 -25.37
N MET D 187 -8.08 -23.47 -24.93
CA MET D 187 -9.26 -23.84 -25.71
C MET D 187 -10.40 -22.91 -25.32
N LYS D 188 -10.39 -21.72 -25.90
CA LYS D 188 -11.42 -20.72 -25.63
C LYS D 188 -12.48 -20.68 -26.72
N MET D 189 -12.82 -21.82 -27.30
CA MET D 189 -13.77 -21.89 -28.39
C MET D 189 -15.20 -21.89 -27.88
N GLN D 190 -16.06 -21.18 -28.58
CA GLN D 190 -17.47 -21.30 -28.27
C GLN D 190 -17.99 -22.64 -28.80
N PRO D 191 -19.00 -23.22 -28.15
CA PRO D 191 -19.44 -24.55 -28.55
C PRO D 191 -19.90 -24.59 -30.00
N GLY D 192 -19.57 -25.67 -30.68
CA GLY D 192 -19.91 -25.82 -32.07
C GLY D 192 -19.09 -26.94 -32.70
N ASN D 193 -19.29 -27.09 -34.00
CA ASN D 193 -18.58 -28.11 -34.76
C ASN D 193 -17.31 -27.49 -35.34
N TYR D 194 -16.17 -28.13 -35.10
CA TYR D 194 -14.89 -27.56 -35.49
C TYR D 194 -14.11 -28.55 -36.33
N LYS D 195 -13.74 -28.14 -37.53
CA LYS D 195 -12.75 -28.88 -38.30
C LYS D 195 -11.38 -28.59 -37.73
N LEU D 196 -10.69 -29.61 -37.26
CA LEU D 196 -9.44 -29.46 -36.51
C LEU D 196 -8.28 -29.72 -37.47
N LEU D 197 -7.62 -28.65 -37.90
CA LEU D 197 -6.41 -28.73 -38.69
C LEU D 197 -5.22 -28.59 -37.76
N LEU D 198 -4.16 -29.35 -38.00
CA LEU D 198 -2.98 -29.30 -37.15
C LEU D 198 -1.76 -29.19 -38.04
N TRP D 199 -0.90 -28.22 -37.75
CA TRP D 199 0.29 -27.99 -38.55
C TRP D 199 1.50 -27.97 -37.65
N ALA D 200 2.60 -28.57 -38.11
CA ALA D 200 3.84 -28.58 -37.35
C ALA D 200 5.01 -28.68 -38.30
N LYS D 201 6.10 -28.00 -37.94
CA LYS D 201 7.33 -28.04 -38.72
C LYS D 201 8.48 -27.75 -37.76
N GLY D 202 9.18 -28.79 -37.35
CA GLY D 202 10.24 -28.61 -36.38
C GLY D 202 9.68 -28.09 -35.07
N LYS D 203 10.17 -26.93 -34.64
CA LYS D 203 9.70 -26.31 -33.42
C LYS D 203 8.46 -25.45 -33.63
N GLN D 204 8.01 -25.27 -34.87
CA GLN D 204 6.82 -24.50 -35.16
C GLN D 204 5.59 -25.39 -35.12
N GLY D 205 4.47 -24.85 -34.67
CA GLY D 205 3.26 -25.63 -34.62
C GLY D 205 2.03 -24.85 -34.20
N ALA D 206 0.87 -25.28 -34.70
CA ALA D 206 -0.39 -24.65 -34.32
C ALA D 206 -1.51 -25.63 -34.60
N ALA D 207 -2.67 -25.35 -34.00
CA ALA D 207 -3.87 -26.16 -34.19
C ALA D 207 -5.03 -25.22 -34.45
N LYS D 208 -5.59 -25.25 -35.65
CA LYS D 208 -6.70 -24.40 -36.02
C LYS D 208 -8.01 -25.17 -35.87
N PHE D 209 -8.97 -24.56 -35.19
CA PHE D 209 -10.33 -25.06 -35.12
C PHE D 209 -11.18 -24.17 -36.00
N GLU D 210 -11.54 -24.67 -37.19
CA GLU D 210 -12.39 -23.95 -38.11
C GLU D 210 -13.84 -24.18 -37.72
N GLY D 211 -14.50 -23.15 -37.24
CA GLY D 211 -15.91 -23.24 -36.93
C GLY D 211 -16.75 -22.77 -38.10
N GLU D 212 -18.07 -22.87 -37.92
CA GLU D 212 -18.96 -22.39 -38.96
C GLU D 212 -18.87 -20.88 -39.13
N HIS D 213 -18.50 -20.18 -38.07
CA HIS D 213 -18.32 -18.73 -38.17
C HIS D 213 -16.97 -18.26 -37.67
N ALA D 214 -16.45 -18.85 -36.60
CA ALA D 214 -15.23 -18.40 -35.95
C ALA D 214 -14.15 -19.46 -36.07
N ASN D 215 -12.93 -19.02 -36.32
CA ASN D 215 -11.78 -19.91 -36.41
C ASN D 215 -10.81 -19.57 -35.29
N TYR D 216 -10.33 -20.59 -34.59
CA TYR D 216 -9.47 -20.41 -33.42
C TYR D 216 -8.15 -21.13 -33.62
N VAL D 217 -7.07 -20.39 -33.75
CA VAL D 217 -5.73 -20.97 -33.81
C VAL D 217 -5.18 -21.04 -32.40
N VAL D 218 -4.66 -22.21 -32.02
CA VAL D 218 -4.23 -22.49 -30.66
C VAL D 218 -2.77 -22.94 -30.71
N ALA D 219 -1.96 -22.40 -29.80
CA ALA D 219 -0.55 -22.74 -29.77
C ALA D 219 -0.31 -24.06 -29.07
N LEU D 220 0.47 -24.92 -29.70
CA LEU D 220 0.81 -26.21 -29.12
C LEU D 220 1.78 -26.02 -27.95
N GLU D 221 1.81 -27.00 -27.07
CA GLU D 221 2.72 -26.95 -25.94
C GLU D 221 4.16 -27.21 -26.38
N ALA D 222 5.09 -26.75 -25.55
CA ALA D 222 6.50 -26.79 -25.91
C ALA D 222 7.01 -28.22 -26.04
N ASP D 223 6.43 -29.16 -25.29
CA ASP D 223 6.87 -30.55 -25.33
C ASP D 223 6.07 -31.39 -26.32
N SER D 224 5.57 -30.78 -27.38
CA SER D 224 4.92 -31.52 -28.45
C SER D 224 5.95 -32.24 -29.30
N THR D 225 5.54 -33.37 -29.87
CA THR D 225 6.41 -34.17 -30.70
C THR D 225 5.69 -34.53 -31.98
N HIS D 226 6.45 -34.68 -33.05
CA HIS D 226 5.93 -35.06 -34.37
C HIS D 226 7.11 -35.45 -35.24
N ASP D 227 6.80 -35.86 -36.47
CA ASP D 227 7.83 -36.17 -37.47
C ASP D 227 7.44 -35.59 -38.81
N PHE D 228 6.88 -34.38 -38.81
CA PHE D 228 6.48 -33.73 -40.05
C PHE D 228 7.62 -32.92 -40.64
N MET E 1 -20.55 -53.74 -16.75
CA MET E 1 -21.22 -53.19 -15.58
C MET E 1 -21.89 -51.87 -15.97
N LYS E 2 -23.12 -51.95 -16.45
CA LYS E 2 -23.87 -50.76 -16.80
C LYS E 2 -24.80 -50.39 -15.66
N LEU E 3 -24.57 -49.25 -15.03
CA LEU E 3 -25.32 -48.84 -13.86
C LEU E 3 -26.58 -48.09 -14.31
N SER E 4 -27.73 -48.58 -13.88
CA SER E 4 -29.00 -47.95 -14.24
C SER E 4 -29.15 -46.62 -13.50
N LYS E 5 -30.15 -45.84 -13.92
CA LYS E 5 -30.37 -44.54 -13.30
C LYS E 5 -30.76 -44.69 -11.83
N ASP E 6 -31.53 -45.73 -11.50
CA ASP E 6 -31.91 -45.94 -10.11
C ASP E 6 -30.70 -46.24 -9.24
N THR E 7 -29.77 -47.05 -9.75
CA THR E 7 -28.55 -47.33 -9.01
C THR E 7 -27.71 -46.07 -8.83
N THR E 8 -27.64 -45.24 -9.86
CA THR E 8 -26.88 -44.00 -9.74
C THR E 8 -27.52 -43.07 -8.72
N ALA E 9 -28.85 -43.03 -8.67
CA ALA E 9 -29.51 -42.23 -7.63
C ALA E 9 -29.23 -42.77 -6.24
N LEU E 10 -29.26 -44.10 -6.10
CA LEU E 10 -28.99 -44.72 -4.81
C LEU E 10 -27.56 -44.45 -4.37
N LEU E 11 -26.60 -44.53 -5.29
CA LEU E 11 -25.22 -44.24 -4.96
C LEU E 11 -25.02 -42.75 -4.70
N LYS E 12 -25.77 -41.89 -5.37
CA LYS E 12 -25.72 -40.47 -5.07
C LYS E 12 -26.18 -40.20 -3.65
N ASN E 13 -27.21 -40.91 -3.20
CA ASN E 13 -27.62 -40.82 -1.80
C ASN E 13 -26.53 -41.35 -0.87
N PHE E 14 -25.94 -42.49 -1.23
CA PHE E 14 -24.88 -43.06 -0.41
C PHE E 14 -23.69 -42.11 -0.29
N ALA E 15 -23.43 -41.33 -1.33
CA ALA E 15 -22.35 -40.36 -1.29
C ALA E 15 -22.58 -39.28 -0.23
N THR E 16 -23.82 -39.07 0.19
CA THR E 16 -24.07 -38.13 1.28
C THR E 16 -23.67 -38.73 2.62
N ILE E 17 -23.71 -40.05 2.74
CA ILE E 17 -23.24 -40.70 3.96
C ILE E 17 -21.72 -40.66 4.02
N ASN E 18 -21.06 -41.31 3.06
CA ASN E 18 -19.62 -41.38 2.97
C ASN E 18 -19.20 -40.77 1.64
N SER E 19 -18.10 -40.01 1.65
CA SER E 19 -17.64 -39.38 0.43
C SER E 19 -17.25 -40.42 -0.61
N GLY E 20 -16.59 -41.50 -0.18
CA GLY E 20 -16.21 -42.59 -1.06
C GLY E 20 -16.93 -43.87 -0.70
N ILE E 21 -16.68 -44.90 -1.50
CA ILE E 21 -17.34 -46.18 -1.32
C ILE E 21 -16.46 -47.29 -1.86
N MET E 22 -16.46 -48.41 -1.17
CA MET E 22 -15.74 -49.62 -1.61
C MET E 22 -16.80 -50.60 -2.10
N LEU E 23 -17.16 -50.48 -3.37
CA LEU E 23 -18.15 -51.36 -3.97
C LEU E 23 -17.45 -52.61 -4.48
N LYS E 24 -17.90 -53.75 -4.01
CA LYS E 24 -17.29 -55.04 -4.29
C LYS E 24 -18.16 -55.84 -5.25
N SER E 25 -17.57 -56.91 -5.77
CA SER E 25 -18.25 -57.70 -6.80
C SER E 25 -19.54 -58.30 -6.25
N GLY E 26 -20.61 -58.20 -7.03
CA GLY E 26 -21.89 -58.71 -6.64
C GLY E 26 -22.96 -57.66 -6.83
N GLN E 27 -24.09 -57.85 -6.15
CA GLN E 27 -25.21 -56.93 -6.23
C GLN E 27 -25.46 -56.24 -4.89
N PHE E 28 -24.39 -55.90 -4.18
CA PHE E 28 -24.49 -55.38 -2.82
C PHE E 28 -23.57 -54.17 -2.67
N ILE E 29 -24.14 -53.04 -2.26
CA ILE E 29 -23.40 -51.83 -1.97
C ILE E 29 -23.74 -51.39 -0.55
N MET E 30 -22.72 -51.11 0.26
CA MET E 30 -22.97 -50.92 1.69
C MET E 30 -22.66 -49.51 2.18
N THR E 31 -21.40 -49.06 2.10
CA THR E 31 -20.87 -47.79 2.62
C THR E 31 -21.25 -47.50 4.07
N ARG E 32 -20.46 -46.65 4.72
CA ARG E 32 -20.63 -46.30 6.12
C ARG E 32 -20.00 -44.93 6.37
N ALA E 33 -20.47 -44.25 7.40
CA ALA E 33 -19.83 -43.02 7.80
C ALA E 33 -18.51 -43.32 8.46
N VAL E 34 -17.54 -42.41 8.29
CA VAL E 34 -16.20 -42.69 8.78
C VAL E 34 -16.17 -42.77 10.30
N ASN E 35 -17.10 -42.10 10.98
CA ASN E 35 -17.20 -42.21 12.42
C ASN E 35 -18.09 -43.36 12.87
N GLY E 36 -18.75 -44.03 11.94
CA GLY E 36 -19.62 -45.13 12.28
C GLY E 36 -20.97 -44.72 12.82
N THR E 37 -21.31 -43.44 12.77
CA THR E 37 -22.60 -43.00 13.29
C THR E 37 -23.76 -43.45 12.43
N THR E 38 -23.51 -43.80 11.16
CA THR E 38 -24.57 -44.26 10.29
C THR E 38 -24.00 -45.26 9.30
N TYR E 39 -24.90 -46.04 8.71
CA TYR E 39 -24.52 -47.10 7.79
C TYR E 39 -25.68 -47.31 6.84
N ALA E 40 -25.39 -47.86 5.67
CA ALA E 40 -26.42 -48.18 4.69
C ALA E 40 -26.11 -49.53 4.07
N GLU E 41 -27.08 -50.05 3.33
CA GLU E 41 -26.87 -51.25 2.53
C GLU E 41 -27.97 -51.27 1.47
N ALA E 42 -27.69 -51.92 0.35
CA ALA E 42 -28.67 -51.91 -0.71
C ALA E 42 -28.37 -53.03 -1.69
N ASN E 43 -29.43 -53.56 -2.28
CA ASN E 43 -29.35 -54.56 -3.32
C ASN E 43 -29.84 -53.91 -4.62
N ILE E 44 -28.99 -53.89 -5.63
CA ILE E 44 -29.24 -53.14 -6.84
C ILE E 44 -29.49 -54.10 -7.99
N SER E 45 -30.21 -53.61 -9.01
CA SER E 45 -30.49 -54.44 -10.17
C SER E 45 -29.22 -54.83 -10.91
N ASP E 46 -28.29 -53.88 -11.06
CA ASP E 46 -27.06 -54.15 -11.75
C ASP E 46 -26.14 -55.03 -10.91
N VAL E 47 -25.24 -55.74 -11.58
CA VAL E 47 -24.27 -56.60 -10.94
C VAL E 47 -22.88 -56.04 -11.19
N ILE E 48 -22.12 -55.88 -10.12
CA ILE E 48 -20.76 -55.36 -10.18
C ILE E 48 -19.81 -56.54 -10.37
N ASP E 49 -18.95 -56.45 -11.37
CA ASP E 49 -18.07 -57.55 -11.74
C ASP E 49 -16.64 -57.36 -11.27
N PHE E 50 -16.35 -56.31 -10.51
CA PHE E 50 -14.97 -56.08 -10.09
C PHE E 50 -14.96 -55.28 -8.80
N ASP E 51 -13.92 -55.50 -8.01
CA ASP E 51 -13.76 -54.85 -6.73
C ASP E 51 -12.93 -53.59 -6.93
N VAL E 52 -13.41 -52.47 -6.42
CA VAL E 52 -12.73 -51.19 -6.57
C VAL E 52 -13.16 -50.28 -5.45
N ALA E 53 -12.23 -49.44 -4.99
CA ALA E 53 -12.52 -48.41 -4.01
C ALA E 53 -12.47 -47.06 -4.69
N ILE E 54 -13.50 -46.26 -4.50
CA ILE E 54 -13.64 -44.96 -5.13
C ILE E 54 -13.42 -43.89 -4.08
N TYR E 55 -12.46 -43.00 -4.33
CA TYR E 55 -12.18 -41.95 -3.35
C TYR E 55 -13.28 -40.90 -3.33
N ASP E 56 -13.79 -40.55 -4.50
CA ASP E 56 -14.76 -39.46 -4.67
C ASP E 56 -15.99 -40.02 -5.36
N LEU E 57 -17.03 -40.34 -4.61
CA LEU E 57 -18.20 -40.95 -5.22
C LEU E 57 -19.05 -39.92 -5.97
N ASN E 58 -19.21 -38.72 -5.41
CA ASN E 58 -20.02 -37.70 -6.08
C ASN E 58 -19.43 -37.33 -7.43
N GLY E 59 -18.11 -37.16 -7.50
CA GLY E 59 -17.48 -36.87 -8.76
C GLY E 59 -17.64 -37.99 -9.76
N PHE E 60 -17.49 -39.24 -9.30
CA PHE E 60 -17.62 -40.38 -10.19
C PHE E 60 -19.03 -40.46 -10.76
N LEU E 61 -20.04 -40.22 -9.93
CA LEU E 61 -21.42 -40.24 -10.44
C LEU E 61 -21.69 -39.06 -11.37
N GLY E 62 -21.06 -37.91 -11.12
CA GLY E 62 -21.18 -36.82 -12.06
C GLY E 62 -20.60 -37.16 -13.42
N ILE E 63 -19.44 -37.82 -13.43
CA ILE E 63 -18.85 -38.28 -14.68
C ILE E 63 -19.76 -39.30 -15.35
N LEU E 64 -20.38 -40.18 -14.56
CA LEU E 64 -21.30 -41.13 -15.14
C LEU E 64 -22.48 -40.44 -15.80
N SER E 65 -23.04 -39.42 -15.14
CA SER E 65 -24.12 -38.65 -15.76
C SER E 65 -23.63 -37.86 -16.97
N LEU E 66 -22.33 -37.63 -17.06
CA LEU E 66 -21.76 -36.90 -18.18
C LEU E 66 -21.67 -37.72 -19.46
N VAL E 67 -21.93 -39.02 -19.40
CA VAL E 67 -21.93 -39.88 -20.58
C VAL E 67 -23.29 -40.56 -20.69
N ASN E 68 -23.47 -41.36 -21.73
CA ASN E 68 -24.74 -42.04 -21.93
C ASN E 68 -24.95 -43.14 -20.89
N ASP E 69 -26.22 -43.52 -20.70
CA ASP E 69 -26.56 -44.52 -19.70
C ASP E 69 -26.18 -45.94 -20.12
N ASP E 70 -25.76 -46.12 -21.36
CA ASP E 70 -25.31 -47.41 -21.87
C ASP E 70 -23.83 -47.65 -21.55
N ALA E 71 -23.14 -46.63 -21.04
CA ALA E 71 -21.69 -46.67 -20.90
C ALA E 71 -21.23 -47.89 -20.13
N GLU E 72 -20.22 -48.58 -20.66
CA GLU E 72 -19.76 -49.83 -20.08
C GLU E 72 -18.64 -49.55 -19.09
N ILE E 73 -18.87 -49.92 -17.83
CA ILE E 73 -17.90 -49.70 -16.77
C ILE E 73 -17.15 -51.00 -16.55
N SER E 74 -15.83 -50.90 -16.48
CA SER E 74 -14.98 -52.06 -16.23
C SER E 74 -13.75 -51.58 -15.48
N GLN E 75 -12.78 -52.45 -15.31
CA GLN E 75 -11.50 -52.09 -14.72
C GLN E 75 -10.43 -52.13 -15.80
N SER E 76 -9.70 -51.03 -15.94
CA SER E 76 -8.66 -50.98 -16.96
C SER E 76 -7.47 -51.83 -16.55
N GLU E 77 -6.53 -51.98 -17.47
CA GLU E 77 -5.37 -52.82 -17.20
C GLU E 77 -4.45 -52.24 -16.13
N ASP E 78 -4.59 -50.95 -15.82
CA ASP E 78 -3.76 -50.34 -14.79
C ASP E 78 -4.40 -50.34 -13.42
N GLY E 79 -5.62 -50.86 -13.28
CA GLY E 79 -6.29 -50.95 -12.00
C GLY E 79 -7.36 -49.91 -11.75
N ASN E 80 -7.42 -48.86 -12.56
CA ASN E 80 -8.44 -47.83 -12.38
C ASN E 80 -9.75 -48.30 -13.01
N ILE E 81 -10.74 -47.43 -13.05
CA ILE E 81 -12.05 -47.74 -13.62
C ILE E 81 -12.12 -47.14 -15.01
N LYS E 82 -12.60 -47.92 -15.97
CA LYS E 82 -12.75 -47.46 -17.35
C LYS E 82 -14.23 -47.38 -17.68
N ILE E 83 -14.67 -46.21 -18.13
CA ILE E 83 -16.05 -45.98 -18.53
C ILE E 83 -16.03 -45.75 -20.03
N ALA E 84 -16.54 -46.71 -20.79
CA ALA E 84 -16.47 -46.68 -22.25
C ALA E 84 -17.79 -46.20 -22.82
N ASP E 85 -17.72 -45.15 -23.62
CA ASP E 85 -18.80 -44.56 -24.38
C ASP E 85 -18.58 -44.87 -25.86
N ALA E 86 -19.42 -44.27 -26.71
CA ALA E 86 -19.33 -44.54 -28.15
C ALA E 86 -17.94 -44.21 -28.68
N ARG E 87 -17.41 -43.05 -28.33
CA ARG E 87 -16.06 -42.67 -28.72
C ARG E 87 -15.18 -42.26 -27.55
N SER E 88 -15.74 -41.80 -26.44
CA SER E 88 -14.96 -41.30 -25.33
C SER E 88 -14.78 -42.38 -24.26
N THR E 89 -13.55 -42.51 -23.79
CA THR E 89 -13.21 -43.38 -22.68
C THR E 89 -12.79 -42.51 -21.51
N ILE E 90 -13.40 -42.72 -20.35
CA ILE E 90 -13.08 -41.97 -19.15
C ILE E 90 -12.40 -42.91 -18.16
N PHE E 91 -11.27 -42.49 -17.62
CA PHE E 91 -10.51 -43.31 -16.68
C PHE E 91 -10.60 -42.70 -15.30
N TRP E 92 -11.50 -43.21 -14.49
CA TRP E 92 -11.64 -42.72 -13.13
C TRP E 92 -10.65 -43.43 -12.21
N PRO E 93 -9.89 -42.70 -11.39
CA PRO E 93 -8.90 -43.34 -10.52
C PRO E 93 -9.56 -44.24 -9.49
N ALA E 94 -8.86 -45.30 -9.12
CA ALA E 94 -9.28 -46.18 -8.05
C ALA E 94 -8.52 -45.81 -6.79
N ALA E 95 -9.23 -45.66 -5.68
CA ALA E 95 -8.61 -45.18 -4.46
C ALA E 95 -7.80 -46.25 -3.78
N ASP E 96 -6.85 -45.82 -2.95
CA ASP E 96 -6.20 -46.73 -2.04
C ASP E 96 -7.22 -47.24 -1.03
N PRO E 97 -7.25 -48.55 -0.77
CA PRO E 97 -8.27 -49.08 0.14
C PRO E 97 -8.24 -48.46 1.53
N SER E 98 -7.07 -48.01 1.99
CA SER E 98 -6.97 -47.49 3.34
C SER E 98 -7.55 -46.08 3.47
N THR E 99 -7.76 -45.38 2.37
CA THR E 99 -8.26 -44.01 2.41
C THR E 99 -9.77 -43.92 2.30
N VAL E 100 -10.46 -45.04 2.15
CA VAL E 100 -11.92 -45.07 2.20
C VAL E 100 -12.33 -45.89 3.41
N VAL E 101 -13.20 -45.33 4.23
CA VAL E 101 -13.71 -46.03 5.39
C VAL E 101 -15.00 -46.72 4.94
N ALA E 102 -14.93 -48.03 4.76
CA ALA E 102 -16.07 -48.86 4.43
C ALA E 102 -16.08 -50.07 5.33
N PRO E 103 -17.27 -50.59 5.66
CA PRO E 103 -17.33 -51.72 6.59
C PRO E 103 -16.96 -53.02 5.90
N ASN E 104 -16.17 -53.83 6.60
CA ASN E 104 -15.72 -55.10 6.04
C ASN E 104 -16.88 -56.07 5.85
N LYS E 105 -17.79 -56.10 6.82
CA LYS E 105 -18.93 -57.00 6.76
C LYS E 105 -20.21 -56.24 7.07
N PRO E 106 -21.33 -56.64 6.48
CA PRO E 106 -22.61 -56.02 6.84
C PRO E 106 -22.90 -56.26 8.31
N ILE E 107 -23.48 -55.25 8.96
CA ILE E 107 -23.72 -55.34 10.40
C ILE E 107 -24.87 -56.30 10.65
N PRO E 108 -24.66 -57.39 11.39
CA PRO E 108 -25.75 -58.33 11.68
C PRO E 108 -26.67 -57.76 12.74
N PHE E 109 -27.83 -57.30 12.32
CA PHE E 109 -28.76 -56.67 13.24
C PHE E 109 -29.44 -57.72 14.11
N PRO E 110 -29.42 -57.57 15.43
CA PRO E 110 -30.04 -58.59 16.29
C PRO E 110 -31.55 -58.51 16.25
N VAL E 111 -32.22 -59.29 17.12
CA VAL E 111 -33.66 -59.19 17.22
C VAL E 111 -34.04 -57.79 17.68
N ALA E 112 -34.92 -57.14 16.92
CA ALA E 112 -35.28 -55.75 17.20
C ALA E 112 -36.06 -55.66 18.49
N SER E 113 -35.71 -54.68 19.32
CA SER E 113 -36.46 -54.43 20.54
C SER E 113 -37.86 -53.93 20.23
N ALA E 114 -38.00 -53.08 19.21
CA ALA E 114 -39.30 -52.59 18.78
C ALA E 114 -39.35 -52.56 17.26
N VAL E 115 -40.56 -52.68 16.71
CA VAL E 115 -40.77 -52.65 15.27
C VAL E 115 -41.97 -51.77 14.99
N THR E 116 -41.79 -50.71 14.21
CA THR E 116 -42.87 -49.85 13.76
C THR E 116 -42.68 -49.59 12.27
N GLU E 117 -43.44 -48.64 11.73
CA GLU E 117 -43.32 -48.25 10.34
C GLU E 117 -43.45 -46.74 10.25
N ILE E 118 -42.83 -46.15 9.22
CA ILE E 118 -42.92 -44.72 8.96
C ILE E 118 -43.20 -44.50 7.49
N LYS E 119 -44.13 -43.61 7.19
CA LYS E 119 -44.57 -43.36 5.83
C LYS E 119 -43.71 -42.28 5.17
N ALA E 120 -43.71 -42.29 3.84
CA ALA E 120 -42.92 -41.31 3.10
C ALA E 120 -43.39 -39.89 3.37
N GLU E 121 -44.71 -39.69 3.46
CA GLU E 121 -45.23 -38.35 3.69
C GLU E 121 -44.80 -37.83 5.06
N ASP E 122 -44.86 -38.68 6.09
CA ASP E 122 -44.42 -38.26 7.41
C ASP E 122 -42.92 -37.98 7.44
N LEU E 123 -42.14 -38.78 6.73
CA LEU E 123 -40.70 -38.56 6.67
C LEU E 123 -40.38 -37.22 6.01
N GLN E 124 -41.02 -36.94 4.88
CA GLN E 124 -40.80 -35.67 4.20
C GLN E 124 -41.24 -34.50 5.07
N GLN E 125 -42.38 -34.65 5.77
CA GLN E 125 -42.84 -33.60 6.66
C GLN E 125 -41.84 -33.37 7.79
N LEU E 126 -41.29 -34.45 8.35
CA LEU E 126 -40.32 -34.30 9.44
C LEU E 126 -39.09 -33.57 8.97
N LEU E 127 -38.56 -33.93 7.79
CA LEU E 127 -37.41 -33.22 7.25
C LEU E 127 -37.74 -31.76 6.98
N ARG E 128 -38.93 -31.49 6.42
CA ARG E 128 -39.32 -30.11 6.11
C ARG E 128 -39.40 -29.27 7.38
N VAL E 129 -40.06 -29.79 8.43
CA VAL E 129 -40.21 -29.01 9.64
C VAL E 129 -38.88 -28.87 10.37
N SER E 130 -38.00 -29.87 10.25
CA SER E 130 -36.67 -29.73 10.83
C SER E 130 -35.89 -28.63 10.15
N ARG E 131 -35.96 -28.57 8.81
CA ARG E 131 -35.29 -27.50 8.08
C ARG E 131 -35.88 -26.14 8.44
N GLY E 132 -37.20 -26.07 8.56
CA GLY E 132 -37.84 -24.79 8.84
C GLY E 132 -37.57 -24.28 10.23
N LEU E 133 -37.66 -25.16 11.22
CA LEU E 133 -37.59 -24.77 12.63
C LEU E 133 -36.20 -24.95 13.24
N GLN E 134 -35.21 -25.35 12.45
CA GLN E 134 -33.85 -25.61 12.93
C GLN E 134 -33.86 -26.66 14.04
N ILE E 135 -34.38 -27.83 13.69
CA ILE E 135 -34.46 -28.97 14.59
C ILE E 135 -33.32 -29.91 14.25
N ASP E 136 -32.27 -29.89 15.05
CA ASP E 136 -31.07 -30.68 14.78
C ASP E 136 -31.09 -32.04 15.45
N THR E 137 -32.18 -32.40 16.13
CA THR E 137 -32.25 -33.70 16.79
C THR E 137 -33.70 -34.11 16.93
N ILE E 138 -33.94 -35.41 16.77
CA ILE E 138 -35.26 -35.99 16.96
C ILE E 138 -35.16 -37.06 18.03
N ALA E 139 -36.33 -37.49 18.52
CA ALA E 139 -36.37 -38.54 19.52
C ALA E 139 -37.69 -39.28 19.40
N ILE E 140 -37.69 -40.52 19.88
CA ILE E 140 -38.88 -41.34 19.96
C ILE E 140 -39.14 -41.68 21.42
N THR E 141 -40.42 -41.66 21.80
CA THR E 141 -40.84 -41.92 23.17
C THR E 141 -42.16 -42.68 23.11
N VAL E 142 -42.51 -43.31 24.24
CA VAL E 142 -43.78 -44.01 24.38
C VAL E 142 -44.63 -43.25 25.38
N LYS E 143 -45.77 -42.75 24.92
CA LYS E 143 -46.75 -42.14 25.80
C LYS E 143 -47.71 -43.22 26.29
N GLU E 144 -48.83 -42.82 26.90
CA GLU E 144 -49.74 -43.80 27.48
C GLU E 144 -50.48 -44.58 26.40
N GLY E 145 -49.78 -45.46 25.69
CA GLY E 145 -50.41 -46.34 24.73
C GLY E 145 -49.76 -46.37 23.37
N LYS E 146 -49.26 -45.23 22.90
CA LYS E 146 -48.76 -45.09 21.53
C LYS E 146 -47.28 -44.76 21.53
N ILE E 147 -46.71 -44.72 20.32
CA ILE E 147 -45.33 -44.30 20.08
C ILE E 147 -45.38 -42.95 19.40
N VAL E 148 -44.52 -42.03 19.85
CA VAL E 148 -44.48 -40.68 19.30
C VAL E 148 -43.05 -40.31 18.96
N ILE E 149 -42.90 -39.41 17.99
CA ILE E 149 -41.62 -38.86 17.58
C ILE E 149 -41.71 -37.35 17.69
N ASN E 150 -40.72 -36.75 18.35
CA ASN E 150 -40.67 -35.31 18.54
C ASN E 150 -39.30 -34.79 18.14
N GLY E 151 -39.17 -33.47 18.13
CA GLY E 151 -37.91 -32.82 17.79
C GLY E 151 -37.47 -31.87 18.89
N PHE E 152 -36.15 -31.73 19.03
CA PHE E 152 -35.57 -30.83 20.02
C PHE E 152 -34.59 -29.88 19.37
N ASN E 153 -33.80 -29.17 20.17
CA ASN E 153 -32.78 -28.27 19.64
C ASN E 153 -31.63 -28.22 20.66
N LYS E 154 -30.55 -28.95 20.36
CA LYS E 154 -29.40 -28.97 21.25
C LYS E 154 -28.61 -27.67 21.24
N VAL E 155 -28.81 -26.83 20.23
CA VAL E 155 -28.09 -25.55 20.19
C VAL E 155 -28.54 -24.64 21.32
N GLU E 156 -29.85 -24.58 21.57
CA GLU E 156 -30.40 -23.69 22.58
C GLU E 156 -30.96 -24.40 23.80
N ASP E 157 -31.34 -25.67 23.69
CA ASP E 157 -31.90 -26.43 24.79
C ASP E 157 -30.92 -27.53 25.15
N SER E 158 -30.07 -27.26 26.15
CA SER E 158 -29.07 -28.24 26.57
C SER E 158 -29.70 -29.44 27.27
N ALA E 159 -30.82 -29.25 27.95
CA ALA E 159 -31.49 -30.34 28.65
C ALA E 159 -32.36 -31.18 27.74
N LEU E 160 -32.65 -30.71 26.53
CA LEU E 160 -33.54 -31.40 25.59
C LEU E 160 -34.89 -31.71 26.24
N THR E 161 -35.58 -30.64 26.61
CA THR E 161 -36.89 -30.74 27.27
C THR E 161 -37.99 -29.94 26.59
N ARG E 162 -37.65 -28.96 25.75
CA ARG E 162 -38.65 -28.20 25.01
C ARG E 162 -38.93 -28.87 23.67
N VAL E 163 -40.21 -29.06 23.37
CA VAL E 163 -40.63 -29.77 22.16
C VAL E 163 -41.05 -28.74 21.13
N LYS E 164 -40.45 -28.83 19.94
CA LYS E 164 -40.79 -27.93 18.84
C LYS E 164 -41.65 -28.60 17.77
N TYR E 165 -41.58 -29.92 17.65
CA TYR E 165 -42.39 -30.66 16.69
C TYR E 165 -42.76 -31.99 17.33
N SER E 166 -43.86 -32.58 16.85
CA SER E 166 -44.28 -33.87 17.36
C SER E 166 -44.98 -34.65 16.26
N LEU E 167 -45.01 -35.98 16.41
CA LEU E 167 -45.67 -36.85 15.46
C LEU E 167 -45.88 -38.20 16.11
N THR E 168 -46.96 -38.87 15.70
CA THR E 168 -47.30 -40.19 16.22
C THR E 168 -47.21 -41.22 15.09
N LEU E 169 -46.48 -42.30 15.35
CA LEU E 169 -46.30 -43.36 14.36
C LEU E 169 -47.40 -44.42 14.46
N GLY E 170 -47.64 -44.95 15.65
CA GLY E 170 -48.65 -45.97 15.81
C GLY E 170 -48.88 -46.32 17.25
N ASP E 171 -49.53 -47.46 17.46
CA ASP E 171 -49.86 -47.97 18.79
C ASP E 171 -48.88 -49.08 19.15
N TYR E 172 -48.20 -48.92 20.28
CA TYR E 172 -47.20 -49.89 20.74
C TYR E 172 -47.73 -50.64 21.95
N ASP E 173 -47.68 -51.96 21.88
CA ASP E 173 -48.14 -52.83 22.96
C ASP E 173 -46.95 -53.58 23.55
N GLY E 174 -46.76 -53.44 24.86
CA GLY E 174 -45.59 -54.03 25.50
C GLY E 174 -45.54 -53.65 26.96
N GLU E 175 -44.33 -53.67 27.52
CA GLU E 175 -44.13 -53.37 28.92
C GLU E 175 -42.88 -52.55 29.21
N ASN E 176 -42.14 -52.14 28.20
CA ASN E 176 -40.88 -51.42 28.40
C ASN E 176 -40.93 -50.07 27.71
N THR E 177 -40.29 -49.08 28.33
CA THR E 177 -40.28 -47.71 27.85
C THR E 177 -38.89 -47.36 27.32
N PHE E 178 -38.86 -46.40 26.40
CA PHE E 178 -37.60 -45.94 25.82
C PHE E 178 -37.79 -44.56 25.24
N ASN E 179 -36.72 -43.77 25.27
CA ASN E 179 -36.68 -42.45 24.64
C ASN E 179 -35.39 -42.40 23.84
N PHE E 180 -35.46 -42.88 22.59
CA PHE E 180 -34.27 -43.01 21.74
C PHE E 180 -34.06 -41.70 20.99
N ILE E 181 -32.87 -41.12 21.13
CA ILE E 181 -32.57 -39.83 20.53
C ILE E 181 -31.65 -40.04 19.33
N ILE E 182 -32.05 -39.52 18.18
CA ILE E 182 -31.27 -39.61 16.95
C ILE E 182 -30.88 -38.20 16.54
N ASN E 183 -29.60 -37.99 16.31
CA ASN E 183 -29.15 -36.74 15.70
C ASN E 183 -29.74 -36.63 14.30
N MET E 184 -30.30 -35.45 13.99
CA MET E 184 -30.96 -35.32 12.70
C MET E 184 -29.96 -35.26 11.55
N ALA E 185 -28.69 -34.98 11.82
CA ALA E 185 -27.68 -35.08 10.78
C ALA E 185 -27.24 -36.53 10.60
N ASN E 186 -28.24 -37.40 10.52
CA ASN E 186 -28.08 -38.81 10.19
C ASN E 186 -29.16 -39.30 9.25
N MET E 187 -30.18 -38.49 8.98
CA MET E 187 -31.35 -38.92 8.22
C MET E 187 -31.06 -38.80 6.72
N LYS E 188 -30.37 -39.81 6.20
CA LYS E 188 -30.06 -39.90 4.78
C LYS E 188 -31.03 -40.80 4.05
N MET E 189 -32.31 -40.72 4.42
CA MET E 189 -33.26 -41.80 4.13
C MET E 189 -33.50 -42.02 2.65
N GLN E 190 -33.41 -40.98 1.83
CA GLN E 190 -33.93 -41.05 0.47
C GLN E 190 -35.42 -41.37 0.60
N PRO E 191 -36.23 -40.37 1.00
CA PRO E 191 -37.56 -40.63 1.58
C PRO E 191 -38.41 -41.72 0.92
N GLY E 192 -39.09 -42.49 1.76
CA GLY E 192 -39.91 -43.59 1.30
C GLY E 192 -40.57 -44.26 2.49
N ASN E 193 -41.23 -45.38 2.21
CA ASN E 193 -41.89 -46.15 3.26
C ASN E 193 -40.86 -47.06 3.94
N TYR E 194 -40.62 -46.83 5.23
CA TYR E 194 -39.53 -47.50 5.93
C TYR E 194 -40.05 -48.27 7.13
N LYS E 195 -39.76 -49.56 7.18
CA LYS E 195 -39.98 -50.35 8.38
C LYS E 195 -38.88 -50.03 9.39
N LEU E 196 -39.26 -49.48 10.53
CA LEU E 196 -38.33 -48.93 11.51
C LEU E 196 -38.17 -49.94 12.64
N LEU E 197 -37.02 -50.59 12.68
CA LEU E 197 -36.66 -51.48 13.77
C LEU E 197 -35.71 -50.75 14.73
N LEU E 198 -35.86 -51.02 16.02
CA LEU E 198 -35.00 -50.41 17.02
C LEU E 198 -34.49 -51.48 17.97
N TRP E 199 -33.20 -51.43 18.26
CA TRP E 199 -32.56 -52.36 19.17
C TRP E 199 -31.72 -51.58 20.17
N ALA E 200 -31.61 -52.12 21.38
CA ALA E 200 -30.78 -51.52 22.43
C ALA E 200 -30.55 -52.55 23.52
N LYS E 201 -29.31 -52.66 23.96
CA LYS E 201 -28.95 -53.60 25.03
C LYS E 201 -28.54 -52.88 26.31
N GLY E 202 -27.49 -52.07 26.26
CA GLY E 202 -27.13 -51.27 27.40
C GLY E 202 -26.24 -50.10 27.02
N LYS E 203 -26.66 -48.88 27.38
CA LYS E 203 -25.93 -47.66 27.03
C LYS E 203 -25.60 -47.60 25.54
N GLN E 204 -26.39 -48.29 24.72
CA GLN E 204 -26.12 -48.36 23.29
C GLN E 204 -27.40 -48.73 22.58
N GLY E 205 -27.44 -48.48 21.27
CA GLY E 205 -28.62 -48.79 20.50
C GLY E 205 -28.43 -48.46 19.04
N ALA E 206 -29.39 -48.91 18.24
CA ALA E 206 -29.34 -48.72 16.80
C ALA E 206 -30.76 -48.70 16.26
N ALA E 207 -30.97 -47.88 15.24
CA ALA E 207 -32.27 -47.73 14.60
C ALA E 207 -32.12 -48.03 13.11
N LYS E 208 -32.69 -49.13 12.66
CA LYS E 208 -32.64 -49.53 11.25
C LYS E 208 -33.94 -49.12 10.57
N PHE E 209 -33.81 -48.66 9.33
CA PHE E 209 -34.95 -48.34 8.47
C PHE E 209 -34.80 -49.18 7.22
N GLU E 210 -35.71 -50.12 7.01
CA GLU E 210 -35.71 -50.98 5.83
C GLU E 210 -36.66 -50.38 4.81
N GLY E 211 -36.15 -50.15 3.59
CA GLY E 211 -36.93 -49.62 2.51
C GLY E 211 -37.06 -50.61 1.36
N GLU E 212 -37.80 -50.18 0.34
CA GLU E 212 -37.96 -51.00 -0.84
C GLU E 212 -36.66 -51.16 -1.61
N HIS E 213 -35.71 -50.24 -1.42
CA HIS E 213 -34.43 -50.31 -2.10
C HIS E 213 -33.26 -50.47 -1.15
N ALA E 214 -33.12 -49.59 -0.16
CA ALA E 214 -31.95 -49.58 0.71
C ALA E 214 -32.35 -49.48 2.17
N ASN E 215 -31.51 -50.05 3.02
CA ASN E 215 -31.68 -50.04 4.47
C ASN E 215 -30.64 -49.14 5.10
N TYR E 216 -31.03 -48.40 6.12
CA TYR E 216 -30.16 -47.43 6.77
C TYR E 216 -30.17 -47.64 8.27
N VAL E 217 -29.00 -47.82 8.86
CA VAL E 217 -28.86 -48.02 10.29
C VAL E 217 -28.24 -46.76 10.90
N VAL E 218 -28.82 -46.27 11.98
CA VAL E 218 -28.40 -45.01 12.58
C VAL E 218 -28.08 -45.26 14.05
N ALA E 219 -26.94 -44.74 14.50
CA ALA E 219 -26.54 -44.84 15.89
C ALA E 219 -27.34 -43.88 16.75
N LEU E 220 -27.46 -44.21 18.03
CA LEU E 220 -28.16 -43.38 18.99
C LEU E 220 -27.17 -42.81 20.00
N GLU E 221 -27.49 -41.62 20.51
CA GLU E 221 -26.59 -40.93 21.41
C GLU E 221 -26.42 -41.72 22.71
N ALA E 222 -25.32 -41.45 23.40
CA ALA E 222 -25.02 -42.18 24.63
C ALA E 222 -26.06 -41.89 25.71
N ASP E 223 -26.52 -40.64 25.79
CA ASP E 223 -27.48 -40.22 26.82
C ASP E 223 -28.90 -40.63 26.44
N SER E 224 -29.08 -41.94 26.23
CA SER E 224 -30.38 -42.52 25.95
C SER E 224 -30.65 -43.62 26.97
N THR E 225 -31.86 -43.64 27.51
CA THR E 225 -32.24 -44.67 28.48
C THR E 225 -32.92 -45.82 27.77
N HIS E 226 -32.46 -47.04 28.07
CA HIS E 226 -33.00 -48.24 27.43
C HIS E 226 -34.18 -48.82 28.19
N ASP E 227 -34.08 -48.89 29.53
CA ASP E 227 -35.13 -49.44 30.39
C ASP E 227 -35.54 -50.84 29.94
N PHE E 228 -34.54 -51.69 29.70
CA PHE E 228 -34.81 -53.07 29.33
C PHE E 228 -34.24 -54.02 30.37
N MET F 1 -25.27 38.05 28.13
CA MET F 1 -24.26 38.03 27.08
C MET F 1 -23.68 36.63 26.93
N ILE F 2 -23.53 35.93 28.06
CA ILE F 2 -22.85 34.66 28.07
C ILE F 2 -23.66 33.62 27.29
N THR F 3 -22.96 32.59 26.81
CA THR F 3 -23.56 31.52 26.02
C THR F 3 -23.33 30.21 26.76
N VAL F 4 -24.43 29.46 26.97
CA VAL F 4 -24.40 28.22 27.73
C VAL F 4 -25.05 27.12 26.91
N ASN F 5 -24.37 25.97 26.81
CA ASN F 5 -24.91 24.86 26.03
C ASN F 5 -26.02 24.12 26.77
N GLU F 6 -26.07 24.24 28.10
CA GLU F 6 -27.10 23.64 28.95
C GLU F 6 -27.12 22.12 28.88
N LYS F 7 -26.21 21.51 28.13
CA LYS F 7 -26.16 20.06 28.00
C LYS F 7 -24.86 19.49 28.51
N GLU F 8 -23.72 20.08 28.16
CA GLU F 8 -22.43 19.55 28.54
C GLU F 8 -22.22 19.66 30.05
N HIS F 9 -21.52 18.67 30.60
CA HIS F 9 -21.28 18.57 32.04
C HIS F 9 -19.93 19.12 32.44
N ILE F 10 -19.16 19.65 31.51
CA ILE F 10 -17.86 20.26 31.80
C ILE F 10 -17.99 21.75 31.53
N LEU F 11 -17.59 22.56 32.51
CA LEU F 11 -17.78 24.01 32.39
C LEU F 11 -17.00 24.57 31.21
N GLU F 12 -15.79 24.10 30.99
CA GLU F 12 -15.00 24.58 29.87
C GLU F 12 -15.46 24.01 28.53
N GLN F 13 -16.47 23.15 28.54
CA GLN F 13 -17.16 22.74 27.32
C GLN F 13 -18.59 23.24 27.28
N LYS F 14 -19.14 23.70 28.40
CA LYS F 14 -20.51 24.16 28.48
C LYS F 14 -20.63 25.66 28.29
N TYR F 15 -19.65 26.43 28.80
CA TYR F 15 -19.65 27.88 28.66
C TYR F 15 -18.64 28.35 27.63
N ARG F 16 -18.46 27.57 26.58
CA ARG F 16 -17.57 27.95 25.50
C ARG F 16 -18.14 29.16 24.76
N PRO F 17 -17.37 30.22 24.58
CA PRO F 17 -17.88 31.40 23.87
C PRO F 17 -18.33 31.04 22.47
N SER F 18 -19.43 31.66 22.04
CA SER F 18 -20.01 31.39 20.74
C SER F 18 -19.75 32.49 19.73
N THR F 19 -19.09 33.56 20.13
CA THR F 19 -18.87 34.71 19.25
C THR F 19 -17.49 35.29 19.51
N ILE F 20 -16.96 35.97 18.51
CA ILE F 20 -15.64 36.60 18.67
C ILE F 20 -15.68 37.66 19.75
N ASP F 21 -16.79 38.39 19.84
CA ASP F 21 -16.93 39.39 20.88
C ASP F 21 -16.89 38.76 22.26
N GLU F 22 -17.57 37.63 22.43
CA GLU F 22 -17.63 36.96 23.72
C GLU F 22 -16.28 36.40 24.13
N CYS F 23 -15.41 36.11 23.17
CA CYS F 23 -14.09 35.62 23.48
C CYS F 23 -13.25 36.72 24.14
N ILE F 24 -12.49 36.34 25.17
CA ILE F 24 -11.60 37.26 25.85
C ILE F 24 -10.27 37.21 25.11
N LEU F 25 -9.97 38.26 24.36
CA LEU F 25 -8.86 38.30 23.44
C LEU F 25 -8.15 39.64 23.56
N PRO F 26 -6.91 39.74 23.09
CA PRO F 26 -6.25 41.05 23.04
C PRO F 26 -7.00 41.95 22.08
N ALA F 27 -6.87 43.26 22.29
CA ALA F 27 -7.58 44.21 21.44
C ALA F 27 -7.16 44.06 19.99
N PHE F 28 -5.86 43.89 19.74
CA PHE F 28 -5.39 43.70 18.38
C PHE F 28 -5.89 42.39 17.78
N ASP F 29 -5.85 41.31 18.57
CA ASP F 29 -6.33 40.03 18.06
C ASP F 29 -7.83 40.07 17.80
N LYS F 30 -8.60 40.64 18.71
CA LYS F 30 -10.04 40.74 18.48
C LYS F 30 -10.34 41.59 17.26
N GLU F 31 -9.56 42.65 17.05
CA GLU F 31 -9.76 43.49 15.87
C GLU F 31 -9.42 42.74 14.59
N THR F 32 -8.34 41.96 14.59
CA THR F 32 -7.98 41.22 13.39
C THR F 32 -8.90 40.03 13.14
N PHE F 33 -9.62 39.57 14.16
CA PHE F 33 -10.63 38.56 13.93
C PHE F 33 -11.94 39.17 13.45
N LYS F 34 -12.26 40.37 13.94
CA LYS F 34 -13.42 41.07 13.42
C LYS F 34 -13.22 41.49 11.97
N SER F 35 -11.99 41.84 11.59
CA SER F 35 -11.71 42.19 10.20
C SER F 35 -11.90 41.01 9.27
N ILE F 36 -11.89 39.79 9.80
CA ILE F 36 -12.12 38.59 9.01
C ILE F 36 -13.59 38.20 9.02
N THR F 37 -14.22 38.27 10.20
CA THR F 37 -15.62 37.91 10.31
C THR F 37 -16.54 38.94 9.67
N SER F 38 -16.07 40.17 9.47
CA SER F 38 -16.86 41.21 8.83
C SER F 38 -16.68 41.26 7.33
N LYS F 39 -15.78 40.45 6.78
CA LYS F 39 -15.49 40.47 5.35
C LYS F 39 -16.34 39.50 4.56
N GLY F 40 -17.19 38.72 5.22
CA GLY F 40 -18.01 37.75 4.51
C GLY F 40 -17.41 36.37 4.54
N LYS F 41 -16.75 35.99 3.45
CA LYS F 41 -16.13 34.67 3.37
C LYS F 41 -14.84 34.64 4.18
N ILE F 42 -14.50 33.46 4.66
CA ILE F 42 -13.27 33.23 5.42
C ILE F 42 -12.29 32.52 4.49
N PRO F 43 -11.03 32.95 4.42
CA PRO F 43 -10.02 32.20 3.69
C PRO F 43 -9.50 31.08 4.57
N HIS F 44 -8.50 30.37 4.08
CA HIS F 44 -7.82 29.40 4.93
C HIS F 44 -7.08 30.16 6.02
N ILE F 45 -7.22 29.71 7.27
CA ILE F 45 -6.58 30.37 8.40
C ILE F 45 -5.84 29.31 9.19
N ILE F 46 -4.74 29.71 9.82
CA ILE F 46 -4.03 28.88 10.78
C ILE F 46 -3.93 29.69 12.06
N LEU F 47 -4.62 29.26 13.09
CA LEU F 47 -4.59 29.95 14.38
C LEU F 47 -3.47 29.35 15.21
N HIS F 48 -2.43 30.14 15.44
CA HIS F 48 -1.24 29.73 16.16
C HIS F 48 -1.25 30.42 17.51
N SER F 49 -1.06 29.65 18.57
CA SER F 49 -1.03 30.20 19.93
C SER F 49 -0.13 29.31 20.77
N PRO F 50 1.12 29.73 20.99
CA PRO F 50 2.03 28.88 21.78
C PRO F 50 1.53 28.59 23.19
N SER F 51 0.92 29.58 23.85
CA SER F 51 0.45 29.38 25.22
C SER F 51 -0.87 28.63 25.21
N PRO F 52 -0.98 27.51 25.89
CA PRO F 52 -2.24 26.77 25.90
C PRO F 52 -3.35 27.54 26.61
N GLY F 53 -4.58 27.31 26.17
CA GLY F 53 -5.75 27.89 26.79
C GLY F 53 -6.07 29.31 26.38
N THR F 54 -5.29 29.92 25.51
CA THR F 54 -5.65 31.23 25.01
C THR F 54 -6.94 31.18 24.21
N GLY F 55 -7.22 30.04 23.57
CA GLY F 55 -8.52 29.85 22.97
C GLY F 55 -8.56 29.70 21.47
N LYS F 56 -7.57 29.02 20.88
CA LYS F 56 -7.56 28.89 19.44
C LYS F 56 -8.75 28.10 18.93
N THR F 57 -9.16 27.03 19.63
CA THR F 57 -10.34 26.28 19.23
C THR F 57 -11.59 27.12 19.35
N THR F 58 -11.75 27.82 20.47
CA THR F 58 -12.90 28.69 20.65
C THR F 58 -12.92 29.79 19.60
N VAL F 59 -11.75 30.38 19.32
CA VAL F 59 -11.69 31.44 18.32
C VAL F 59 -12.06 30.90 16.95
N ALA F 60 -11.62 29.69 16.63
CA ALA F 60 -11.95 29.11 15.33
C ALA F 60 -13.44 28.86 15.20
N LYS F 61 -14.05 28.27 16.22
CA LYS F 61 -15.49 28.01 16.16
C LYS F 61 -16.27 29.31 16.15
N ALA F 62 -15.78 30.34 16.84
CA ALA F 62 -16.44 31.65 16.81
C ALA F 62 -16.31 32.29 15.44
N LEU F 63 -15.17 32.14 14.78
CA LEU F 63 -15.01 32.63 13.41
C LEU F 63 -16.00 31.95 12.48
N CYS F 64 -16.18 30.63 12.63
CA CYS F 64 -17.16 29.93 11.82
C CYS F 64 -18.58 30.39 12.13
N HIS F 65 -18.86 30.69 13.39
CA HIS F 65 -20.21 31.12 13.76
C HIS F 65 -20.51 32.52 13.24
N ASP F 66 -19.56 33.44 13.38
CA ASP F 66 -19.82 34.82 13.02
C ASP F 66 -20.14 34.95 11.54
N VAL F 67 -19.38 34.27 10.69
CA VAL F 67 -19.62 34.26 9.26
C VAL F 67 -20.88 33.48 8.90
N ASN F 68 -21.41 32.71 9.84
CA ASN F 68 -22.49 31.75 9.58
C ASN F 68 -22.04 30.71 8.55
N ALA F 69 -21.06 29.93 8.95
CA ALA F 69 -20.46 28.93 8.09
C ALA F 69 -20.88 27.54 8.52
N ASP F 70 -20.91 26.62 7.55
CA ASP F 70 -21.23 25.22 7.82
C ASP F 70 -19.97 24.56 8.37
N MET F 71 -19.77 24.70 9.68
CA MET F 71 -18.55 24.17 10.29
C MET F 71 -18.57 22.66 10.30
N MET F 72 -17.39 22.06 10.17
CA MET F 72 -17.18 20.62 10.33
C MET F 72 -15.97 20.49 11.24
N PHE F 73 -16.20 20.42 12.54
CA PHE F 73 -15.11 20.39 13.50
C PHE F 73 -14.48 19.01 13.47
N VAL F 74 -13.15 18.97 13.30
CA VAL F 74 -12.40 17.74 13.26
C VAL F 74 -11.16 17.89 14.13
N ASN F 75 -10.96 16.98 15.06
CA ASN F 75 -9.73 17.01 15.83
C ASN F 75 -8.56 16.60 14.94
N GLY F 76 -7.38 17.13 15.25
CA GLY F 76 -6.23 16.84 14.41
C GLY F 76 -5.86 15.37 14.42
N SER F 77 -5.93 14.74 15.58
CA SER F 77 -5.60 13.32 15.67
C SER F 77 -6.65 12.42 15.04
N ASP F 78 -7.82 12.97 14.69
CA ASP F 78 -8.87 12.21 14.03
C ASP F 78 -8.99 12.58 12.55
N CYS F 79 -7.98 13.24 12.00
CA CYS F 79 -7.98 13.72 10.63
C CYS F 79 -6.98 12.94 9.79
N LYS F 80 -6.99 11.62 9.96
CA LYS F 80 -6.11 10.76 9.20
C LYS F 80 -6.43 10.87 7.71
N ILE F 81 -5.47 10.47 6.88
CA ILE F 81 -5.58 10.74 5.45
C ILE F 81 -6.79 10.02 4.86
N ASP F 82 -7.16 8.88 5.41
CA ASP F 82 -8.34 8.18 4.92
C ASP F 82 -9.61 8.90 5.31
N PHE F 83 -9.57 9.72 6.35
CA PHE F 83 -10.69 10.60 6.68
C PHE F 83 -10.76 11.80 5.75
N VAL F 84 -9.60 12.35 5.36
CA VAL F 84 -9.59 13.48 4.43
C VAL F 84 -10.07 13.04 3.06
N ARG F 85 -9.71 11.84 2.63
CA ARG F 85 -10.20 11.37 1.34
C ARG F 85 -11.69 11.06 1.35
N GLY F 86 -12.25 10.80 2.53
CA GLY F 86 -13.62 10.33 2.63
C GLY F 86 -14.59 11.43 2.99
N PRO F 87 -14.94 11.52 4.27
CA PRO F 87 -15.92 12.53 4.69
C PRO F 87 -15.50 13.96 4.41
N LEU F 88 -14.22 14.31 4.53
CA LEU F 88 -13.83 15.69 4.31
C LEU F 88 -13.96 16.08 2.84
N THR F 89 -13.53 15.22 1.93
CA THR F 89 -13.66 15.54 0.52
C THR F 89 -15.12 15.60 0.09
N ASN F 90 -15.93 14.67 0.58
CA ASN F 90 -17.36 14.71 0.33
C ASN F 90 -17.97 16.00 0.85
N PHE F 91 -17.52 16.45 2.02
CA PHE F 91 -18.02 17.69 2.57
C PHE F 91 -17.64 18.88 1.70
N ALA F 92 -16.35 19.01 1.39
CA ALA F 92 -15.89 20.21 0.70
C ALA F 92 -16.40 20.29 -0.72
N SER F 93 -16.50 19.15 -1.42
CA SER F 93 -16.84 19.19 -2.83
C SER F 93 -18.29 19.57 -3.08
N ALA F 94 -19.16 19.45 -2.07
CA ALA F 94 -20.58 19.73 -2.21
C ALA F 94 -20.93 21.05 -1.56
N ALA F 95 -21.91 21.74 -2.13
CA ALA F 95 -22.35 23.03 -1.63
C ALA F 95 -23.44 22.84 -0.60
N SER F 96 -23.42 23.68 0.44
CA SER F 96 -24.41 23.56 1.50
C SER F 96 -25.78 23.96 0.99
N PHE F 97 -26.81 23.44 1.66
CA PHE F 97 -28.17 23.66 1.19
C PHE F 97 -28.52 25.14 1.20
N ASP F 98 -28.35 25.79 2.34
CA ASP F 98 -28.70 27.22 2.45
C ASP F 98 -27.50 28.13 2.25
N GLY F 99 -26.75 27.93 1.17
CA GLY F 99 -25.78 28.90 0.70
C GLY F 99 -24.76 29.39 1.70
N ARG F 100 -24.46 28.56 2.69
CA ARG F 100 -23.49 28.88 3.72
C ARG F 100 -22.13 28.33 3.31
N GLN F 101 -21.11 29.16 3.44
CA GLN F 101 -19.76 28.70 3.12
C GLN F 101 -19.35 27.60 4.09
N LYS F 102 -18.72 26.56 3.57
CA LYS F 102 -18.28 25.45 4.39
C LYS F 102 -16.88 25.75 4.92
N VAL F 103 -16.65 25.46 6.19
CA VAL F 103 -15.33 25.62 6.81
C VAL F 103 -15.03 24.38 7.62
N ILE F 104 -13.85 23.83 7.44
CA ILE F 104 -13.36 22.70 8.23
C ILE F 104 -12.41 23.24 9.28
N VAL F 105 -12.73 23.04 10.54
CA VAL F 105 -11.87 23.46 11.64
C VAL F 105 -11.10 22.23 12.09
N ILE F 106 -9.86 22.13 11.66
CA ILE F 106 -8.99 21.03 12.06
C ILE F 106 -8.26 21.46 13.32
N ASP F 107 -8.60 20.86 14.44
CA ASP F 107 -8.13 21.31 15.75
C ASP F 107 -6.86 20.56 16.13
N GLU F 108 -5.83 21.30 16.50
CA GLU F 108 -4.52 20.75 16.87
C GLU F 108 -4.00 19.84 15.76
N PHE F 109 -3.85 20.42 14.58
CA PHE F 109 -3.32 19.67 13.46
C PHE F 109 -1.82 19.49 13.53
N ASP F 110 -1.13 20.28 14.36
CA ASP F 110 0.31 20.14 14.54
C ASP F 110 0.66 19.05 15.53
N ARG F 111 -0.08 18.94 16.63
CA ARG F 111 0.18 17.92 17.65
C ARG F 111 -0.40 16.62 17.10
N SER F 112 0.43 15.90 16.35
CA SER F 112 0.08 14.60 15.79
C SER F 112 1.30 14.04 15.09
N GLY F 113 1.34 12.73 14.99
CA GLY F 113 2.32 12.10 14.14
C GLY F 113 1.92 12.04 12.69
N LEU F 114 0.73 12.51 12.35
CA LEU F 114 0.21 12.40 10.99
C LEU F 114 0.50 13.67 10.20
N ALA F 115 1.75 13.78 9.78
CA ALA F 115 2.13 14.77 8.80
C ALA F 115 1.81 14.34 7.38
N GLU F 116 1.39 13.09 7.17
CA GLU F 116 1.00 12.64 5.85
C GLU F 116 -0.40 13.08 5.47
N SER F 117 -1.19 13.57 6.44
CA SER F 117 -2.47 14.17 6.09
C SER F 117 -2.31 15.60 5.60
N GLN F 118 -1.32 16.32 6.12
CA GLN F 118 -1.05 17.67 5.64
C GLN F 118 -0.59 17.64 4.18
N ARG F 119 0.16 16.62 3.79
CA ARG F 119 0.58 16.53 2.40
C ARG F 119 -0.63 16.37 1.47
N HIS F 120 -1.62 15.58 1.88
CA HIS F 120 -2.85 15.49 1.10
C HIS F 120 -3.59 16.82 1.10
N LEU F 121 -3.63 17.48 2.25
CA LEU F 121 -4.34 18.73 2.35
C LEU F 121 -3.72 19.81 1.47
N ARG F 122 -2.43 19.68 1.13
CA ARG F 122 -1.77 20.67 0.29
C ARG F 122 -2.58 20.97 -0.97
N SER F 123 -3.02 19.93 -1.67
CA SER F 123 -3.83 20.12 -2.85
C SER F 123 -5.31 19.96 -2.60
N PHE F 124 -5.71 19.34 -1.49
CA PHE F 124 -7.11 19.37 -1.11
C PHE F 124 -7.59 20.80 -0.92
N MET F 125 -6.75 21.66 -0.37
CA MET F 125 -7.15 23.04 -0.10
C MET F 125 -7.11 23.93 -1.32
N GLU F 126 -6.59 23.44 -2.45
CA GLU F 126 -6.71 24.18 -3.69
C GLU F 126 -7.81 23.63 -4.58
N ALA F 127 -8.13 22.35 -4.46
CA ALA F 127 -9.21 21.81 -5.27
C ALA F 127 -10.55 22.45 -4.93
N TYR F 128 -10.84 22.59 -3.64
CA TYR F 128 -12.14 23.04 -3.15
C TYR F 128 -12.01 24.35 -2.39
N SER F 129 -11.22 25.28 -2.91
CA SER F 129 -11.03 26.56 -2.22
C SER F 129 -12.14 27.54 -2.53
N SER F 130 -12.96 27.28 -3.53
CA SER F 130 -14.08 28.15 -3.85
C SER F 130 -15.32 27.81 -3.05
N ASN F 131 -15.29 26.72 -2.28
CA ASN F 131 -16.48 26.25 -1.60
C ASN F 131 -16.23 25.97 -0.13
N CYS F 132 -15.00 25.62 0.24
CA CYS F 132 -14.70 25.16 1.58
C CYS F 132 -13.32 25.64 2.00
N SER F 133 -13.28 26.53 2.99
CA SER F 133 -12.02 26.97 3.58
C SER F 133 -11.69 26.11 4.79
N ILE F 134 -10.45 26.19 5.23
CA ILE F 134 -9.94 25.34 6.31
C ILE F 134 -9.31 26.23 7.37
N ILE F 135 -9.69 26.02 8.62
CA ILE F 135 -9.11 26.71 9.76
C ILE F 135 -8.35 25.67 10.57
N ILE F 136 -7.02 25.78 10.58
CA ILE F 136 -6.16 24.81 11.24
C ILE F 136 -5.61 25.47 12.48
N THR F 137 -5.87 24.87 13.63
CA THR F 137 -5.38 25.41 14.89
C THR F 137 -4.15 24.63 15.31
N ALA F 138 -3.07 25.33 15.65
CA ALA F 138 -1.78 24.70 15.91
C ALA F 138 -1.16 25.26 17.17
N ASN F 139 -0.47 24.39 17.91
CA ASN F 139 0.23 24.81 19.12
C ASN F 139 1.53 25.53 18.77
N ASN F 140 2.46 24.82 18.16
CA ASN F 140 3.64 25.43 17.56
C ASN F 140 3.59 25.21 16.06
N ILE F 141 3.70 26.29 15.30
CA ILE F 141 3.45 26.23 13.87
C ILE F 141 4.56 25.55 13.11
N ASP F 142 5.65 25.16 13.76
CA ASP F 142 6.63 24.32 13.09
C ASP F 142 6.03 22.97 12.72
N GLY F 143 5.01 22.53 13.46
CA GLY F 143 4.33 21.30 13.13
C GLY F 143 3.58 21.37 11.81
N ILE F 144 3.00 22.52 11.50
CA ILE F 144 2.32 22.68 10.23
C ILE F 144 3.36 22.86 9.13
N ILE F 145 3.28 22.01 8.10
CA ILE F 145 4.29 22.04 7.06
C ILE F 145 4.28 23.40 6.36
N LYS F 146 5.40 23.72 5.73
CA LYS F 146 5.51 25.02 5.07
C LYS F 146 4.48 25.25 3.97
N PRO F 147 4.18 24.29 3.09
CA PRO F 147 3.14 24.57 2.07
C PRO F 147 1.78 24.93 2.67
N LEU F 148 1.39 24.30 3.77
CA LEU F 148 0.12 24.68 4.39
C LEU F 148 0.19 26.10 4.95
N GLN F 149 1.35 26.49 5.47
CA GLN F 149 1.50 27.86 5.94
C GLN F 149 1.40 28.85 4.79
N SER F 150 1.92 28.49 3.62
CA SER F 150 1.74 29.35 2.46
C SER F 150 0.27 29.44 2.05
N ARG F 151 -0.45 28.31 2.13
CA ARG F 151 -1.86 28.31 1.78
C ARG F 151 -2.69 29.14 2.75
N CYS F 152 -2.42 29.01 4.04
CA CYS F 152 -3.29 29.54 5.08
C CYS F 152 -2.76 30.85 5.63
N ARG F 153 -3.66 31.80 5.84
CA ARG F 153 -3.31 33.03 6.54
C ARG F 153 -3.02 32.70 7.99
N VAL F 154 -1.78 32.92 8.42
CA VAL F 154 -1.35 32.51 9.75
C VAL F 154 -1.58 33.66 10.72
N ILE F 155 -2.43 33.44 11.70
CA ILE F 155 -2.72 34.42 12.74
C ILE F 155 -2.14 33.88 14.03
N THR F 156 -1.11 34.54 14.54
CA THR F 156 -0.51 34.17 15.81
C THR F 156 -1.11 35.04 16.91
N PHE F 157 -1.57 34.41 17.98
CA PHE F 157 -2.17 35.15 19.09
C PHE F 157 -1.07 35.93 19.78
N GLY F 158 -1.07 37.26 19.59
CA GLY F 158 -0.03 38.06 20.18
C GLY F 158 -0.10 38.09 21.69
N GLN F 159 1.04 38.39 22.29
CA GLN F 159 1.08 38.58 23.73
C GLN F 159 0.28 39.83 24.09
N PRO F 160 -0.59 39.77 25.10
CA PRO F 160 -1.34 40.97 25.48
C PRO F 160 -0.44 42.04 26.06
N THR F 161 -0.84 43.29 25.87
CA THR F 161 -0.16 44.41 26.49
C THR F 161 -0.64 44.58 27.92
N ASP F 162 -0.16 45.62 28.59
CA ASP F 162 -0.61 45.89 29.96
C ASP F 162 -2.08 46.25 29.99
N GLU F 163 -2.49 47.20 29.14
CA GLU F 163 -3.89 47.59 29.08
C GLU F 163 -4.76 46.41 28.68
N ASP F 164 -4.32 45.65 27.69
CA ASP F 164 -5.05 44.46 27.29
C ASP F 164 -5.09 43.43 28.42
N LYS F 165 -4.02 43.32 29.19
CA LYS F 165 -4.03 42.40 30.33
C LYS F 165 -5.08 42.81 31.35
N ILE F 166 -5.17 44.10 31.66
CA ILE F 166 -6.15 44.55 32.64
C ILE F 166 -7.57 44.36 32.11
N GLU F 167 -7.80 44.67 30.83
CA GLU F 167 -9.12 44.46 30.25
C GLU F 167 -9.50 42.99 30.25
N MET F 168 -8.56 42.11 29.90
CA MET F 168 -8.79 40.67 30.00
C MET F 168 -9.09 40.28 31.43
N MET F 169 -8.40 40.89 32.38
CA MET F 169 -8.61 40.55 33.78
C MET F 169 -10.05 40.83 34.18
N LYS F 170 -10.53 42.04 33.87
CA LYS F 170 -11.89 42.42 34.25
C LYS F 170 -12.93 41.60 33.48
N GLN F 171 -12.67 41.29 32.22
CA GLN F 171 -13.60 40.47 31.46
C GLN F 171 -13.66 39.05 32.02
N MET F 172 -12.51 38.52 32.45
CA MET F 172 -12.46 37.22 33.08
C MET F 172 -13.23 37.21 34.39
N ILE F 173 -13.09 38.28 35.18
CA ILE F 173 -13.87 38.40 36.42
C ILE F 173 -15.36 38.35 36.11
N ARG F 174 -15.81 39.15 35.15
CA ARG F 174 -17.24 39.18 34.83
C ARG F 174 -17.71 37.83 34.33
N ARG F 175 -16.92 37.18 33.47
CA ARG F 175 -17.32 35.90 32.91
C ARG F 175 -17.40 34.83 34.00
N LEU F 176 -16.42 34.78 34.90
CA LEU F 176 -16.47 33.79 35.98
C LEU F 176 -17.63 34.07 36.93
N THR F 177 -17.93 35.34 37.18
CA THR F 177 -19.08 35.67 38.01
C THR F 177 -20.36 35.14 37.38
N GLU F 178 -20.52 35.34 36.07
CA GLU F 178 -21.74 34.87 35.42
C GLU F 178 -21.78 33.34 35.37
N ILE F 179 -20.63 32.69 35.17
CA ILE F 179 -20.59 31.23 35.17
C ILE F 179 -20.98 30.69 36.53
N CYS F 180 -20.46 31.29 37.60
CA CYS F 180 -20.80 30.82 38.94
C CYS F 180 -22.25 31.11 39.29
N LYS F 181 -22.81 32.22 38.81
CA LYS F 181 -24.23 32.46 38.99
C LYS F 181 -25.05 31.39 38.28
N HIS F 182 -24.66 31.04 37.05
CA HIS F 182 -25.45 30.09 36.27
C HIS F 182 -25.27 28.65 36.75
N GLU F 183 -24.14 28.33 37.37
CA GLU F 183 -23.84 26.99 37.82
C GLU F 183 -24.30 26.73 39.25
N GLY F 184 -24.99 27.68 39.87
CA GLY F 184 -25.41 27.52 41.25
C GLY F 184 -24.28 27.49 42.25
N ILE F 185 -23.29 28.37 42.08
CA ILE F 185 -22.16 28.48 42.99
C ILE F 185 -22.17 29.88 43.57
N ALA F 186 -22.04 29.98 44.89
CA ALA F 186 -22.00 31.27 45.59
C ALA F 186 -20.54 31.67 45.81
N ILE F 187 -20.21 32.90 45.44
CA ILE F 187 -18.85 33.39 45.60
C ILE F 187 -18.66 33.94 47.01
N ALA F 188 -17.64 33.44 47.70
CA ALA F 188 -17.36 33.93 49.05
C ALA F 188 -16.76 35.33 49.01
N ASP F 189 -15.60 35.48 48.39
CA ASP F 189 -14.96 36.77 48.23
C ASP F 189 -14.49 36.95 46.80
N MET F 190 -14.72 38.13 46.25
CA MET F 190 -14.36 38.41 44.88
C MET F 190 -12.84 38.37 44.68
N LYS F 191 -12.09 38.69 45.74
CA LYS F 191 -10.64 38.60 45.67
C LYS F 191 -10.19 37.18 45.40
N VAL F 192 -10.98 36.18 45.81
CA VAL F 192 -10.64 34.79 45.54
C VAL F 192 -10.59 34.54 44.04
N VAL F 193 -11.65 34.94 43.32
CA VAL F 193 -11.67 34.71 41.89
C VAL F 193 -10.65 35.59 41.19
N ALA F 194 -10.42 36.81 41.70
CA ALA F 194 -9.42 37.68 41.08
C ALA F 194 -8.03 37.06 41.19
N ALA F 195 -7.69 36.52 42.36
CA ALA F 195 -6.40 35.86 42.53
C ALA F 195 -6.32 34.61 41.68
N LEU F 196 -7.41 33.84 41.58
CA LEU F 196 -7.41 32.65 40.74
C LEU F 196 -7.09 32.99 39.29
N VAL F 197 -7.83 33.94 38.72
CA VAL F 197 -7.66 34.27 37.31
C VAL F 197 -6.38 35.08 37.06
N LYS F 198 -5.79 35.68 38.09
CA LYS F 198 -4.46 36.24 37.92
C LYS F 198 -3.40 35.15 37.96
N LYS F 199 -3.60 34.13 38.79
CA LYS F 199 -2.62 33.05 38.89
C LYS F 199 -2.58 32.22 37.62
N ASN F 200 -3.75 31.95 37.02
CA ASN F 200 -3.82 31.10 35.85
C ASN F 200 -3.86 31.87 34.54
N PHE F 201 -3.65 33.18 34.57
CA PHE F 201 -3.64 33.98 33.34
C PHE F 201 -2.45 33.57 32.48
N PRO F 202 -2.60 33.57 31.14
CA PRO F 202 -3.80 33.81 30.33
C PRO F 202 -4.55 32.53 30.03
N ASP F 203 -4.16 31.45 30.70
CA ASP F 203 -4.72 30.11 30.48
C ASP F 203 -6.13 30.06 31.08
N PHE F 204 -7.10 30.61 30.34
CA PHE F 204 -8.46 30.62 30.84
C PHE F 204 -9.05 29.21 30.91
N ARG F 205 -8.60 28.31 30.05
CA ARG F 205 -9.06 26.93 30.13
C ARG F 205 -8.68 26.32 31.46
N LYS F 206 -7.46 26.59 31.93
CA LYS F 206 -7.06 26.11 33.25
C LYS F 206 -7.92 26.71 34.35
N THR F 207 -8.26 27.99 34.24
CA THR F 207 -9.09 28.62 35.25
C THR F 207 -10.47 27.97 35.30
N ILE F 208 -11.09 27.77 34.15
CA ILE F 208 -12.41 27.15 34.12
C ILE F 208 -12.33 25.71 34.62
N GLY F 209 -11.27 24.99 34.26
CA GLY F 209 -11.11 23.64 34.75
C GLY F 209 -10.97 23.57 36.26
N GLU F 210 -10.18 24.48 36.83
CA GLU F 210 -10.04 24.54 38.28
C GLU F 210 -11.36 24.87 38.95
N LEU F 211 -12.10 25.83 38.40
CA LEU F 211 -13.41 26.15 38.97
C LEU F 211 -14.34 24.96 38.90
N ASP F 212 -14.34 24.25 37.77
CA ASP F 212 -15.26 23.13 37.60
C ASP F 212 -14.86 21.97 38.52
N SER F 213 -13.56 21.75 38.72
CA SER F 213 -13.12 20.76 39.68
C SER F 213 -13.54 21.12 41.10
N TYR F 214 -13.41 22.40 41.46
CA TYR F 214 -13.84 22.87 42.78
C TYR F 214 -15.34 22.82 42.98
N SER F 215 -16.12 22.89 41.89
CA SER F 215 -17.56 23.09 41.98
C SER F 215 -18.32 22.00 42.71
N SER F 216 -17.64 20.95 43.16
CA SER F 216 -18.33 19.89 43.89
C SER F 216 -18.92 20.42 45.20
N LYS F 217 -18.17 21.26 45.92
CA LYS F 217 -18.66 21.81 47.17
C LYS F 217 -19.70 22.90 46.97
N GLY F 218 -19.73 23.52 45.79
CA GLY F 218 -20.67 24.59 45.54
C GLY F 218 -20.26 25.95 46.08
N VAL F 219 -19.08 26.06 46.68
CA VAL F 219 -18.60 27.32 47.22
C VAL F 219 -17.11 27.45 46.94
N LEU F 220 -16.65 28.69 46.76
CA LEU F 220 -15.24 28.99 46.48
C LEU F 220 -14.62 29.59 47.74
N ASP F 221 -13.78 28.80 48.42
CA ASP F 221 -13.11 29.25 49.63
C ASP F 221 -11.59 29.32 49.45
N ALA F 222 -10.96 28.21 49.10
CA ALA F 222 -9.51 28.20 48.98
C ALA F 222 -9.07 28.79 47.65
N GLY F 223 -9.49 28.17 46.55
CA GLY F 223 -9.14 28.66 45.22
C GLY F 223 -7.71 28.41 44.80
N ILE F 224 -6.76 28.85 45.61
CA ILE F 224 -5.35 28.78 45.23
C ILE F 224 -4.71 27.45 45.60
N LEU F 225 -5.28 26.72 46.55
CA LEU F 225 -4.76 25.40 46.93
C LEU F 225 -5.19 24.39 45.88
N SER F 226 -4.46 24.39 44.77
CA SER F 226 -4.77 23.56 43.62
C SER F 226 -3.84 22.36 43.57
N LEU F 227 -4.33 21.28 42.95
CA LEU F 227 -3.64 20.00 42.92
C LEU F 227 -3.83 19.40 41.53
N VAL F 228 -3.56 18.10 41.42
CA VAL F 228 -3.72 17.29 40.20
C VAL F 228 -3.06 17.99 39.01
N THR F 229 -1.89 18.58 39.25
CA THR F 229 -1.00 19.10 38.22
C THR F 229 -1.54 20.37 37.57
N ASN F 230 -2.76 20.75 37.91
CA ASN F 230 -3.37 21.99 37.44
C ASN F 230 -3.32 22.08 35.91
N ASP F 231 -3.99 21.11 35.26
CA ASP F 231 -4.04 21.02 33.81
C ASP F 231 -2.67 20.78 33.19
N ARG F 232 -2.61 20.68 31.86
CA ARG F 232 -1.36 20.42 31.17
C ARG F 232 -0.54 21.69 30.92
N GLY F 233 -1.13 22.86 31.11
CA GLY F 233 -0.36 24.09 30.98
C GLY F 233 0.75 24.18 32.00
N ALA F 234 0.49 23.73 33.23
CA ALA F 234 1.51 23.68 34.25
C ALA F 234 2.46 22.51 34.01
N ILE F 235 3.67 22.64 34.53
CA ILE F 235 4.72 21.65 34.31
C ILE F 235 5.33 21.26 35.65
N ASP F 236 4.64 21.61 36.74
CA ASP F 236 5.19 21.39 38.07
C ASP F 236 5.48 19.91 38.33
N ASP F 237 4.72 19.02 37.69
CA ASP F 237 4.92 17.58 37.91
C ASP F 237 6.31 17.14 37.45
N VAL F 238 6.80 17.70 36.35
CA VAL F 238 8.15 17.38 35.88
C VAL F 238 9.18 17.85 36.89
N LEU F 239 8.98 19.05 37.46
CA LEU F 239 9.92 19.55 38.46
C LEU F 239 9.93 18.67 39.70
N GLU F 240 8.76 18.24 40.16
CA GLU F 240 8.71 17.35 41.32
C GLU F 240 9.38 16.02 41.01
N SER F 241 9.17 15.48 39.80
CA SER F 241 9.82 14.23 39.44
C SER F 241 11.34 14.39 39.39
N LEU F 242 11.82 15.51 38.85
CA LEU F 242 13.26 15.74 38.75
C LEU F 242 13.89 15.99 40.11
N LYS F 243 13.16 16.63 41.03
CA LYS F 243 13.67 16.87 42.37
C LYS F 243 13.93 15.57 43.10
N ASN F 244 13.06 14.57 42.91
CA ASN F 244 13.19 13.29 43.57
C ASN F 244 14.27 12.41 42.96
N LYS F 245 14.85 12.81 41.82
CA LYS F 245 15.82 12.01 41.09
C LYS F 245 15.24 10.63 40.75
N ASP F 246 13.96 10.62 40.38
CA ASP F 246 13.26 9.39 40.00
C ASP F 246 13.38 9.23 38.49
N VAL F 247 14.37 8.45 38.07
CA VAL F 247 14.64 8.30 36.64
C VAL F 247 13.53 7.49 35.96
N LYS F 248 12.96 6.50 36.66
CA LYS F 248 11.91 5.69 36.05
C LYS F 248 10.65 6.50 35.83
N GLN F 249 10.30 7.36 36.79
CA GLN F 249 9.13 8.22 36.60
C GLN F 249 9.35 9.21 35.46
N LEU F 250 10.56 9.75 35.34
CA LEU F 250 10.87 10.62 34.21
C LEU F 250 10.75 9.87 32.90
N ARG F 251 11.25 8.63 32.85
CA ARG F 251 11.14 7.83 31.64
C ARG F 251 9.69 7.56 31.27
N ALA F 252 8.86 7.24 32.26
CA ALA F 252 7.45 6.99 32.00
C ALA F 252 6.68 8.26 31.68
N LEU F 253 7.21 9.41 32.08
CA LEU F 253 6.51 10.69 31.92
C LEU F 253 6.90 11.41 30.64
N ALA F 254 8.07 11.12 30.08
CA ALA F 254 8.51 11.80 28.86
C ALA F 254 7.49 11.70 27.72
N PRO F 255 6.85 10.56 27.45
CA PRO F 255 5.87 10.53 26.35
C PRO F 255 4.71 11.48 26.54
N LYS F 256 4.38 11.86 27.77
CA LYS F 256 3.26 12.78 27.99
C LYS F 256 3.55 14.16 27.40
N TYR F 257 4.78 14.66 27.56
CA TYR F 257 5.13 15.99 27.11
C TYR F 257 5.99 15.97 25.85
N ALA F 258 6.14 14.83 25.19
CA ALA F 258 6.89 14.77 23.94
C ALA F 258 6.06 15.20 22.75
N ALA F 259 4.74 15.26 22.88
CA ALA F 259 3.90 15.67 21.77
C ALA F 259 4.17 17.12 21.39
N ASP F 260 4.38 17.98 22.37
CA ASP F 260 4.74 19.37 22.15
C ASP F 260 6.08 19.61 22.84
N TYR F 261 7.16 19.30 22.13
CA TYR F 261 8.50 19.46 22.68
C TYR F 261 8.93 20.93 22.70
N SER F 262 8.55 21.68 21.67
CA SER F 262 9.05 23.04 21.53
C SER F 262 8.60 23.92 22.69
N TRP F 263 7.32 23.82 23.07
CA TRP F 263 6.84 24.62 24.19
C TRP F 263 7.32 24.04 25.51
N PHE F 264 7.37 22.72 25.62
CA PHE F 264 7.75 22.10 26.89
C PHE F 264 9.18 22.45 27.26
N VAL F 265 10.09 22.43 26.29
CA VAL F 265 11.49 22.66 26.62
C VAL F 265 11.69 24.09 27.11
N GLY F 266 11.01 25.05 26.49
CA GLY F 266 11.09 26.43 26.94
C GLY F 266 10.49 26.62 28.31
N LYS F 267 9.31 26.05 28.55
CA LYS F 267 8.71 26.15 29.88
C LYS F 267 9.58 25.50 30.93
N LEU F 268 10.20 24.37 30.59
CA LEU F 268 11.09 23.69 31.52
C LEU F 268 12.29 24.55 31.86
N ALA F 269 12.90 25.17 30.85
CA ALA F 269 14.03 26.04 31.13
C ALA F 269 13.62 27.20 32.02
N GLU F 270 12.49 27.84 31.71
CA GLU F 270 12.05 28.99 32.49
C GLU F 270 11.77 28.60 33.94
N GLU F 271 11.11 27.46 34.15
CA GLU F 271 10.77 27.06 35.51
C GLU F 271 12.00 26.62 36.29
N ILE F 272 12.91 25.89 35.64
CA ILE F 272 14.11 25.42 36.33
C ILE F 272 15.02 26.58 36.70
N TYR F 273 15.06 27.63 35.88
CA TYR F 273 15.94 28.76 36.17
C TYR F 273 15.65 29.35 37.55
N SER F 274 14.38 29.51 37.89
CA SER F 274 14.02 30.17 39.14
C SER F 274 14.22 29.28 40.36
N ARG F 275 14.51 27.99 40.17
CA ARG F 275 14.51 27.03 41.27
C ARG F 275 15.87 26.43 41.56
N VAL F 276 16.94 26.88 40.88
CA VAL F 276 18.24 26.24 41.00
C VAL F 276 19.31 27.32 41.20
N THR F 277 20.44 26.88 41.76
CA THR F 277 21.57 27.78 41.95
C THR F 277 22.17 28.20 40.60
N PRO F 278 22.84 29.35 40.54
CA PRO F 278 23.32 29.86 39.25
C PRO F 278 24.27 28.94 38.51
N GLN F 279 25.13 28.19 39.22
CA GLN F 279 26.06 27.30 38.54
C GLN F 279 25.32 26.19 37.80
N SER F 280 24.38 25.54 38.49
CA SER F 280 23.58 24.53 37.81
C SER F 280 22.62 25.16 36.81
N ILE F 281 22.31 26.44 36.95
CA ILE F 281 21.57 27.15 35.90
C ILE F 281 22.40 27.20 34.62
N ILE F 282 23.68 27.57 34.75
CA ILE F 282 24.50 27.65 33.55
C ILE F 282 24.72 26.25 32.99
N ARG F 283 24.76 25.23 33.84
CA ARG F 283 24.90 23.87 33.35
C ARG F 283 23.65 23.41 32.61
N MET F 284 22.48 23.69 33.18
CA MET F 284 21.23 23.30 32.54
C MET F 284 21.03 24.02 31.23
N TYR F 285 21.51 25.25 31.11
CA TYR F 285 21.40 25.93 29.83
C TYR F 285 22.15 25.17 28.74
N GLU F 286 23.40 24.77 29.02
CA GLU F 286 24.13 23.99 28.04
C GLU F 286 23.44 22.66 27.76
N ILE F 287 22.96 21.98 28.80
CA ILE F 287 22.38 20.66 28.60
C ILE F 287 21.10 20.74 27.78
N VAL F 288 20.20 21.66 28.16
CA VAL F 288 18.92 21.80 27.49
C VAL F 288 19.10 22.32 26.07
N GLY F 289 20.02 23.27 25.88
CA GLY F 289 20.28 23.77 24.54
C GLY F 289 20.91 22.72 23.64
N GLU F 290 21.79 21.89 24.19
CA GLU F 290 22.35 20.80 23.41
C GLU F 290 21.28 19.82 23.00
N ASN F 291 20.34 19.52 23.90
CA ASN F 291 19.24 18.63 23.53
C ASN F 291 18.29 19.29 22.53
N ASN F 292 18.13 20.62 22.63
CA ASN F 292 17.26 21.35 21.71
C ASN F 292 17.87 21.46 20.33
N GLN F 293 19.21 21.46 20.24
CA GLN F 293 19.87 21.57 18.95
C GLN F 293 19.54 20.38 18.07
N TYR F 294 19.49 19.18 18.66
CA TYR F 294 19.36 17.96 17.90
C TYR F 294 17.92 17.45 17.85
N HIS F 295 16.94 18.28 18.17
CA HIS F 295 15.55 17.82 18.05
C HIS F 295 15.19 17.52 16.61
N GLY F 296 15.61 18.38 15.68
CA GLY F 296 15.22 18.19 14.30
C GLY F 296 15.71 16.89 13.71
N ILE F 297 16.91 16.44 14.12
CA ILE F 297 17.46 15.19 13.63
C ILE F 297 17.05 14.00 14.49
N ALA F 298 16.31 14.24 15.57
CA ALA F 298 15.91 13.16 16.48
C ALA F 298 14.81 12.33 15.84
N ALA F 299 15.07 11.04 15.66
CA ALA F 299 14.07 10.16 15.07
C ALA F 299 12.84 10.03 15.97
N ASN F 300 13.06 9.87 17.27
CA ASN F 300 11.97 9.74 18.23
C ASN F 300 12.10 10.85 19.27
N THR F 301 11.02 11.62 19.44
CA THR F 301 11.04 12.72 20.40
C THR F 301 10.98 12.20 21.84
N GLU F 302 10.31 11.07 22.05
CA GLU F 302 10.19 10.53 23.40
C GLU F 302 11.56 10.17 23.97
N LEU F 303 12.38 9.48 23.19
CA LEU F 303 13.72 9.12 23.66
C LEU F 303 14.58 10.35 23.86
N HIS F 304 14.43 11.35 22.98
CA HIS F 304 15.17 12.60 23.14
C HIS F 304 14.84 13.26 24.47
N LEU F 305 13.55 13.37 24.77
CA LEU F 305 13.14 14.02 26.01
C LEU F 305 13.55 13.18 27.21
N ALA F 306 13.50 11.86 27.09
CA ALA F 306 13.93 11.00 28.19
C ALA F 306 15.41 11.18 28.47
N TYR F 307 16.22 11.31 27.42
CA TYR F 307 17.65 11.57 27.62
C TYR F 307 17.87 12.93 28.26
N LEU F 308 17.11 13.94 27.84
CA LEU F 308 17.24 15.25 28.48
C LEU F 308 16.89 15.16 29.96
N PHE F 309 15.83 14.43 30.30
CA PHE F 309 15.47 14.24 31.69
C PHE F 309 16.58 13.54 32.47
N ILE F 310 17.17 12.50 31.87
CA ILE F 310 18.25 11.77 32.55
C ILE F 310 19.43 12.68 32.80
N GLN F 311 19.82 13.47 31.79
CA GLN F 311 20.95 14.37 31.96
C GLN F 311 20.67 15.40 33.06
N LEU F 312 19.46 15.95 33.07
CA LEU F 312 19.10 16.93 34.08
C LEU F 312 19.10 16.31 35.48
N ALA F 313 18.58 15.10 35.61
CA ALA F 313 18.58 14.43 36.90
C ALA F 313 20.00 14.18 37.39
N CYS F 314 20.88 13.74 36.49
CA CYS F 314 22.21 13.31 36.88
C CYS F 314 23.26 14.42 36.81
N GLU F 315 22.88 15.66 36.48
CA GLU F 315 23.90 16.70 36.41
C GLU F 315 23.41 18.04 36.97
N MET F 316 22.50 18.03 37.94
CA MET F 316 22.02 19.27 38.54
C MET F 316 22.00 19.19 40.05
N GLN F 317 22.37 20.30 40.69
CA GLN F 317 22.34 20.45 42.13
C GLN F 317 21.17 21.36 42.47
N TRP F 318 20.14 20.79 43.08
CA TRP F 318 18.91 21.53 43.30
C TRP F 318 19.08 22.59 44.38
N LYS F 319 18.13 23.52 44.43
CA LYS F 319 18.13 24.60 45.40
C LYS F 319 16.76 24.76 46.04
N MET G 1 -5.73 42.15 -19.23
CA MET G 1 -4.78 41.14 -19.65
C MET G 1 -4.37 40.28 -18.46
N ILE G 2 -5.35 39.95 -17.62
CA ILE G 2 -5.14 39.21 -16.40
C ILE G 2 -6.16 38.07 -16.38
N THR G 3 -5.87 37.05 -15.58
CA THR G 3 -6.75 35.89 -15.46
C THR G 3 -7.50 35.97 -14.15
N VAL G 4 -8.83 35.90 -14.23
CA VAL G 4 -9.71 35.98 -13.07
C VAL G 4 -10.64 34.78 -13.09
N ASN G 5 -10.72 34.08 -11.97
CA ASN G 5 -11.66 32.97 -11.79
C ASN G 5 -12.72 33.43 -10.81
N GLU G 6 -13.89 33.77 -11.32
CA GLU G 6 -14.92 34.38 -10.48
C GLU G 6 -15.47 33.41 -9.44
N LYS G 7 -15.26 32.10 -9.62
CA LYS G 7 -15.76 31.15 -8.64
C LYS G 7 -15.09 31.34 -7.29
N GLU G 8 -13.78 31.57 -7.28
CA GLU G 8 -13.02 31.63 -6.05
C GLU G 8 -13.05 33.02 -5.44
N HIS G 9 -12.92 33.06 -4.11
CA HIS G 9 -12.77 34.30 -3.37
C HIS G 9 -11.41 34.43 -2.72
N ILE G 10 -10.59 33.38 -2.73
CA ILE G 10 -9.21 33.50 -2.26
C ILE G 10 -8.42 34.28 -3.29
N LEU G 11 -7.72 35.32 -2.84
CA LEU G 11 -7.08 36.22 -3.78
C LEU G 11 -5.95 35.54 -4.54
N GLU G 12 -5.24 34.64 -3.89
CA GLU G 12 -4.17 33.91 -4.55
C GLU G 12 -4.69 32.79 -5.44
N GLN G 13 -5.98 32.48 -5.37
CA GLN G 13 -6.60 31.49 -6.22
C GLN G 13 -7.48 32.10 -7.29
N LYS G 14 -8.03 33.28 -7.02
CA LYS G 14 -8.86 33.97 -8.00
C LYS G 14 -8.04 34.48 -9.17
N TYR G 15 -6.80 34.89 -8.92
CA TYR G 15 -5.94 35.51 -9.93
C TYR G 15 -4.79 34.58 -10.34
N ARG G 16 -5.07 33.30 -10.47
CA ARG G 16 -4.06 32.34 -10.90
C ARG G 16 -3.79 32.51 -12.38
N PRO G 17 -2.54 32.70 -12.80
CA PRO G 17 -2.24 32.84 -14.23
C PRO G 17 -2.66 31.61 -15.02
N SER G 18 -3.15 31.84 -16.23
CA SER G 18 -3.62 30.76 -17.07
C SER G 18 -2.74 30.51 -18.29
N THR G 19 -1.73 31.35 -18.54
CA THR G 19 -0.83 31.18 -19.65
C THR G 19 0.60 31.42 -19.18
N ILE G 20 1.56 30.87 -19.93
CA ILE G 20 2.96 30.98 -19.53
C ILE G 20 3.42 32.44 -19.59
N ASP G 21 2.88 33.22 -20.51
CA ASP G 21 3.22 34.64 -20.55
C ASP G 21 2.80 35.34 -19.28
N GLU G 22 1.63 35.00 -18.75
CA GLU G 22 1.13 35.64 -17.54
C GLU G 22 1.87 35.18 -16.30
N CYS G 23 2.56 34.04 -16.35
CA CYS G 23 3.32 33.59 -15.20
C CYS G 23 4.51 34.51 -14.96
N ILE G 24 5.00 34.50 -13.73
CA ILE G 24 6.17 35.26 -13.33
C ILE G 24 7.27 34.26 -13.01
N LEU G 25 8.15 34.04 -13.98
CA LEU G 25 9.20 33.04 -13.89
C LEU G 25 10.52 33.68 -14.24
N PRO G 26 11.63 33.08 -13.83
CA PRO G 26 12.94 33.58 -14.26
C PRO G 26 13.06 33.54 -15.77
N ALA G 27 14.05 34.27 -16.28
CA ALA G 27 14.22 34.36 -17.73
C ALA G 27 14.43 32.98 -18.34
N PHE G 28 15.34 32.19 -17.77
CA PHE G 28 15.62 30.89 -18.34
C PHE G 28 14.45 29.93 -18.18
N ASP G 29 13.80 29.94 -17.01
CA ASP G 29 12.67 29.05 -16.80
C ASP G 29 11.55 29.37 -17.77
N LYS G 30 11.21 30.66 -17.90
CA LYS G 30 10.15 31.04 -18.82
C LYS G 30 10.54 30.75 -20.26
N GLU G 31 11.82 30.88 -20.61
CA GLU G 31 12.24 30.54 -21.96
C GLU G 31 12.09 29.05 -22.21
N THR G 32 12.41 28.23 -21.22
CA THR G 32 12.19 26.79 -21.36
C THR G 32 10.72 26.49 -21.58
N PHE G 33 9.84 27.13 -20.81
CA PHE G 33 8.42 26.82 -20.93
C PHE G 33 7.84 27.33 -22.25
N LYS G 34 8.30 28.49 -22.70
CA LYS G 34 7.86 29.00 -23.99
C LYS G 34 8.34 28.09 -25.12
N SER G 35 9.57 27.59 -25.01
CA SER G 35 10.06 26.64 -26.00
C SER G 35 9.23 25.36 -26.01
N ILE G 36 8.89 24.85 -24.83
CA ILE G 36 8.08 23.64 -24.74
C ILE G 36 6.72 23.85 -25.39
N THR G 37 6.08 24.99 -25.10
CA THR G 37 4.78 25.26 -25.70
C THR G 37 4.88 25.53 -27.19
N SER G 38 6.02 26.03 -27.67
CA SER G 38 6.19 26.26 -29.09
C SER G 38 6.43 24.97 -29.86
N LYS G 39 7.12 24.00 -29.24
CA LYS G 39 7.28 22.71 -29.88
C LYS G 39 5.96 21.97 -30.05
N GLY G 40 4.96 22.30 -29.23
CA GLY G 40 3.65 21.72 -29.34
C GLY G 40 3.47 20.40 -28.61
N LYS G 41 4.53 19.86 -28.00
CA LYS G 41 4.45 18.58 -27.30
C LYS G 41 5.20 18.72 -25.98
N ILE G 42 4.47 18.61 -24.88
CA ILE G 42 5.06 18.69 -23.55
C ILE G 42 5.74 17.35 -23.25
N PRO G 43 6.99 17.36 -22.82
CA PRO G 43 7.64 16.12 -22.37
C PRO G 43 7.26 15.84 -20.92
N HIS G 44 7.86 14.80 -20.35
CA HIS G 44 7.72 14.57 -18.93
C HIS G 44 8.45 15.68 -18.19
N ILE G 45 7.78 16.31 -17.23
CA ILE G 45 8.38 17.42 -16.50
C ILE G 45 8.24 17.15 -15.02
N ILE G 46 9.20 17.65 -14.24
CA ILE G 46 9.09 17.67 -12.78
C ILE G 46 9.36 19.11 -12.36
N LEU G 47 8.32 19.81 -11.95
CA LEU G 47 8.47 21.16 -11.43
C LEU G 47 8.62 21.08 -9.92
N HIS G 48 9.82 21.34 -9.42
CA HIS G 48 10.07 21.17 -8.00
C HIS G 48 10.69 22.42 -7.42
N SER G 49 10.37 22.71 -6.18
CA SER G 49 10.92 23.84 -5.44
C SER G 49 10.60 23.69 -3.97
N PRO G 50 11.59 23.75 -3.08
CA PRO G 50 11.28 23.59 -1.65
C PRO G 50 10.35 24.66 -1.11
N SER G 51 10.44 25.89 -1.62
CA SER G 51 9.63 26.99 -1.10
C SER G 51 8.30 27.05 -1.82
N PRO G 52 7.18 26.94 -1.13
CA PRO G 52 5.88 26.94 -1.81
C PRO G 52 5.57 28.30 -2.42
N GLY G 53 4.61 28.29 -3.35
CA GLY G 53 4.14 29.50 -3.96
C GLY G 53 4.96 30.00 -5.12
N THR G 54 5.97 29.26 -5.56
CA THR G 54 6.83 29.74 -6.63
C THR G 54 6.19 29.62 -8.00
N GLY G 55 5.13 28.85 -8.15
CA GLY G 55 4.41 28.81 -9.41
C GLY G 55 4.45 27.47 -10.13
N LYS G 56 4.59 26.37 -9.39
CA LYS G 56 4.68 25.07 -10.02
C LYS G 56 3.35 24.62 -10.59
N THR G 57 2.30 24.61 -9.75
CA THR G 57 0.99 24.19 -10.22
C THR G 57 0.48 25.12 -11.30
N THR G 58 0.72 26.42 -11.13
CA THR G 58 0.34 27.38 -12.16
C THR G 58 1.00 27.06 -13.48
N VAL G 59 2.29 26.73 -13.45
CA VAL G 59 3.01 26.45 -14.68
C VAL G 59 2.53 25.16 -15.31
N ALA G 60 2.19 24.15 -14.49
CA ALA G 60 1.69 22.91 -15.05
C ALA G 60 0.35 23.11 -15.74
N LYS G 61 -0.58 23.79 -15.06
CA LYS G 61 -1.88 24.05 -15.67
C LYS G 61 -1.73 24.94 -16.90
N ALA G 62 -0.80 25.89 -16.87
CA ALA G 62 -0.59 26.77 -18.01
C ALA G 62 0.06 26.04 -19.17
N LEU G 63 0.95 25.08 -18.90
CA LEU G 63 1.51 24.26 -19.96
C LEU G 63 0.44 23.40 -20.60
N CYS G 64 -0.46 22.84 -19.80
CA CYS G 64 -1.56 22.10 -20.38
C CYS G 64 -2.47 23.01 -21.20
N HIS G 65 -2.70 24.24 -20.75
CA HIS G 65 -3.61 25.12 -21.46
C HIS G 65 -3.00 25.65 -22.75
N ASP G 66 -1.73 26.07 -22.72
CA ASP G 66 -1.10 26.64 -23.90
C ASP G 66 -0.97 25.62 -25.03
N VAL G 67 -0.52 24.41 -24.69
CA VAL G 67 -0.44 23.33 -25.65
C VAL G 67 -1.80 22.83 -26.09
N ASN G 68 -2.86 23.22 -25.36
CA ASN G 68 -4.21 22.70 -25.57
C ASN G 68 -4.25 21.19 -25.30
N ALA G 69 -3.50 20.77 -24.30
CA ALA G 69 -3.40 19.36 -23.97
C ALA G 69 -4.65 18.88 -23.26
N ASP G 70 -4.91 17.59 -23.36
CA ASP G 70 -5.96 16.92 -22.60
C ASP G 70 -5.43 16.68 -21.19
N MET G 71 -5.82 17.53 -20.25
CA MET G 71 -5.19 17.56 -18.96
C MET G 71 -6.01 16.78 -17.93
N MET G 72 -5.33 16.00 -17.13
CA MET G 72 -5.93 15.25 -16.03
C MET G 72 -5.20 15.67 -14.76
N PHE G 73 -5.84 16.51 -13.95
CA PHE G 73 -5.22 17.00 -12.73
C PHE G 73 -5.59 16.07 -11.59
N VAL G 74 -4.60 15.47 -10.96
CA VAL G 74 -4.82 14.52 -9.88
C VAL G 74 -3.99 14.95 -8.68
N ASN G 75 -4.62 14.95 -7.51
CA ASN G 75 -3.89 15.10 -6.26
C ASN G 75 -2.83 14.03 -6.18
N GLY G 76 -1.59 14.42 -5.92
CA GLY G 76 -0.54 13.42 -5.85
C GLY G 76 -0.79 12.41 -4.75
N SER G 77 -1.21 12.88 -3.58
CA SER G 77 -1.45 11.98 -2.46
C SER G 77 -2.57 10.99 -2.73
N ASP G 78 -3.43 11.25 -3.70
CA ASP G 78 -4.43 10.28 -4.11
C ASP G 78 -3.95 9.34 -5.18
N CYS G 79 -2.79 9.63 -5.79
CA CYS G 79 -2.28 8.84 -6.91
C CYS G 79 -1.51 7.63 -6.38
N LYS G 80 -2.23 6.77 -5.68
CA LYS G 80 -1.67 5.51 -5.22
C LYS G 80 -1.53 4.56 -6.40
N ILE G 81 -0.94 3.40 -6.17
CA ILE G 81 -0.63 2.52 -7.29
C ILE G 81 -1.89 1.98 -7.93
N ASP G 82 -2.94 1.75 -7.14
CA ASP G 82 -4.20 1.31 -7.72
C ASP G 82 -4.88 2.43 -8.50
N PHE G 83 -4.47 3.67 -8.27
CA PHE G 83 -4.88 4.78 -9.11
C PHE G 83 -4.10 4.81 -10.43
N VAL G 84 -2.81 4.52 -10.38
CA VAL G 84 -2.03 4.48 -11.62
C VAL G 84 -2.50 3.33 -12.50
N ARG G 85 -2.89 2.21 -11.90
CA ARG G 85 -3.39 1.10 -12.70
C ARG G 85 -4.82 1.35 -13.20
N GLY G 86 -5.53 2.30 -12.62
CA GLY G 86 -6.92 2.50 -12.92
C GLY G 86 -7.17 3.74 -13.76
N PRO G 87 -7.52 4.83 -13.10
CA PRO G 87 -7.80 6.07 -13.85
C PRO G 87 -6.66 6.55 -14.73
N LEU G 88 -5.41 6.46 -14.27
CA LEU G 88 -4.31 6.92 -15.10
C LEU G 88 -4.14 6.08 -16.36
N THR G 89 -4.23 4.76 -16.23
CA THR G 89 -4.07 3.91 -17.41
C THR G 89 -5.25 4.07 -18.36
N ASN G 90 -6.46 4.18 -17.81
CA ASN G 90 -7.62 4.43 -18.65
C ASN G 90 -7.49 5.76 -19.38
N PHE G 91 -6.93 6.78 -18.73
CA PHE G 91 -6.73 8.06 -19.40
C PHE G 91 -5.65 7.97 -20.47
N ALA G 92 -4.52 7.37 -20.13
CA ALA G 92 -3.40 7.33 -21.07
C ALA G 92 -3.68 6.42 -22.24
N SER G 93 -4.61 5.48 -22.11
CA SER G 93 -4.98 4.59 -23.21
C SER G 93 -6.32 4.98 -23.81
N ALA G 94 -6.58 6.27 -23.97
CA ALA G 94 -7.77 6.76 -24.63
C ALA G 94 -7.36 7.40 -25.95
N ALA G 95 -8.24 7.32 -26.94
CA ALA G 95 -7.90 7.81 -28.27
C ALA G 95 -7.79 9.32 -28.26
N SER G 96 -6.81 9.83 -29.01
CA SER G 96 -6.69 11.27 -29.25
C SER G 96 -7.27 11.55 -30.62
N PHE G 97 -8.60 11.66 -30.67
CA PHE G 97 -9.29 11.86 -31.94
C PHE G 97 -8.91 13.21 -32.55
N ASP G 98 -8.81 14.25 -31.75
CA ASP G 98 -8.56 15.60 -32.23
C ASP G 98 -7.11 16.01 -32.10
N GLY G 99 -6.20 15.08 -31.82
CA GLY G 99 -4.79 15.36 -31.80
C GLY G 99 -4.27 16.01 -30.55
N ARG G 100 -5.13 16.26 -29.56
CA ARG G 100 -4.68 16.85 -28.31
C ARG G 100 -3.78 15.87 -27.58
N GLN G 101 -2.64 16.36 -27.10
CA GLN G 101 -1.81 15.53 -26.24
C GLN G 101 -2.47 15.34 -24.89
N LYS G 102 -2.16 14.24 -24.24
CA LYS G 102 -2.66 13.97 -22.91
C LYS G 102 -1.57 14.27 -21.89
N VAL G 103 -1.88 15.11 -20.92
CA VAL G 103 -0.92 15.46 -19.89
C VAL G 103 -1.54 15.15 -18.55
N ILE G 104 -0.85 14.35 -17.75
CA ILE G 104 -1.32 13.95 -16.44
C ILE G 104 -0.54 14.78 -15.42
N VAL G 105 -1.15 15.84 -14.92
CA VAL G 105 -0.50 16.66 -13.90
C VAL G 105 -0.71 15.98 -12.55
N ILE G 106 0.35 15.48 -11.95
CA ILE G 106 0.28 14.83 -10.65
C ILE G 106 0.83 15.82 -9.64
N ASP G 107 -0.06 16.61 -9.06
CA ASP G 107 0.34 17.71 -8.19
C ASP G 107 0.79 17.20 -6.83
N GLU G 108 1.88 17.77 -6.32
CA GLU G 108 2.37 17.45 -4.97
C GLU G 108 2.65 15.96 -4.83
N PHE G 109 3.40 15.42 -5.78
CA PHE G 109 3.73 14.00 -5.83
C PHE G 109 5.05 13.71 -5.14
N ASP G 110 5.25 14.25 -3.95
CA ASP G 110 6.49 14.06 -3.21
C ASP G 110 6.27 13.32 -1.90
N ARG G 111 5.08 12.80 -1.66
CA ARG G 111 4.82 12.08 -0.43
C ARG G 111 5.63 10.80 -0.41
N SER G 112 6.16 10.45 0.77
CA SER G 112 7.00 9.27 0.86
C SER G 112 6.20 7.99 0.62
N GLY G 113 5.00 7.90 1.17
CA GLY G 113 4.21 6.70 1.06
C GLY G 113 3.83 6.35 -0.36
N LEU G 114 4.01 7.25 -1.29
CA LEU G 114 3.73 6.99 -2.69
C LEU G 114 4.94 6.51 -3.46
N ALA G 115 6.07 6.25 -2.79
CA ALA G 115 7.24 5.79 -3.51
C ALA G 115 6.89 4.59 -4.38
N GLU G 116 6.15 3.63 -3.83
CA GLU G 116 5.75 2.46 -4.61
C GLU G 116 4.97 2.86 -5.84
N SER G 117 4.01 3.77 -5.69
CA SER G 117 3.30 4.25 -6.87
C SER G 117 4.25 4.83 -7.89
N GLN G 118 5.23 5.63 -7.43
CA GLN G 118 6.22 6.16 -8.35
C GLN G 118 7.00 5.05 -9.01
N ARG G 119 7.32 3.99 -8.26
CA ARG G 119 8.03 2.88 -8.87
C ARG G 119 7.20 2.16 -9.91
N HIS G 120 5.88 2.34 -9.89
CA HIS G 120 5.07 1.81 -10.97
C HIS G 120 5.10 2.73 -12.18
N LEU G 121 5.29 4.03 -11.97
CA LEU G 121 5.24 4.97 -13.07
C LEU G 121 6.48 4.90 -13.95
N ARG G 122 7.61 4.47 -13.39
CA ARG G 122 8.86 4.57 -14.14
C ARG G 122 8.88 3.67 -15.37
N SER G 123 7.96 2.72 -15.48
CA SER G 123 7.71 2.04 -16.74
C SER G 123 6.46 2.52 -17.44
N PHE G 124 5.45 2.98 -16.68
CA PHE G 124 4.27 3.60 -17.28
C PHE G 124 4.69 4.70 -18.24
N MET G 125 5.54 5.62 -17.78
CA MET G 125 5.98 6.73 -18.60
C MET G 125 6.83 6.32 -19.78
N GLU G 126 7.08 5.03 -19.98
CA GLU G 126 7.75 4.57 -21.17
C GLU G 126 6.84 3.81 -22.11
N ALA G 127 5.68 3.39 -21.65
CA ALA G 127 4.74 2.66 -22.49
C ALA G 127 3.65 3.54 -23.07
N TYR G 128 3.29 4.62 -22.38
CA TYR G 128 2.30 5.57 -22.86
C TYR G 128 2.92 6.92 -23.15
N SER G 129 4.19 6.94 -23.53
CA SER G 129 4.88 8.21 -23.76
C SER G 129 4.69 8.74 -25.17
N SER G 130 4.04 7.98 -26.05
CA SER G 130 3.82 8.47 -27.41
C SER G 130 2.89 9.68 -27.41
N ASN G 131 1.88 9.68 -26.55
CA ASN G 131 0.95 10.80 -26.51
C ASN G 131 0.53 11.24 -25.12
N CYS G 132 1.09 10.68 -24.06
CA CYS G 132 0.65 10.99 -22.69
C CYS G 132 1.86 11.34 -21.84
N SER G 133 2.12 12.63 -21.67
CA SER G 133 3.20 13.10 -20.82
C SER G 133 2.72 13.26 -19.39
N ILE G 134 3.67 13.33 -18.47
CA ILE G 134 3.38 13.45 -17.05
C ILE G 134 4.14 14.65 -16.50
N ILE G 135 3.41 15.54 -15.83
CA ILE G 135 3.99 16.71 -15.19
C ILE G 135 3.81 16.55 -13.70
N ILE G 136 4.92 16.42 -12.98
CA ILE G 136 4.91 16.13 -11.55
C ILE G 136 5.37 17.40 -10.85
N THR G 137 4.50 18.03 -10.09
CA THR G 137 4.90 19.17 -9.29
C THR G 137 5.14 18.67 -7.87
N ALA G 138 6.29 19.00 -7.31
CA ALA G 138 6.66 18.51 -6.00
C ALA G 138 7.38 19.60 -5.23
N ASN G 139 7.37 19.48 -3.90
CA ASN G 139 8.05 20.46 -3.07
C ASN G 139 9.51 20.06 -2.85
N ASN G 140 9.75 18.86 -2.36
CA ASN G 140 11.12 18.35 -2.24
C ASN G 140 11.37 17.28 -3.29
N ILE G 141 12.44 17.45 -4.06
CA ILE G 141 12.73 16.50 -5.13
C ILE G 141 13.19 15.18 -4.56
N ASP G 142 13.67 15.14 -3.32
CA ASP G 142 14.12 13.88 -2.75
C ASP G 142 12.96 12.91 -2.58
N GLY G 143 11.73 13.38 -2.58
CA GLY G 143 10.58 12.51 -2.50
C GLY G 143 10.19 11.85 -3.80
N ILE G 144 10.81 12.24 -4.90
CA ILE G 144 10.60 11.63 -6.20
C ILE G 144 11.80 10.75 -6.51
N ILE G 145 11.54 9.46 -6.74
CA ILE G 145 12.63 8.50 -6.85
C ILE G 145 13.49 8.85 -8.06
N LYS G 146 14.75 8.43 -8.02
CA LYS G 146 15.69 8.77 -9.08
C LYS G 146 15.26 8.30 -10.46
N PRO G 147 14.75 7.08 -10.67
CA PRO G 147 14.31 6.71 -12.02
C PRO G 147 13.25 7.61 -12.60
N LEU G 148 12.41 8.24 -11.78
CA LEU G 148 11.47 9.22 -12.30
C LEU G 148 12.17 10.51 -12.67
N GLN G 149 13.13 10.93 -11.85
CA GLN G 149 13.85 12.16 -12.16
C GLN G 149 14.64 12.03 -13.44
N SER G 150 15.05 10.82 -13.80
CA SER G 150 15.75 10.62 -15.05
C SER G 150 14.82 10.77 -16.24
N ARG G 151 13.59 10.28 -16.12
CA ARG G 151 12.65 10.31 -17.23
C ARG G 151 12.08 11.69 -17.52
N CYS G 152 12.20 12.63 -16.59
CA CYS G 152 11.51 13.90 -16.68
C CYS G 152 12.49 15.06 -16.73
N ARG G 153 12.10 16.10 -17.47
CA ARG G 153 12.80 17.37 -17.42
C ARG G 153 12.59 18.01 -16.07
N VAL G 154 13.61 18.02 -15.23
CA VAL G 154 13.48 18.55 -13.88
C VAL G 154 13.78 20.04 -13.90
N ILE G 155 12.80 20.84 -13.50
CA ILE G 155 12.90 22.29 -13.48
C ILE G 155 12.70 22.77 -12.05
N THR G 156 13.67 23.52 -11.54
CA THR G 156 13.66 23.98 -10.16
C THR G 156 13.15 25.40 -10.10
N PHE G 157 12.10 25.63 -9.34
CA PHE G 157 11.55 26.96 -9.15
C PHE G 157 12.13 27.60 -7.90
N GLY G 158 11.97 28.91 -7.81
CA GLY G 158 12.37 29.61 -6.62
C GLY G 158 13.86 29.82 -6.46
N GLN G 159 14.65 29.57 -7.50
CA GLN G 159 16.09 29.83 -7.47
C GLN G 159 16.46 30.65 -8.70
N PRO G 160 16.15 31.95 -8.69
CA PRO G 160 16.51 32.82 -9.80
C PRO G 160 17.88 33.46 -9.59
N THR G 161 18.43 33.98 -10.69
CA THR G 161 19.68 34.69 -10.61
C THR G 161 19.47 36.05 -9.98
N ASP G 162 20.59 36.72 -9.64
CA ASP G 162 20.49 38.02 -9.01
C ASP G 162 19.82 39.04 -9.94
N GLU G 163 20.18 39.03 -11.22
CA GLU G 163 19.59 39.95 -12.17
C GLU G 163 18.15 39.60 -12.52
N ASP G 164 17.71 38.39 -12.18
CA ASP G 164 16.34 37.96 -12.46
C ASP G 164 15.42 38.07 -11.26
N LYS G 165 15.98 38.03 -10.05
CA LYS G 165 15.18 38.25 -8.85
C LYS G 165 14.54 39.62 -8.87
N ILE G 166 15.29 40.65 -9.27
CA ILE G 166 14.76 42.00 -9.28
C ILE G 166 13.68 42.13 -10.36
N GLU G 167 13.90 41.51 -11.51
CA GLU G 167 12.90 41.57 -12.57
C GLU G 167 11.61 40.86 -12.14
N MET G 168 11.74 39.71 -11.47
CA MET G 168 10.54 39.01 -11.01
C MET G 168 9.83 39.78 -9.92
N MET G 169 10.57 40.45 -9.04
CA MET G 169 9.94 41.32 -8.06
C MET G 169 9.20 42.47 -8.72
N LYS G 170 9.79 43.07 -9.75
CA LYS G 170 9.12 44.14 -10.47
C LYS G 170 7.84 43.64 -11.14
N GLN G 171 7.91 42.46 -11.76
CA GLN G 171 6.72 41.89 -12.38
C GLN G 171 5.64 41.61 -11.34
N MET G 172 6.04 41.11 -10.17
CA MET G 172 5.09 40.90 -9.09
C MET G 172 4.47 42.21 -8.63
N ILE G 173 5.25 43.28 -8.54
CA ILE G 173 4.69 44.55 -8.12
C ILE G 173 3.65 45.04 -9.12
N ARG G 174 3.96 44.91 -10.42
CA ARG G 174 2.97 45.28 -11.43
C ARG G 174 1.71 44.42 -11.33
N ARG G 175 1.89 43.11 -11.15
CA ARG G 175 0.73 42.22 -11.05
C ARG G 175 -0.10 42.51 -9.81
N LEU G 176 0.54 42.83 -8.69
CA LEU G 176 -0.19 43.17 -7.48
C LEU G 176 -0.93 44.49 -7.64
N THR G 177 -0.32 45.44 -8.36
CA THR G 177 -1.03 46.69 -8.66
C THR G 177 -2.27 46.42 -9.50
N GLU G 178 -2.15 45.55 -10.50
CA GLU G 178 -3.32 45.19 -11.31
C GLU G 178 -4.38 44.47 -10.46
N ILE G 179 -3.94 43.59 -9.57
CA ILE G 179 -4.88 42.89 -8.70
C ILE G 179 -5.62 43.88 -7.81
N CYS G 180 -4.89 44.85 -7.25
CA CYS G 180 -5.52 45.86 -6.41
C CYS G 180 -6.50 46.71 -7.19
N LYS G 181 -6.15 47.05 -8.43
CA LYS G 181 -7.06 47.80 -9.29
C LYS G 181 -8.34 47.01 -9.57
N HIS G 182 -8.20 45.69 -9.78
CA HIS G 182 -9.37 44.87 -10.08
C HIS G 182 -10.24 44.66 -8.84
N GLU G 183 -9.62 44.34 -7.72
CA GLU G 183 -10.35 44.02 -6.49
C GLU G 183 -10.98 45.24 -5.84
N GLY G 184 -10.68 46.44 -6.31
CA GLY G 184 -11.17 47.62 -5.65
C GLY G 184 -10.35 48.05 -4.47
N ILE G 185 -9.13 47.54 -4.33
CA ILE G 185 -8.23 47.98 -3.26
C ILE G 185 -7.47 49.20 -3.76
N ALA G 186 -7.64 50.33 -3.08
CA ALA G 186 -6.98 51.57 -3.44
C ALA G 186 -5.69 51.70 -2.66
N ILE G 187 -4.56 51.51 -3.33
CA ILE G 187 -3.27 51.57 -2.67
C ILE G 187 -2.93 53.03 -2.35
N ALA G 188 -2.50 53.28 -1.12
CA ALA G 188 -2.01 54.60 -0.77
C ALA G 188 -0.69 54.90 -1.46
N ASP G 189 0.32 54.08 -1.18
CA ASP G 189 1.62 54.19 -1.83
C ASP G 189 2.09 52.81 -2.24
N MET G 190 2.76 52.73 -3.38
CA MET G 190 3.24 51.44 -3.86
C MET G 190 4.39 50.88 -3.03
N LYS G 191 4.93 51.66 -2.10
CA LYS G 191 6.05 51.17 -1.30
C LYS G 191 5.63 49.99 -0.43
N VAL G 192 4.41 50.01 0.09
CA VAL G 192 3.93 48.86 0.85
C VAL G 192 3.76 47.65 -0.05
N VAL G 193 3.34 47.87 -1.30
CA VAL G 193 3.25 46.76 -2.26
C VAL G 193 4.63 46.16 -2.48
N ALA G 194 5.64 47.01 -2.66
CA ALA G 194 7.00 46.51 -2.84
C ALA G 194 7.48 45.76 -1.60
N ALA G 195 7.10 46.25 -0.42
CA ALA G 195 7.47 45.56 0.80
C ALA G 195 6.83 44.18 0.89
N LEU G 196 5.56 44.09 0.50
CA LEU G 196 4.89 42.78 0.47
C LEU G 196 5.58 41.84 -0.50
N VAL G 197 5.94 42.34 -1.69
CA VAL G 197 6.56 41.50 -2.70
C VAL G 197 7.92 41.00 -2.21
N LYS G 198 8.71 41.88 -1.59
CA LYS G 198 10.04 41.50 -1.15
C LYS G 198 9.98 40.58 0.06
N LYS G 199 9.02 40.80 0.96
CA LYS G 199 8.99 40.07 2.22
C LYS G 199 8.74 38.59 2.00
N ASN G 200 7.76 38.26 1.15
CA ASN G 200 7.36 36.88 0.94
C ASN G 200 8.00 36.24 -0.29
N PHE G 201 8.87 36.95 -0.98
CA PHE G 201 9.55 36.36 -2.12
C PHE G 201 10.39 35.17 -1.65
N PRO G 202 10.45 34.07 -2.42
CA PRO G 202 9.87 33.82 -3.74
C PRO G 202 8.46 33.28 -3.69
N ASP G 203 7.86 33.23 -2.50
CA ASP G 203 6.51 32.72 -2.32
C ASP G 203 5.55 33.78 -2.82
N PHE G 204 5.16 33.64 -4.09
CA PHE G 204 4.35 34.68 -4.78
C PHE G 204 2.90 34.63 -4.27
N ARG G 205 2.50 33.47 -3.73
CA ARG G 205 1.11 33.27 -3.24
C ARG G 205 0.96 33.93 -1.86
N LYS G 206 1.82 33.57 -0.92
CA LYS G 206 1.86 34.23 0.43
C LYS G 206 1.87 35.75 0.24
N THR G 207 2.35 36.22 -0.92
CA THR G 207 2.30 37.64 -1.26
C THR G 207 0.88 38.10 -1.51
N ILE G 208 0.14 37.38 -2.35
CA ILE G 208 -1.24 37.77 -2.64
C ILE G 208 -2.13 37.55 -1.42
N GLY G 209 -1.89 36.47 -0.67
CA GLY G 209 -2.65 36.26 0.54
C GLY G 209 -2.47 37.39 1.54
N GLU G 210 -1.24 37.86 1.70
CA GLU G 210 -0.98 38.99 2.57
C GLU G 210 -1.56 40.27 2.00
N LEU G 211 -1.56 40.41 0.67
CA LEU G 211 -2.23 41.56 0.08
C LEU G 211 -3.69 41.60 0.46
N ASP G 212 -4.35 40.44 0.44
CA ASP G 212 -5.75 40.40 0.87
C ASP G 212 -5.87 40.66 2.36
N SER G 213 -4.98 40.08 3.17
CA SER G 213 -5.14 40.18 4.61
C SER G 213 -4.89 41.60 5.12
N TYR G 214 -3.94 42.31 4.53
CA TYR G 214 -3.65 43.69 4.89
C TYR G 214 -4.49 44.69 4.10
N SER G 215 -5.66 44.27 3.62
CA SER G 215 -6.57 45.13 2.87
C SER G 215 -8.00 44.91 3.33
N SER G 216 -8.19 44.90 4.65
CA SER G 216 -9.49 44.52 5.21
C SER G 216 -10.58 45.50 4.79
N LYS G 217 -10.34 46.80 5.00
CA LYS G 217 -11.38 47.79 4.71
C LYS G 217 -11.55 48.00 3.22
N GLY G 218 -10.46 48.01 2.47
CA GLY G 218 -10.51 48.32 1.06
C GLY G 218 -9.39 49.24 0.62
N VAL G 219 -8.48 49.53 1.55
CA VAL G 219 -7.32 50.36 1.27
C VAL G 219 -6.12 49.82 2.04
N LEU G 220 -4.94 49.92 1.42
CA LEU G 220 -3.68 49.59 2.08
C LEU G 220 -3.13 50.87 2.71
N ASP G 221 -3.22 50.96 4.03
CA ASP G 221 -2.77 52.17 4.72
C ASP G 221 -1.25 52.15 4.89
N ALA G 222 -0.72 53.28 5.33
CA ALA G 222 0.73 53.40 5.52
C ALA G 222 1.23 52.52 6.65
N GLY G 223 0.45 52.34 7.70
CA GLY G 223 0.86 51.48 8.80
C GLY G 223 1.12 50.05 8.37
N ILE G 224 0.52 49.63 7.26
CA ILE G 224 0.80 48.31 6.71
C ILE G 224 2.28 48.21 6.36
N LEU G 225 2.88 49.29 5.88
CA LEU G 225 4.29 49.29 5.53
C LEU G 225 5.15 49.02 6.75
N SER G 226 4.85 49.67 7.87
CA SER G 226 5.61 49.41 9.10
C SER G 226 5.32 48.02 9.63
N LEU G 227 4.13 47.48 9.37
CA LEU G 227 3.81 46.13 9.82
C LEU G 227 4.63 45.08 9.07
N VAL G 228 4.65 45.17 7.74
CA VAL G 228 5.27 44.12 6.93
C VAL G 228 6.79 44.20 7.01
N THR G 229 7.34 45.41 7.04
CA THR G 229 8.79 45.56 6.99
C THR G 229 9.46 44.92 8.19
N ASN G 230 8.94 45.19 9.39
CA ASN G 230 9.41 44.59 10.65
C ASN G 230 10.90 44.86 10.77
N ASP G 231 11.76 43.85 10.95
CA ASP G 231 13.20 43.93 11.08
C ASP G 231 13.65 44.64 12.36
N ARG G 232 12.72 45.15 13.16
CA ARG G 232 13.00 45.78 14.46
C ARG G 232 14.02 46.90 14.23
N GLY G 233 15.11 46.95 14.98
CA GLY G 233 16.12 47.97 14.80
C GLY G 233 17.44 47.53 15.39
N ALA G 234 18.19 48.51 15.90
CA ALA G 234 19.49 48.21 16.49
C ALA G 234 19.33 47.32 17.73
N ILE G 235 20.29 46.41 17.90
CA ILE G 235 20.25 45.45 18.99
C ILE G 235 21.18 45.86 20.14
N ASP G 236 21.48 47.15 20.26
CA ASP G 236 22.45 47.60 21.25
C ASP G 236 22.04 47.21 22.66
N ASP G 237 20.73 47.09 22.93
CA ASP G 237 20.29 46.65 24.25
C ASP G 237 20.76 45.23 24.54
N VAL G 238 20.71 44.34 23.55
CA VAL G 238 21.19 42.98 23.75
C VAL G 238 22.70 42.97 24.00
N LEU G 239 23.45 43.79 23.25
CA LEU G 239 24.89 43.86 23.47
C LEU G 239 25.21 44.36 24.87
N GLU G 240 24.49 45.39 25.33
CA GLU G 240 24.70 45.89 26.68
C GLU G 240 24.33 44.84 27.72
N SER G 241 23.22 44.12 27.50
CA SER G 241 22.82 43.07 28.44
C SER G 241 23.86 41.97 28.51
N LEU G 242 24.46 41.62 27.37
CA LEU G 242 25.55 40.65 27.36
C LEU G 242 26.75 41.19 28.15
N LYS G 243 27.07 42.46 27.96
CA LYS G 243 28.15 43.05 28.74
C LYS G 243 27.80 43.11 30.22
N ASN G 244 26.56 43.48 30.54
CA ASN G 244 26.13 43.50 31.94
C ASN G 244 26.00 42.12 32.53
N LYS G 245 25.91 41.08 31.69
CA LYS G 245 25.78 39.70 32.13
C LYS G 245 24.56 39.52 33.03
N ASP G 246 23.42 40.04 32.57
CA ASP G 246 22.15 39.89 33.26
C ASP G 246 21.31 38.88 32.49
N VAL G 247 21.14 37.68 33.05
CA VAL G 247 20.49 36.59 32.32
C VAL G 247 19.03 36.92 32.04
N LYS G 248 18.33 37.46 33.04
CA LYS G 248 16.90 37.71 32.87
C LYS G 248 16.63 38.71 31.75
N GLN G 249 17.45 39.76 31.67
CA GLN G 249 17.31 40.71 30.57
C GLN G 249 17.61 40.04 29.23
N LEU G 250 18.59 39.14 29.21
CA LEU G 250 18.91 38.43 27.97
C LEU G 250 17.71 37.64 27.48
N ARG G 251 17.05 36.91 28.38
CA ARG G 251 15.90 36.13 27.96
C ARG G 251 14.64 36.97 27.79
N ALA G 252 14.61 38.18 28.33
CA ALA G 252 13.52 39.09 28.01
C ALA G 252 13.67 39.65 26.60
N LEU G 253 14.91 39.89 26.18
CA LEU G 253 15.16 40.40 24.84
C LEU G 253 15.24 39.29 23.79
N ALA G 254 15.38 38.04 24.21
CA ALA G 254 15.46 36.94 23.25
C ALA G 254 14.20 36.78 22.41
N PRO G 255 12.98 36.70 22.97
CA PRO G 255 11.81 36.36 22.12
C PRO G 255 11.55 37.34 20.99
N LYS G 256 11.76 38.64 21.20
CA LYS G 256 11.47 39.59 20.14
C LYS G 256 12.47 39.46 18.98
N TYR G 257 13.71 39.11 19.29
CA TYR G 257 14.73 38.94 18.26
C TYR G 257 14.82 37.51 17.75
N ALA G 258 14.08 36.57 18.36
CA ALA G 258 14.05 35.20 17.88
C ALA G 258 13.20 35.06 16.62
N ALA G 259 12.28 35.97 16.40
CA ALA G 259 11.40 35.80 15.23
C ALA G 259 12.27 35.75 13.98
N ASP G 260 13.28 36.63 13.91
CA ASP G 260 14.16 36.72 12.71
C ASP G 260 15.62 36.53 13.11
N TYR G 261 15.98 35.26 13.40
CA TYR G 261 17.35 34.81 13.74
C TYR G 261 18.23 35.01 12.52
N SER G 262 17.67 34.70 11.35
CA SER G 262 18.38 34.80 10.06
C SER G 262 18.40 36.29 9.70
N TRP G 263 19.24 37.01 10.42
CA TRP G 263 19.50 38.48 10.35
C TRP G 263 19.93 38.92 11.75
N PHE G 264 19.25 38.40 12.78
CA PHE G 264 19.59 38.84 14.15
C PHE G 264 20.99 38.37 14.47
N VAL G 265 21.36 37.18 14.02
CA VAL G 265 22.72 36.71 14.26
C VAL G 265 23.70 37.45 13.36
N GLY G 266 23.29 37.76 12.13
CA GLY G 266 24.14 38.56 11.28
C GLY G 266 24.38 39.95 11.85
N LYS G 267 23.33 40.58 12.37
CA LYS G 267 23.50 41.89 12.99
C LYS G 267 24.40 41.80 14.22
N LEU G 268 24.23 40.75 15.02
CA LEU G 268 25.05 40.57 16.20
C LEU G 268 26.52 40.39 15.83
N ALA G 269 26.79 39.60 14.80
CA ALA G 269 28.17 39.39 14.36
C ALA G 269 28.75 40.68 13.80
N GLU G 270 27.96 41.44 13.04
CA GLU G 270 28.46 42.69 12.47
C GLU G 270 28.72 43.74 13.54
N GLU G 271 27.93 43.73 14.62
CA GLU G 271 28.02 44.78 15.63
C GLU G 271 29.02 44.46 16.72
N ILE G 272 28.85 43.32 17.38
CA ILE G 272 29.62 43.04 18.59
C ILE G 272 31.01 42.54 18.24
N TYR G 273 31.32 42.49 16.95
CA TYR G 273 32.68 42.14 16.54
C TYR G 273 33.69 43.13 17.08
N SER G 274 33.37 44.42 17.00
CA SER G 274 34.24 45.46 17.52
C SER G 274 34.07 45.70 19.02
N ARG G 275 33.05 45.11 19.63
CA ARG G 275 32.76 45.34 21.03
C ARG G 275 33.42 44.34 21.97
N VAL G 276 34.21 43.41 21.44
CA VAL G 276 34.91 42.43 22.24
C VAL G 276 36.35 42.31 21.75
N THR G 277 37.18 41.66 22.55
CA THR G 277 38.60 41.53 22.22
C THR G 277 38.76 40.70 20.95
N PRO G 278 39.71 41.07 20.08
CA PRO G 278 39.91 40.28 18.85
C PRO G 278 40.23 38.82 19.09
N GLN G 279 41.00 38.52 20.15
CA GLN G 279 41.42 37.14 20.40
C GLN G 279 40.22 36.24 20.63
N SER G 280 39.21 36.74 21.36
CA SER G 280 38.00 35.96 21.61
C SER G 280 37.04 35.96 20.44
N ILE G 281 37.31 36.74 19.39
CA ILE G 281 36.40 36.81 18.25
C ILE G 281 36.20 35.43 17.64
N ILE G 282 37.29 34.66 17.50
CA ILE G 282 37.18 33.30 17.00
C ILE G 282 36.18 32.52 17.84
N ARG G 283 36.26 32.66 19.17
CA ARG G 283 35.32 31.98 20.04
C ARG G 283 33.88 32.32 19.66
N MET G 284 33.61 33.59 19.38
CA MET G 284 32.27 33.97 18.92
C MET G 284 31.89 33.19 17.68
N TYR G 285 32.78 33.14 16.69
CA TYR G 285 32.48 32.37 15.49
C TYR G 285 32.54 30.88 15.79
N GLU G 286 33.28 30.49 16.82
CA GLU G 286 33.20 29.11 17.29
C GLU G 286 31.90 28.85 18.03
N ILE G 287 31.18 29.90 18.43
CA ILE G 287 29.93 29.78 19.15
C ILE G 287 28.79 30.20 18.25
N VAL G 288 28.75 31.48 17.88
CA VAL G 288 27.57 32.04 17.22
C VAL G 288 27.30 31.30 15.92
N GLY G 289 28.32 31.16 15.07
CA GLY G 289 28.13 30.45 13.83
C GLY G 289 27.64 29.03 14.05
N GLU G 290 28.25 28.35 15.02
CA GLU G 290 27.83 26.96 15.35
C GLU G 290 26.39 27.03 15.83
N ASN G 291 26.06 28.05 16.60
CA ASN G 291 24.69 28.19 17.12
C ASN G 291 23.75 28.34 15.92
N ASN G 292 24.13 29.15 14.93
CA ASN G 292 23.32 29.34 13.70
C ASN G 292 23.20 28.03 12.92
N GLN G 293 24.31 27.30 12.70
CA GLN G 293 24.26 26.14 11.83
C GLN G 293 23.29 25.07 12.31
N TYR G 294 22.74 25.22 13.52
CA TYR G 294 21.74 24.29 14.04
C TYR G 294 20.35 24.91 14.09
N HIS G 295 20.16 26.10 13.53
CA HIS G 295 18.89 26.80 13.72
C HIS G 295 17.73 26.04 13.10
N GLY G 296 17.93 25.46 11.92
CA GLY G 296 16.84 24.79 11.23
C GLY G 296 16.31 23.57 11.95
N ILE G 297 17.06 23.03 12.89
CA ILE G 297 16.64 21.84 13.62
C ILE G 297 16.37 22.14 15.08
N ALA G 298 16.47 23.39 15.51
CA ALA G 298 16.20 23.77 16.89
C ALA G 298 14.69 23.96 17.06
N ALA G 299 14.11 23.23 18.01
CA ALA G 299 12.67 23.28 18.20
C ALA G 299 12.22 24.65 18.71
N ASN G 300 12.84 25.14 19.78
CA ASN G 300 12.44 26.39 20.41
C ASN G 300 13.50 27.44 20.08
N THR G 301 13.21 28.26 19.07
CA THR G 301 14.15 29.30 18.67
C THR G 301 14.34 30.33 19.77
N GLU G 302 13.30 30.57 20.58
CA GLU G 302 13.46 31.40 21.77
C GLU G 302 14.54 30.84 22.68
N LEU G 303 14.47 29.55 22.97
CA LEU G 303 15.48 28.91 23.80
C LEU G 303 16.82 28.85 23.10
N HIS G 304 16.83 28.71 21.77
CA HIS G 304 18.09 28.74 21.04
C HIS G 304 18.79 30.09 21.17
N LEU G 305 18.04 31.18 21.06
CA LEU G 305 18.65 32.50 21.22
C LEU G 305 19.05 32.76 22.66
N ALA G 306 18.26 32.28 23.62
CA ALA G 306 18.67 32.40 25.02
C ALA G 306 19.96 31.62 25.27
N TYR G 307 20.08 30.44 24.65
CA TYR G 307 21.31 29.65 24.74
C TYR G 307 22.49 30.40 24.13
N LEU G 308 22.27 31.04 22.98
CA LEU G 308 23.32 31.84 22.37
C LEU G 308 23.76 32.95 23.30
N PHE G 309 22.79 33.62 23.92
CA PHE G 309 23.12 34.69 24.86
C PHE G 309 23.91 34.14 26.05
N ILE G 310 23.55 32.95 26.51
CA ILE G 310 24.25 32.33 27.63
C ILE G 310 25.71 32.09 27.27
N GLN G 311 25.97 31.45 26.13
CA GLN G 311 27.36 31.21 25.74
C GLN G 311 28.10 32.51 25.48
N LEU G 312 27.44 33.51 24.89
CA LEU G 312 28.10 34.77 24.61
C LEU G 312 28.52 35.47 25.90
N ALA G 313 27.66 35.44 26.92
CA ALA G 313 28.03 36.00 28.20
C ALA G 313 29.15 35.18 28.85
N CYS G 314 29.12 33.86 28.68
CA CYS G 314 30.06 33.01 29.40
C CYS G 314 31.47 33.09 28.81
N GLU G 315 31.60 33.11 27.48
CA GLU G 315 32.87 32.88 26.83
C GLU G 315 33.35 34.06 26.00
N MET G 316 33.06 35.29 26.44
CA MET G 316 33.53 36.46 25.72
C MET G 316 34.09 37.49 26.69
N GLN G 317 35.09 38.23 26.23
CA GLN G 317 35.77 39.24 27.02
C GLN G 317 35.48 40.62 26.42
N TRP G 318 35.30 41.61 27.29
CA TRP G 318 34.87 42.94 26.90
C TRP G 318 36.01 43.93 27.01
N LYS G 319 36.25 44.67 25.93
CA LYS G 319 37.32 45.66 25.89
C LYS G 319 36.82 47.04 26.34
N MET H 1 21.55 5.05 -40.08
CA MET H 1 22.43 4.31 -39.18
C MET H 1 21.85 4.28 -37.77
N ILE H 2 21.13 5.35 -37.44
CA ILE H 2 20.52 5.50 -36.13
C ILE H 2 19.11 4.90 -36.17
N THR H 3 18.60 4.55 -35.00
CA THR H 3 17.23 4.05 -34.87
C THR H 3 16.34 5.18 -34.38
N VAL H 4 15.35 5.55 -35.18
CA VAL H 4 14.45 6.64 -34.87
C VAL H 4 13.03 6.11 -34.82
N ASN H 5 12.34 6.39 -33.72
CA ASN H 5 10.97 5.94 -33.50
C ASN H 5 10.03 7.09 -33.83
N GLU H 6 9.28 6.95 -34.92
CA GLU H 6 8.48 8.07 -35.41
C GLU H 6 7.37 8.45 -34.44
N LYS H 7 6.75 7.46 -33.80
CA LYS H 7 5.58 7.71 -32.98
C LYS H 7 5.90 8.47 -31.70
N GLU H 8 7.17 8.65 -31.37
CA GLU H 8 7.59 9.28 -30.12
C GLU H 8 8.12 10.67 -30.39
N HIS H 9 7.66 11.64 -29.62
CA HIS H 9 8.22 12.98 -29.67
C HIS H 9 9.29 13.22 -28.63
N ILE H 10 9.29 12.45 -27.54
CA ILE H 10 10.32 12.55 -26.53
C ILE H 10 11.65 12.16 -27.17
N LEU H 11 12.67 12.99 -26.99
CA LEU H 11 13.94 12.71 -27.66
C LEU H 11 14.58 11.42 -27.14
N GLU H 12 14.54 11.19 -25.84
CA GLU H 12 15.17 9.98 -25.30
C GLU H 12 14.34 8.73 -25.56
N GLN H 13 13.09 8.87 -26.00
CA GLN H 13 12.28 7.75 -26.44
C GLN H 13 12.30 7.58 -27.94
N LYS H 14 12.51 8.66 -28.68
CA LYS H 14 12.55 8.58 -30.14
C LYS H 14 13.75 7.79 -30.61
N TYR H 15 14.93 8.14 -30.12
CA TYR H 15 16.18 7.49 -30.56
C TYR H 15 16.60 6.42 -29.55
N ARG H 16 15.76 5.40 -29.43
CA ARG H 16 16.05 4.27 -28.58
C ARG H 16 16.70 3.18 -29.41
N PRO H 17 17.92 2.74 -29.09
CA PRO H 17 18.60 1.76 -29.93
C PRO H 17 17.79 0.49 -30.09
N SER H 18 17.83 -0.08 -31.30
CA SER H 18 17.11 -1.30 -31.58
C SER H 18 18.02 -2.51 -31.69
N THR H 19 19.30 -2.33 -32.00
CA THR H 19 20.25 -3.43 -32.07
C THR H 19 21.31 -3.23 -31.00
N ILE H 20 21.97 -4.33 -30.62
CA ILE H 20 22.98 -4.26 -29.57
C ILE H 20 24.15 -3.39 -30.02
N ASP H 21 24.50 -3.44 -31.30
CA ASP H 21 25.60 -2.62 -31.79
C ASP H 21 25.35 -1.15 -31.55
N GLU H 22 24.08 -0.73 -31.59
CA GLU H 22 23.74 0.68 -31.42
C GLU H 22 23.80 1.12 -29.97
N CYS H 23 23.79 0.18 -29.03
CA CYS H 23 23.83 0.53 -27.62
C CYS H 23 25.24 0.96 -27.22
N ILE H 24 25.32 1.95 -26.35
CA ILE H 24 26.60 2.46 -25.84
C ILE H 24 26.92 1.65 -24.59
N LEU H 25 27.58 0.52 -24.78
CA LEU H 25 27.81 -0.46 -23.73
C LEU H 25 29.31 -0.62 -23.47
N PRO H 26 29.69 -1.12 -22.30
CA PRO H 26 31.11 -1.33 -22.03
C PRO H 26 31.68 -2.39 -22.94
N ALA H 27 33.01 -2.45 -22.97
CA ALA H 27 33.67 -3.40 -23.86
C ALA H 27 33.28 -4.84 -23.53
N PHE H 28 33.26 -5.19 -22.23
CA PHE H 28 32.95 -6.56 -21.88
C PHE H 28 31.46 -6.87 -22.01
N ASP H 29 30.61 -5.92 -21.60
CA ASP H 29 29.18 -6.18 -21.67
C ASP H 29 28.71 -6.37 -23.10
N LYS H 30 29.22 -5.58 -24.04
CA LYS H 30 28.76 -5.74 -25.41
C LYS H 30 29.17 -7.08 -25.98
N GLU H 31 30.36 -7.58 -25.61
CA GLU H 31 30.73 -8.92 -26.07
C GLU H 31 29.87 -9.99 -25.43
N THR H 32 29.53 -9.86 -24.14
CA THR H 32 28.67 -10.91 -23.59
C THR H 32 27.24 -10.80 -24.07
N PHE H 33 26.82 -9.68 -24.66
CA PHE H 33 25.52 -9.60 -25.30
C PHE H 33 25.53 -10.07 -26.74
N LYS H 34 26.57 -9.74 -27.49
CA LYS H 34 26.69 -10.25 -28.84
C LYS H 34 26.93 -11.75 -28.85
N SER H 35 27.57 -12.29 -27.81
CA SER H 35 27.65 -13.74 -27.67
C SER H 35 26.28 -14.37 -27.46
N ILE H 36 25.44 -13.71 -26.64
CA ILE H 36 24.09 -14.21 -26.42
C ILE H 36 23.29 -14.22 -27.71
N THR H 37 23.39 -13.14 -28.49
CA THR H 37 22.70 -13.12 -29.78
C THR H 37 23.34 -14.05 -30.80
N SER H 38 24.61 -14.40 -30.63
CA SER H 38 25.24 -15.35 -31.53
C SER H 38 24.79 -16.78 -31.25
N LYS H 39 24.69 -17.15 -29.98
CA LYS H 39 24.18 -18.48 -29.63
C LYS H 39 22.73 -18.64 -30.05
N GLY H 40 21.96 -17.56 -30.04
CA GLY H 40 20.58 -17.58 -30.46
C GLY H 40 19.57 -17.83 -29.37
N LYS H 41 20.02 -18.18 -28.17
CA LYS H 41 19.12 -18.47 -27.06
C LYS H 41 19.54 -17.63 -25.86
N ILE H 42 18.64 -16.76 -25.42
CA ILE H 42 18.94 -15.89 -24.27
C ILE H 42 18.82 -16.71 -23.00
N PRO H 43 19.83 -16.71 -22.14
CA PRO H 43 19.65 -17.27 -20.80
C PRO H 43 18.85 -16.33 -19.94
N HIS H 44 18.52 -16.71 -18.71
CA HIS H 44 17.90 -15.77 -17.80
C HIS H 44 18.90 -14.67 -17.50
N ILE H 45 18.49 -13.41 -17.68
CA ILE H 45 19.39 -12.29 -17.46
C ILE H 45 18.75 -11.35 -16.45
N ILE H 46 19.58 -10.62 -15.73
CA ILE H 46 19.14 -9.56 -14.83
C ILE H 46 20.01 -8.36 -15.12
N LEU H 47 19.47 -7.39 -15.83
CA LEU H 47 20.19 -6.16 -16.12
C LEU H 47 19.87 -5.17 -15.02
N HIS H 48 20.86 -4.85 -14.20
CA HIS H 48 20.62 -4.01 -13.04
C HIS H 48 21.66 -2.91 -12.95
N SER H 49 21.24 -1.76 -12.45
CA SER H 49 22.13 -0.62 -12.25
C SER H 49 21.46 0.40 -11.36
N PRO H 50 22.10 0.85 -10.28
CA PRO H 50 21.47 1.86 -9.42
C PRO H 50 21.15 3.15 -10.14
N SER H 51 21.96 3.55 -11.11
CA SER H 51 21.76 4.82 -11.81
C SER H 51 20.86 4.58 -13.01
N PRO H 52 19.71 5.24 -13.11
CA PRO H 52 18.84 5.04 -14.27
C PRO H 52 19.46 5.54 -15.55
N GLY H 53 18.91 5.08 -16.66
CA GLY H 53 19.34 5.51 -17.97
C GLY H 53 20.52 4.77 -18.54
N THR H 54 21.03 3.77 -17.84
CA THR H 54 22.26 3.12 -18.28
C THR H 54 22.06 2.24 -19.50
N GLY H 55 20.83 1.90 -19.85
CA GLY H 55 20.56 1.08 -21.01
C GLY H 55 19.99 -0.29 -20.73
N LYS H 56 19.35 -0.51 -19.59
CA LYS H 56 18.88 -1.84 -19.24
C LYS H 56 17.68 -2.26 -20.07
N THR H 57 16.65 -1.41 -20.12
CA THR H 57 15.47 -1.74 -20.92
C THR H 57 15.82 -1.79 -22.39
N THR H 58 16.67 -0.87 -22.85
CA THR H 58 17.06 -0.82 -24.25
C THR H 58 17.77 -2.10 -24.65
N VAL H 59 18.71 -2.56 -23.83
CA VAL H 59 19.43 -3.80 -24.13
C VAL H 59 18.49 -4.99 -24.00
N ALA H 60 17.57 -4.95 -23.04
CA ALA H 60 16.64 -6.07 -22.88
C ALA H 60 15.78 -6.24 -24.11
N LYS H 61 15.30 -5.15 -24.69
CA LYS H 61 14.50 -5.25 -25.90
C LYS H 61 15.36 -5.50 -27.13
N ALA H 62 16.58 -4.97 -27.16
CA ALA H 62 17.46 -5.18 -28.30
C ALA H 62 17.95 -6.61 -28.38
N LEU H 63 18.09 -7.30 -27.24
CA LEU H 63 18.43 -8.72 -27.28
C LEU H 63 17.34 -9.53 -27.94
N CYS H 64 16.09 -9.31 -27.53
CA CYS H 64 14.97 -10.03 -28.12
C CYS H 64 14.77 -9.62 -29.57
N HIS H 65 15.22 -8.42 -29.96
CA HIS H 65 15.19 -8.08 -31.37
C HIS H 65 16.31 -8.76 -32.14
N ASP H 66 17.48 -8.91 -31.53
CA ASP H 66 18.63 -9.45 -32.21
C ASP H 66 18.50 -10.94 -32.45
N VAL H 67 18.06 -11.69 -31.43
CA VAL H 67 17.82 -13.12 -31.62
C VAL H 67 16.47 -13.38 -32.26
N ASN H 68 15.68 -12.34 -32.52
CA ASN H 68 14.30 -12.48 -32.97
C ASN H 68 13.50 -13.35 -32.01
N ALA H 69 13.40 -12.88 -30.77
CA ALA H 69 12.70 -13.61 -29.73
C ALA H 69 11.23 -13.22 -29.71
N ASP H 70 10.43 -14.08 -29.08
CA ASP H 70 9.00 -13.83 -28.91
C ASP H 70 8.77 -13.01 -27.64
N MET H 71 9.25 -11.78 -27.66
CA MET H 71 9.27 -10.97 -26.45
C MET H 71 7.86 -10.67 -25.97
N MET H 72 7.67 -10.79 -24.66
CA MET H 72 6.45 -10.38 -23.99
C MET H 72 6.88 -9.37 -22.93
N PHE H 73 6.95 -8.12 -23.34
CA PHE H 73 7.36 -7.05 -22.42
C PHE H 73 6.29 -6.86 -21.37
N VAL H 74 6.69 -6.91 -20.10
CA VAL H 74 5.76 -6.85 -18.98
C VAL H 74 6.26 -5.81 -17.99
N ASN H 75 5.39 -4.89 -17.59
CA ASN H 75 5.74 -3.98 -16.53
C ASN H 75 5.98 -4.78 -15.25
N GLY H 76 7.10 -4.53 -14.59
CA GLY H 76 7.43 -5.32 -13.42
C GLY H 76 6.42 -5.15 -12.31
N SER H 77 6.01 -3.92 -12.04
CA SER H 77 5.08 -3.67 -10.96
C SER H 77 3.70 -4.24 -11.23
N ASP H 78 3.38 -4.58 -12.48
CA ASP H 78 2.15 -5.23 -12.84
C ASP H 78 2.30 -6.73 -13.01
N CYS H 79 3.40 -7.29 -12.51
CA CYS H 79 3.71 -8.70 -12.63
C CYS H 79 3.42 -9.45 -11.34
N LYS H 80 2.31 -9.12 -10.71
CA LYS H 80 1.91 -9.76 -9.47
C LYS H 80 1.75 -11.27 -9.69
N ILE H 81 1.64 -11.99 -8.58
CA ILE H 81 1.72 -13.45 -8.63
C ILE H 81 0.56 -14.05 -9.40
N ASP H 82 -0.59 -13.37 -9.43
CA ASP H 82 -1.70 -13.89 -10.23
C ASP H 82 -1.45 -13.70 -11.71
N PHE H 83 -0.59 -12.75 -12.07
CA PHE H 83 -0.15 -12.63 -13.46
C PHE H 83 0.85 -13.71 -13.81
N VAL H 84 1.74 -14.07 -12.88
CA VAL H 84 2.70 -15.13 -13.15
C VAL H 84 1.98 -16.47 -13.26
N ARG H 85 0.99 -16.70 -12.42
CA ARG H 85 0.23 -17.95 -12.47
C ARG H 85 -0.62 -18.05 -13.73
N GLY H 86 -0.91 -16.93 -14.38
CA GLY H 86 -1.85 -16.90 -15.47
C GLY H 86 -1.20 -16.68 -16.82
N PRO H 87 -1.21 -15.43 -17.30
CA PRO H 87 -0.67 -15.17 -18.62
C PRO H 87 0.79 -15.56 -18.80
N LEU H 88 1.63 -15.38 -17.79
CA LEU H 88 3.04 -15.71 -17.96
C LEU H 88 3.26 -17.22 -18.08
N THR H 89 2.54 -18.00 -17.28
CA THR H 89 2.67 -19.45 -17.39
C THR H 89 2.09 -19.98 -18.69
N ASN H 90 0.93 -19.45 -19.10
CA ASN H 90 0.39 -19.81 -20.41
C ASN H 90 1.39 -19.48 -21.51
N PHE H 91 2.09 -18.36 -21.37
CA PHE H 91 3.09 -17.98 -22.35
C PHE H 91 4.25 -18.97 -22.36
N ALA H 92 4.81 -19.26 -21.18
CA ALA H 92 6.03 -20.04 -21.12
C ALA H 92 5.80 -21.49 -21.50
N SER H 93 4.66 -22.06 -21.10
CA SER H 93 4.41 -23.46 -21.39
C SER H 93 4.25 -23.70 -22.89
N ALA H 94 3.56 -22.79 -23.58
CA ALA H 94 3.24 -22.95 -24.99
C ALA H 94 4.47 -22.75 -25.87
N ALA H 95 4.35 -23.18 -27.12
CA ALA H 95 5.40 -23.01 -28.11
C ALA H 95 4.91 -22.10 -29.22
N SER H 96 5.75 -21.16 -29.63
CA SER H 96 5.35 -20.13 -30.57
C SER H 96 5.04 -20.72 -31.93
N PHE H 97 4.09 -20.09 -32.64
CA PHE H 97 3.72 -20.58 -33.96
C PHE H 97 4.90 -20.56 -34.91
N ASP H 98 5.71 -19.50 -34.83
CA ASP H 98 6.83 -19.29 -35.79
C ASP H 98 8.12 -19.97 -35.35
N GLY H 99 8.14 -20.57 -34.16
CA GLY H 99 9.35 -21.19 -33.66
C GLY H 99 10.34 -20.26 -33.01
N ARG H 100 10.01 -18.98 -32.87
CA ARG H 100 10.87 -18.03 -32.20
C ARG H 100 11.00 -18.36 -30.73
N GLN H 101 12.13 -18.01 -30.14
CA GLN H 101 12.29 -18.23 -28.72
C GLN H 101 11.41 -17.28 -27.93
N LYS H 102 10.86 -17.76 -26.84
CA LYS H 102 10.02 -16.93 -25.98
C LYS H 102 10.89 -16.29 -24.92
N VAL H 103 10.70 -14.98 -24.71
CA VAL H 103 11.42 -14.24 -23.69
C VAL H 103 10.44 -13.34 -22.97
N ILE H 104 10.47 -13.34 -21.65
CA ILE H 104 9.63 -12.46 -20.83
C ILE H 104 10.54 -11.40 -20.26
N VAL H 105 10.37 -10.16 -20.70
CA VAL H 105 11.16 -9.04 -20.20
C VAL H 105 10.34 -8.41 -19.08
N ILE H 106 10.62 -8.80 -17.84
CA ILE H 106 9.94 -8.23 -16.68
C ILE H 106 10.70 -6.96 -16.32
N ASP H 107 10.28 -5.86 -16.90
CA ASP H 107 10.99 -4.60 -16.77
C ASP H 107 10.64 -3.92 -15.45
N GLU H 108 11.67 -3.47 -14.73
CA GLU H 108 11.52 -2.79 -13.44
C GLU H 108 10.81 -3.70 -12.42
N PHE H 109 11.52 -4.75 -12.05
CA PHE H 109 10.99 -5.83 -11.22
C PHE H 109 11.64 -5.85 -9.85
N ASP H 110 11.96 -4.68 -9.30
CA ASP H 110 12.71 -4.58 -8.05
C ASP H 110 11.88 -4.03 -6.91
N ARG H 111 10.56 -4.00 -7.05
CA ARG H 111 9.72 -3.53 -5.96
C ARG H 111 9.68 -4.56 -4.85
N SER H 112 9.76 -4.10 -3.61
CA SER H 112 9.74 -5.02 -2.47
C SER H 112 8.41 -5.75 -2.38
N GLY H 113 7.31 -5.06 -2.69
CA GLY H 113 5.99 -5.66 -2.61
C GLY H 113 5.79 -6.83 -3.54
N LEU H 114 6.65 -6.98 -4.55
CA LEU H 114 6.58 -8.10 -5.46
C LEU H 114 7.46 -9.26 -5.04
N ALA H 115 8.04 -9.21 -3.84
CA ALA H 115 8.87 -10.31 -3.40
C ALA H 115 8.09 -11.60 -3.26
N GLU H 116 6.77 -11.54 -3.18
CA GLU H 116 5.96 -12.75 -3.15
C GLU H 116 5.67 -13.31 -4.54
N SER H 117 5.93 -12.53 -5.58
CA SER H 117 5.88 -13.05 -6.94
C SER H 117 7.22 -13.59 -7.39
N GLN H 118 8.32 -12.90 -7.01
CA GLN H 118 9.64 -13.44 -7.29
C GLN H 118 9.83 -14.79 -6.64
N ARG H 119 9.32 -14.96 -5.42
CA ARG H 119 9.37 -16.26 -4.78
C ARG H 119 8.56 -17.29 -5.55
N HIS H 120 7.51 -16.87 -6.24
CA HIS H 120 6.80 -17.81 -7.10
C HIS H 120 7.59 -18.09 -8.36
N LEU H 121 8.43 -17.15 -8.77
CA LEU H 121 9.14 -17.26 -10.04
C LEU H 121 10.30 -18.23 -9.95
N ARG H 122 10.85 -18.46 -8.76
CA ARG H 122 12.10 -19.22 -8.68
C ARG H 122 11.92 -20.69 -9.03
N SER H 123 10.70 -21.18 -9.16
CA SER H 123 10.46 -22.47 -9.80
C SER H 123 9.89 -22.33 -11.20
N PHE H 124 9.21 -21.21 -11.46
CA PHE H 124 8.77 -20.93 -12.82
C PHE H 124 9.96 -20.88 -13.78
N MET H 125 11.07 -20.29 -13.34
CA MET H 125 12.26 -20.24 -14.17
C MET H 125 13.01 -21.56 -14.21
N GLU H 126 12.45 -22.63 -13.67
CA GLU H 126 13.06 -23.94 -13.81
C GLU H 126 12.17 -24.95 -14.52
N ALA H 127 10.85 -24.85 -14.35
CA ALA H 127 9.96 -25.77 -15.05
C ALA H 127 9.85 -25.40 -16.53
N TYR H 128 9.86 -24.11 -16.85
CA TYR H 128 9.77 -23.62 -18.21
C TYR H 128 11.05 -22.92 -18.61
N SER H 129 12.21 -23.51 -18.30
CA SER H 129 13.47 -22.92 -18.67
C SER H 129 13.99 -23.43 -20.00
N SER H 130 13.50 -24.56 -20.48
CA SER H 130 13.87 -25.07 -21.79
C SER H 130 13.11 -24.39 -22.91
N ASN H 131 12.13 -23.56 -22.58
CA ASN H 131 11.30 -22.91 -23.57
C ASN H 131 11.36 -21.39 -23.49
N CYS H 132 11.14 -20.83 -22.31
CA CYS H 132 10.99 -19.39 -22.13
C CYS H 132 11.97 -18.88 -21.09
N SER H 133 12.82 -17.95 -21.48
CA SER H 133 13.76 -17.31 -20.59
C SER H 133 13.18 -16.00 -20.08
N ILE H 134 13.82 -15.44 -19.06
CA ILE H 134 13.33 -14.23 -18.41
C ILE H 134 14.46 -13.23 -18.32
N ILE H 135 14.20 -12.01 -18.77
CA ILE H 135 15.14 -10.90 -18.66
C ILE H 135 14.53 -9.90 -17.70
N ILE H 136 15.14 -9.76 -16.54
CA ILE H 136 14.63 -8.93 -15.47
C ILE H 136 15.42 -7.64 -15.45
N THR H 137 14.74 -6.52 -15.64
CA THR H 137 15.36 -5.22 -15.53
C THR H 137 15.12 -4.71 -14.12
N ALA H 138 16.18 -4.28 -13.45
CA ALA H 138 16.04 -3.84 -12.07
C ALA H 138 16.93 -2.63 -11.84
N ASN H 139 16.61 -1.87 -10.80
CA ASN H 139 17.44 -0.73 -10.43
C ASN H 139 18.32 -1.02 -9.23
N ASN H 140 17.79 -1.68 -8.20
CA ASN H 140 18.63 -2.19 -7.12
C ASN H 140 18.55 -3.71 -7.13
N ILE H 141 19.71 -4.35 -7.22
CA ILE H 141 19.76 -5.81 -7.25
C ILE H 141 19.32 -6.40 -5.92
N ASP H 142 19.25 -5.60 -4.86
CA ASP H 142 18.80 -6.13 -3.59
C ASP H 142 17.30 -6.37 -3.55
N GLY H 143 16.55 -5.78 -4.49
CA GLY H 143 15.13 -6.08 -4.59
C GLY H 143 14.83 -7.40 -5.26
N ILE H 144 15.79 -7.98 -5.97
CA ILE H 144 15.64 -9.28 -6.59
C ILE H 144 16.15 -10.32 -5.60
N ILE H 145 15.28 -11.23 -5.19
CA ILE H 145 15.63 -12.16 -4.13
C ILE H 145 16.79 -13.02 -4.56
N LYS H 146 17.62 -13.43 -3.60
CA LYS H 146 18.84 -14.17 -3.93
C LYS H 146 18.59 -15.42 -4.75
N PRO H 147 17.58 -16.25 -4.47
CA PRO H 147 17.33 -17.40 -5.35
C PRO H 147 17.08 -17.00 -6.79
N LEU H 148 16.54 -15.81 -7.02
CA LEU H 148 16.33 -15.34 -8.39
C LEU H 148 17.62 -14.84 -9.02
N GLN H 149 18.50 -14.22 -8.24
CA GLN H 149 19.78 -13.80 -8.78
C GLN H 149 20.67 -14.99 -9.11
N SER H 150 20.46 -16.11 -8.42
CA SER H 150 21.25 -17.29 -8.72
C SER H 150 20.88 -17.89 -10.06
N ARG H 151 19.62 -17.80 -10.46
CA ARG H 151 19.13 -18.40 -11.68
C ARG H 151 19.41 -17.57 -12.93
N CYS H 152 19.94 -16.37 -12.78
CA CYS H 152 20.09 -15.44 -13.89
C CYS H 152 21.52 -14.98 -14.02
N ARG H 153 21.89 -14.55 -15.22
CA ARG H 153 23.14 -13.84 -15.44
C ARG H 153 22.95 -12.41 -14.99
N VAL H 154 23.53 -12.05 -13.86
CA VAL H 154 23.37 -10.70 -13.31
C VAL H 154 24.42 -9.81 -13.97
N ILE H 155 23.97 -8.86 -14.79
CA ILE H 155 24.84 -7.94 -15.49
C ILE H 155 24.62 -6.55 -14.93
N THR H 156 25.68 -5.96 -14.39
CA THR H 156 25.61 -4.65 -13.77
C THR H 156 25.95 -3.59 -14.80
N PHE H 157 24.99 -2.71 -15.07
CA PHE H 157 25.18 -1.62 -16.01
C PHE H 157 25.74 -0.40 -15.28
N GLY H 158 26.38 0.47 -16.04
CA GLY H 158 26.79 1.74 -15.50
C GLY H 158 27.94 1.70 -14.52
N GLN H 159 28.76 0.65 -14.56
CA GLN H 159 30.03 0.63 -13.83
C GLN H 159 31.12 0.14 -14.79
N PRO H 160 31.56 0.99 -15.70
CA PRO H 160 32.65 0.61 -16.61
C PRO H 160 34.02 0.96 -16.04
N THR H 161 35.01 0.22 -16.53
CA THR H 161 36.39 0.53 -16.16
C THR H 161 36.79 1.86 -16.79
N ASP H 162 37.90 2.42 -16.27
CA ASP H 162 38.32 3.75 -16.72
C ASP H 162 38.63 3.75 -18.21
N GLU H 163 39.29 2.71 -18.71
CA GLU H 163 39.59 2.65 -20.14
C GLU H 163 38.35 2.42 -20.97
N ASP H 164 37.22 2.12 -20.34
CA ASP H 164 35.97 1.84 -21.04
C ASP H 164 34.96 2.96 -20.89
N LYS H 165 35.03 3.70 -19.79
CA LYS H 165 34.22 4.89 -19.61
C LYS H 165 34.51 5.93 -20.68
N ILE H 166 35.78 6.12 -21.06
CA ILE H 166 36.10 7.07 -22.11
C ILE H 166 35.57 6.61 -23.47
N GLU H 167 35.55 5.31 -23.75
CA GLU H 167 34.98 4.84 -25.00
C GLU H 167 33.47 5.04 -25.01
N MET H 168 32.81 4.81 -23.87
CA MET H 168 31.40 5.17 -23.74
C MET H 168 31.17 6.64 -24.05
N MET H 169 31.99 7.52 -23.47
CA MET H 169 31.82 8.95 -23.72
C MET H 169 32.03 9.31 -25.18
N LYS H 170 33.05 8.73 -25.82
CA LYS H 170 33.26 9.02 -27.23
C LYS H 170 32.09 8.54 -28.08
N GLN H 171 31.58 7.34 -27.79
CA GLN H 171 30.42 6.83 -28.51
C GLN H 171 29.20 7.71 -28.29
N MET H 172 28.99 8.17 -27.05
CA MET H 172 27.82 8.99 -26.75
C MET H 172 27.93 10.36 -27.39
N ILE H 173 29.14 10.91 -27.48
CA ILE H 173 29.32 12.17 -28.18
C ILE H 173 29.00 11.99 -29.67
N ARG H 174 29.47 10.90 -30.26
CA ARG H 174 29.14 10.65 -31.66
C ARG H 174 27.64 10.47 -31.86
N ARG H 175 26.99 9.75 -30.94
CA ARG H 175 25.54 9.54 -31.06
C ARG H 175 24.77 10.83 -30.84
N LEU H 176 25.24 11.70 -29.96
CA LEU H 176 24.59 12.98 -29.77
C LEU H 176 24.74 13.86 -31.00
N THR H 177 25.90 13.80 -31.66
CA THR H 177 26.04 14.53 -32.92
C THR H 177 25.08 13.98 -33.97
N GLU H 178 24.94 12.67 -34.05
CA GLU H 178 24.00 12.09 -35.01
C GLU H 178 22.56 12.50 -34.68
N ILE H 179 22.20 12.50 -33.40
CA ILE H 179 20.86 12.91 -32.99
C ILE H 179 20.61 14.37 -33.32
N CYS H 180 21.61 15.22 -33.07
CA CYS H 180 21.47 16.64 -33.41
C CYS H 180 21.32 16.84 -34.90
N LYS H 181 22.08 16.09 -35.71
CA LYS H 181 21.96 16.20 -37.16
C LYS H 181 20.58 15.72 -37.62
N HIS H 182 20.05 14.67 -37.01
CA HIS H 182 18.74 14.17 -37.40
C HIS H 182 17.62 15.12 -36.97
N GLU H 183 17.80 15.80 -35.85
CA GLU H 183 16.76 16.68 -35.31
C GLU H 183 16.87 18.10 -35.83
N GLY H 184 17.79 18.37 -36.76
CA GLY H 184 17.96 19.73 -37.25
C GLY H 184 18.45 20.67 -36.16
N ILE H 185 19.35 20.21 -35.32
CA ILE H 185 19.92 21.00 -34.24
C ILE H 185 21.34 21.35 -34.64
N ALA H 186 21.62 22.63 -34.79
CA ALA H 186 22.94 23.07 -35.21
C ALA H 186 23.87 23.13 -34.00
N ILE H 187 25.02 22.48 -34.11
CA ILE H 187 26.03 22.50 -33.06
C ILE H 187 27.14 23.44 -33.50
N ALA H 188 27.41 24.46 -32.69
CA ALA H 188 28.49 25.38 -33.00
C ALA H 188 29.80 24.97 -32.35
N ASP H 189 29.73 24.31 -31.20
CA ASP H 189 30.92 23.91 -30.45
C ASP H 189 30.71 22.50 -29.94
N MET H 190 31.70 21.63 -30.16
CA MET H 190 31.59 20.26 -29.66
C MET H 190 31.94 20.13 -28.19
N LYS H 191 32.58 21.16 -27.61
CA LYS H 191 32.90 21.09 -26.19
C LYS H 191 31.64 21.06 -25.35
N VAL H 192 30.57 21.71 -25.79
CA VAL H 192 29.32 21.66 -25.03
C VAL H 192 28.72 20.27 -25.06
N VAL H 193 28.80 19.58 -26.21
CA VAL H 193 28.32 18.21 -26.27
C VAL H 193 29.16 17.30 -25.38
N ALA H 194 30.48 17.47 -25.42
CA ALA H 194 31.34 16.65 -24.56
C ALA H 194 31.04 16.89 -23.09
N ALA H 195 30.84 18.15 -22.69
CA ALA H 195 30.53 18.45 -21.30
C ALA H 195 29.15 17.93 -20.92
N LEU H 196 28.22 17.96 -21.85
CA LEU H 196 26.87 17.45 -21.60
C LEU H 196 26.89 15.95 -21.39
N VAL H 197 27.71 15.24 -22.16
CA VAL H 197 27.91 13.82 -21.93
C VAL H 197 28.57 13.57 -20.58
N LYS H 198 29.58 14.37 -20.25
CA LYS H 198 30.31 14.17 -19.01
C LYS H 198 29.43 14.37 -17.79
N LYS H 199 28.57 15.39 -17.81
CA LYS H 199 27.82 15.75 -16.61
C LYS H 199 26.85 14.65 -16.22
N ASN H 200 26.08 14.13 -17.18
CA ASN H 200 25.00 13.21 -16.90
C ASN H 200 25.39 11.75 -17.00
N PHE H 201 26.63 11.44 -17.36
CA PHE H 201 27.07 10.06 -17.45
C PHE H 201 26.94 9.38 -16.09
N PRO H 202 26.48 8.12 -16.03
CA PRO H 202 26.10 7.20 -17.10
C PRO H 202 24.65 7.32 -17.54
N ASP H 203 23.92 8.30 -17.03
CA ASP H 203 22.50 8.44 -17.33
C ASP H 203 22.37 8.98 -18.76
N PHE H 204 22.50 8.08 -19.72
CA PHE H 204 22.38 8.47 -21.13
C PHE H 204 20.99 9.03 -21.43
N ARG H 205 19.97 8.55 -20.74
CA ARG H 205 18.64 9.11 -20.94
C ARG H 205 18.60 10.57 -20.51
N LYS H 206 19.17 10.88 -19.34
CA LYS H 206 19.23 12.27 -18.92
C LYS H 206 20.18 13.07 -19.81
N THR H 207 21.17 12.43 -20.42
CA THR H 207 22.01 13.11 -21.39
C THR H 207 21.20 13.59 -22.58
N ILE H 208 20.36 12.72 -23.15
CA ILE H 208 19.54 13.13 -24.28
C ILE H 208 18.48 14.14 -23.84
N GLY H 209 17.92 13.95 -22.65
CA GLY H 209 16.95 14.90 -22.13
C GLY H 209 17.54 16.29 -21.93
N GLU H 210 18.77 16.36 -21.43
CA GLU H 210 19.41 17.65 -21.26
C GLU H 210 19.90 18.22 -22.58
N LEU H 211 20.23 17.36 -23.55
CA LEU H 211 20.48 17.87 -24.90
C LEU H 211 19.25 18.56 -25.44
N ASP H 212 18.07 17.96 -25.23
CA ASP H 212 16.83 18.60 -25.64
C ASP H 212 16.58 19.88 -24.85
N SER H 213 16.85 19.86 -23.55
CA SER H 213 16.55 21.00 -22.70
C SER H 213 17.42 22.19 -23.04
N TYR H 214 18.70 21.96 -23.31
CA TYR H 214 19.66 23.02 -23.62
C TYR H 214 19.69 23.34 -25.11
N SER H 215 18.65 23.03 -25.85
CA SER H 215 18.55 23.32 -27.26
C SER H 215 17.18 23.87 -27.59
N SER H 216 16.72 24.83 -26.80
CA SER H 216 15.38 25.38 -26.98
C SER H 216 15.24 26.02 -28.36
N LYS H 217 16.25 26.75 -28.80
CA LYS H 217 16.27 27.37 -30.11
C LYS H 217 16.98 26.51 -31.15
N GLY H 218 17.36 25.29 -30.79
CA GLY H 218 18.09 24.44 -31.71
C GLY H 218 19.48 24.91 -32.05
N VAL H 219 20.20 25.48 -31.09
CA VAL H 219 21.57 25.92 -31.29
C VAL H 219 22.33 25.70 -29.98
N LEU H 220 23.48 25.02 -30.07
CA LEU H 220 24.36 24.83 -28.93
C LEU H 220 25.59 25.70 -29.14
N ASP H 221 25.87 26.58 -28.18
CA ASP H 221 26.90 27.60 -28.35
C ASP H 221 27.68 27.73 -27.05
N ALA H 222 28.49 28.79 -26.96
CA ALA H 222 29.29 29.00 -25.77
C ALA H 222 28.42 29.29 -24.55
N GLY H 223 27.30 29.98 -24.75
CA GLY H 223 26.40 30.22 -23.63
C GLY H 223 25.86 28.94 -23.03
N ILE H 224 25.50 27.98 -23.88
CA ILE H 224 25.07 26.68 -23.40
C ILE H 224 26.20 25.99 -22.65
N LEU H 225 27.43 26.14 -23.14
CA LEU H 225 28.58 25.54 -22.46
C LEU H 225 28.78 26.12 -21.07
N SER H 226 28.60 27.44 -20.94
CA SER H 226 28.69 28.06 -19.62
C SER H 226 27.54 27.62 -18.73
N LEU H 227 26.37 27.37 -19.33
CA LEU H 227 25.22 26.95 -18.53
C LEU H 227 25.39 25.53 -17.99
N VAL H 228 25.83 24.60 -18.84
CA VAL H 228 25.89 23.19 -18.44
C VAL H 228 26.94 22.98 -17.36
N THR H 229 28.04 23.72 -17.44
CA THR H 229 29.18 23.54 -16.54
C THR H 229 29.31 24.63 -15.49
N ASN H 230 28.31 25.51 -15.37
CA ASN H 230 28.33 26.60 -14.41
C ASN H 230 29.56 27.49 -14.60
N ASP H 231 30.57 27.29 -13.74
CA ASP H 231 31.83 28.06 -13.79
C ASP H 231 31.56 29.56 -13.75
N ARG H 232 30.69 29.96 -12.82
CA ARG H 232 30.27 31.36 -12.73
C ARG H 232 31.41 32.27 -12.29
N GLY H 233 32.30 31.80 -11.40
CA GLY H 233 33.34 32.63 -10.86
C GLY H 233 34.66 31.89 -10.77
N ALA H 234 35.64 32.58 -10.18
CA ALA H 234 36.98 32.04 -9.97
C ALA H 234 37.42 32.35 -8.55
N ILE H 235 38.33 31.53 -8.03
CA ILE H 235 38.75 31.63 -6.64
C ILE H 235 40.18 32.14 -6.54
N ASP H 236 40.35 33.45 -6.48
CA ASP H 236 41.62 34.07 -6.16
C ASP H 236 41.53 35.06 -5.01
N ASP H 237 40.47 35.87 -4.97
CA ASP H 237 40.34 36.85 -3.90
C ASP H 237 40.18 36.18 -2.55
N VAL H 238 39.37 35.11 -2.47
CA VAL H 238 39.18 34.41 -1.21
C VAL H 238 40.49 33.80 -0.73
N LEU H 239 41.22 33.14 -1.63
CA LEU H 239 42.51 32.56 -1.24
C LEU H 239 43.49 33.63 -0.78
N GLU H 240 43.59 34.73 -1.51
CA GLU H 240 44.52 35.79 -1.14
C GLU H 240 44.13 36.42 0.20
N SER H 241 42.84 36.59 0.44
CA SER H 241 42.37 37.11 1.73
C SER H 241 42.69 36.14 2.86
N LEU H 242 42.53 34.84 2.61
CA LEU H 242 42.89 33.85 3.62
C LEU H 242 44.39 33.85 3.88
N LYS H 243 45.19 34.17 2.86
CA LYS H 243 46.62 34.35 3.08
C LYS H 243 46.89 35.50 4.04
N ASN H 244 46.17 36.61 3.88
CA ASN H 244 46.36 37.77 4.73
C ASN H 244 45.55 37.70 6.02
N LYS H 245 44.72 36.67 6.19
CA LYS H 245 43.88 36.50 7.38
C LYS H 245 42.99 37.72 7.60
N ASP H 246 42.52 38.31 6.52
CA ASP H 246 41.70 39.52 6.58
C ASP H 246 40.27 39.13 6.93
N VAL H 247 39.91 39.27 8.20
CA VAL H 247 38.57 38.85 8.66
C VAL H 247 37.50 39.67 7.98
N LYS H 248 37.69 40.99 7.88
CA LYS H 248 36.68 41.84 7.28
C LYS H 248 36.49 41.50 5.79
N GLN H 249 37.59 41.23 5.09
CA GLN H 249 37.49 40.87 3.68
C GLN H 249 36.73 39.56 3.49
N LEU H 250 37.01 38.57 4.33
CA LEU H 250 36.31 37.29 4.24
C LEU H 250 34.82 37.47 4.55
N ARG H 251 34.51 38.30 5.55
CA ARG H 251 33.11 38.57 5.87
C ARG H 251 32.41 39.25 4.68
N ALA H 252 33.10 40.19 4.02
CA ALA H 252 32.52 40.86 2.88
C ALA H 252 32.30 39.91 1.71
N LEU H 253 33.24 39.00 1.48
CA LEU H 253 33.16 38.09 0.35
C LEU H 253 32.25 36.90 0.61
N ALA H 254 31.87 36.64 1.86
CA ALA H 254 31.00 35.51 2.14
C ALA H 254 29.65 35.58 1.40
N PRO H 255 28.93 36.72 1.39
CA PRO H 255 27.65 36.74 0.66
C PRO H 255 27.81 36.56 -0.85
N LYS H 256 29.00 36.75 -1.40
CA LYS H 256 29.19 36.57 -2.84
C LYS H 256 28.90 35.14 -3.27
N TYR H 257 29.44 34.16 -2.54
CA TYR H 257 29.25 32.75 -2.86
C TYR H 257 28.06 32.16 -2.13
N ALA H 258 27.14 33.01 -1.66
CA ALA H 258 25.92 32.51 -1.03
C ALA H 258 24.97 31.85 -2.02
N ALA H 259 25.17 32.06 -3.32
CA ALA H 259 24.32 31.42 -4.31
C ALA H 259 24.78 30.00 -4.60
N ASP H 260 25.95 29.85 -5.19
CA ASP H 260 26.47 28.52 -5.53
C ASP H 260 27.39 28.03 -4.41
N TYR H 261 26.75 27.75 -3.27
CA TYR H 261 27.52 27.30 -2.11
C TYR H 261 28.22 25.98 -2.39
N SER H 262 27.53 25.04 -3.03
CA SER H 262 28.13 23.72 -3.25
C SER H 262 29.32 23.80 -4.20
N TRP H 263 29.12 24.46 -5.35
CA TRP H 263 30.21 24.59 -6.31
C TRP H 263 31.38 25.37 -5.71
N PHE H 264 31.07 26.47 -5.01
CA PHE H 264 32.14 27.28 -4.41
C PHE H 264 32.92 26.48 -3.38
N VAL H 265 32.22 25.75 -2.51
CA VAL H 265 32.91 25.03 -1.44
C VAL H 265 33.72 23.87 -2.02
N GLY H 266 33.21 23.21 -3.06
CA GLY H 266 33.98 22.16 -3.69
C GLY H 266 35.23 22.68 -4.37
N LYS H 267 35.09 23.78 -5.13
CA LYS H 267 36.25 24.40 -5.76
C LYS H 267 37.24 24.90 -4.72
N LEU H 268 36.73 25.44 -3.61
CA LEU H 268 37.60 25.93 -2.55
C LEU H 268 38.39 24.78 -1.92
N ALA H 269 37.73 23.66 -1.65
CA ALA H 269 38.46 22.51 -1.12
C ALA H 269 39.50 22.01 -2.10
N GLU H 270 39.13 21.95 -3.40
CA GLU H 270 40.08 21.49 -4.41
C GLU H 270 41.29 22.41 -4.50
N GLU H 271 41.07 23.73 -4.50
CA GLU H 271 42.17 24.68 -4.54
C GLU H 271 43.03 24.59 -3.29
N ILE H 272 42.38 24.44 -2.13
CA ILE H 272 43.11 24.42 -0.86
C ILE H 272 43.97 23.17 -0.74
N TYR H 273 43.48 22.03 -1.26
CA TYR H 273 44.20 20.78 -1.09
C TYR H 273 45.57 20.82 -1.76
N SER H 274 45.71 21.58 -2.85
CA SER H 274 46.94 21.58 -3.62
C SER H 274 48.01 22.50 -3.04
N ARG H 275 47.74 23.17 -1.94
CA ARG H 275 48.64 24.21 -1.43
C ARG H 275 48.83 24.13 0.08
N VAL H 276 48.69 22.94 0.66
CA VAL H 276 48.77 22.77 2.11
C VAL H 276 49.52 21.47 2.42
N THR H 277 50.22 21.47 3.56
CA THR H 277 50.87 20.25 4.03
C THR H 277 49.83 19.16 4.25
N PRO H 278 50.21 17.89 4.04
CA PRO H 278 49.25 16.80 4.26
C PRO H 278 48.71 16.73 5.68
N GLN H 279 49.49 17.21 6.66
CA GLN H 279 49.07 17.13 8.05
C GLN H 279 47.80 17.95 8.31
N SER H 280 47.73 19.14 7.72
CA SER H 280 46.58 20.02 7.93
C SER H 280 45.44 19.76 6.95
N ILE H 281 45.74 19.24 5.76
CA ILE H 281 44.72 18.97 4.76
C ILE H 281 43.59 18.16 5.36
N ILE H 282 43.93 17.20 6.23
CA ILE H 282 42.91 16.45 6.96
C ILE H 282 42.05 17.38 7.80
N ARG H 283 42.70 18.30 8.52
CA ARG H 283 41.98 19.18 9.43
C ARG H 283 40.98 20.05 8.68
N MET H 284 41.42 20.70 7.60
CA MET H 284 40.46 21.55 6.90
C MET H 284 39.50 20.75 6.02
N TYR H 285 39.83 19.49 5.69
CA TYR H 285 38.80 18.62 5.12
C TYR H 285 37.67 18.41 6.12
N GLU H 286 38.02 18.11 7.37
CA GLU H 286 37.01 17.95 8.40
C GLU H 286 36.21 19.23 8.59
N ILE H 287 36.89 20.37 8.60
CA ILE H 287 36.22 21.65 8.80
C ILE H 287 35.23 21.92 7.67
N VAL H 288 35.68 21.74 6.42
CA VAL H 288 34.83 22.05 5.28
C VAL H 288 33.65 21.10 5.20
N GLY H 289 33.89 19.80 5.47
CA GLY H 289 32.78 18.86 5.48
C GLY H 289 31.77 19.16 6.56
N GLU H 290 32.25 19.53 7.76
CA GLU H 290 31.34 19.90 8.83
C GLU H 290 30.52 21.12 8.45
N ASN H 291 31.15 22.12 7.83
CA ASN H 291 30.40 23.31 7.41
C ASN H 291 29.37 22.97 6.34
N ASN H 292 29.74 22.10 5.38
CA ASN H 292 28.81 21.75 4.32
C ASN H 292 27.67 20.89 4.82
N GLN H 293 27.89 20.14 5.89
CA GLN H 293 26.87 19.22 6.37
C GLN H 293 25.60 19.93 6.79
N TYR H 294 25.72 21.13 7.36
CA TYR H 294 24.59 21.84 7.95
C TYR H 294 24.09 22.97 7.07
N HIS H 295 24.53 23.02 5.80
CA HIS H 295 24.16 24.15 4.96
C HIS H 295 22.65 24.23 4.75
N GLY H 296 22.01 23.07 4.60
CA GLY H 296 20.57 23.05 4.47
C GLY H 296 19.81 23.33 5.74
N ILE H 297 20.52 23.55 6.84
CA ILE H 297 19.91 23.83 8.13
C ILE H 297 20.14 25.27 8.57
N ALA H 298 21.36 25.78 8.39
CA ALA H 298 21.72 27.10 8.87
C ALA H 298 20.87 28.18 8.20
N ALA H 299 20.35 29.11 9.01
CA ALA H 299 19.54 30.21 8.44
C ALA H 299 20.40 31.24 7.68
N ASN H 300 21.50 31.73 8.27
CA ASN H 300 22.26 32.77 7.54
C ASN H 300 23.46 32.13 6.87
N THR H 301 23.39 31.93 5.55
CA THR H 301 24.51 31.29 4.84
C THR H 301 25.73 32.20 4.93
N GLU H 302 25.54 33.51 4.64
CA GLU H 302 26.64 34.44 4.81
C GLU H 302 27.39 34.18 6.11
N LEU H 303 26.67 34.03 7.21
CA LEU H 303 27.31 33.73 8.49
C LEU H 303 27.95 32.34 8.47
N HIS H 304 27.31 31.38 7.81
CA HIS H 304 27.90 30.06 7.65
C HIS H 304 29.24 30.14 6.93
N LEU H 305 29.28 30.90 5.83
CA LEU H 305 30.51 31.02 5.06
C LEU H 305 31.58 31.76 5.85
N ALA H 306 31.18 32.78 6.61
CA ALA H 306 32.14 33.46 7.47
C ALA H 306 32.72 32.52 8.50
N TYR H 307 31.86 31.69 9.11
CA TYR H 307 32.32 30.69 10.06
C TYR H 307 33.34 29.77 9.41
N LEU H 308 33.05 29.31 8.20
CA LEU H 308 33.98 28.44 7.48
C LEU H 308 35.30 29.13 7.21
N PHE H 309 35.26 30.39 6.77
CA PHE H 309 36.49 31.12 6.46
C PHE H 309 37.37 31.28 7.70
N ILE H 310 36.76 31.66 8.83
CA ILE H 310 37.57 31.86 10.03
C ILE H 310 38.07 30.53 10.58
N GLN H 311 37.28 29.46 10.46
CA GLN H 311 37.79 28.15 10.85
C GLN H 311 39.00 27.77 10.01
N LEU H 312 38.92 28.00 8.70
CA LEU H 312 40.04 27.72 7.81
C LEU H 312 41.26 28.52 8.21
N ALA H 313 41.07 29.83 8.46
CA ALA H 313 42.20 30.69 8.81
C ALA H 313 42.80 30.32 10.15
N CYS H 314 42.00 29.80 11.06
CA CYS H 314 42.52 29.45 12.38
C CYS H 314 43.28 28.12 12.34
N GLU H 315 42.86 27.18 11.51
CA GLU H 315 43.53 25.89 11.38
C GLU H 315 44.36 25.81 10.11
N MET H 316 45.09 26.89 9.83
CA MET H 316 45.60 27.23 8.52
C MET H 316 47.09 26.94 8.40
N GLN H 317 47.49 26.57 7.18
CA GLN H 317 48.90 26.34 6.87
C GLN H 317 49.05 26.31 5.35
N TRP H 318 49.87 27.21 4.81
CA TRP H 318 50.15 27.24 3.38
C TRP H 318 51.19 26.23 2.91
N LYS H 319 51.62 25.31 3.78
CA LYS H 319 52.70 24.37 3.44
C LYS H 319 54.01 25.10 3.18
N MET I 1 29.62 -40.13 -17.41
CA MET I 1 28.77 -40.40 -16.25
C MET I 1 28.06 -39.13 -15.82
N ILE I 2 27.95 -38.18 -16.74
CA ILE I 2 27.28 -36.91 -16.49
C ILE I 2 25.88 -36.98 -17.07
N THR I 3 24.98 -36.18 -16.51
CA THR I 3 23.58 -36.17 -16.93
C THR I 3 23.32 -34.91 -17.74
N VAL I 4 22.87 -35.10 -18.99
CA VAL I 4 22.65 -34.02 -19.92
C VAL I 4 21.19 -34.01 -20.33
N ASN I 5 20.54 -32.86 -20.23
CA ASN I 5 19.19 -32.66 -20.73
C ASN I 5 19.32 -31.97 -22.08
N GLU I 6 19.28 -32.75 -23.16
CA GLU I 6 19.43 -32.16 -24.47
C GLU I 6 18.31 -31.18 -24.79
N LYS I 7 17.18 -31.29 -24.10
CA LYS I 7 16.08 -30.35 -24.32
C LYS I 7 16.42 -28.97 -23.77
N GLU I 8 17.06 -28.91 -22.62
CA GLU I 8 17.41 -27.64 -22.00
C GLU I 8 18.55 -26.96 -22.77
N HIS I 9 18.66 -25.65 -22.59
CA HIS I 9 19.80 -24.93 -23.12
C HIS I 9 20.52 -24.06 -22.11
N ILE I 10 19.90 -23.70 -20.99
CA ILE I 10 20.64 -23.05 -19.91
C ILE I 10 21.64 -24.05 -19.37
N LEU I 11 22.90 -23.63 -19.24
CA LEU I 11 23.93 -24.57 -18.85
C LEU I 11 23.66 -25.13 -17.45
N GLU I 12 23.19 -24.29 -16.53
CA GLU I 12 22.91 -24.75 -15.18
C GLU I 12 21.67 -25.62 -15.09
N GLN I 13 20.89 -25.72 -16.15
CA GLN I 13 19.76 -26.65 -16.21
C GLN I 13 20.05 -27.85 -17.08
N LYS I 14 20.96 -27.71 -18.05
CA LYS I 14 21.29 -28.82 -18.93
C LYS I 14 21.97 -29.94 -18.17
N TYR I 15 22.94 -29.58 -17.33
CA TYR I 15 23.70 -30.56 -16.54
C TYR I 15 23.19 -30.53 -15.11
N ARG I 16 22.10 -31.23 -14.88
CA ARG I 16 21.52 -31.38 -13.56
C ARG I 16 21.57 -32.84 -13.16
N PRO I 17 22.17 -33.17 -12.02
CA PRO I 17 22.33 -34.58 -11.65
C PRO I 17 20.99 -35.29 -11.60
N SER I 18 20.97 -36.52 -12.10
CA SER I 18 19.77 -37.34 -12.06
C SER I 18 19.83 -38.39 -10.97
N THR I 19 20.88 -38.39 -10.16
CA THR I 19 21.03 -39.39 -9.11
C THR I 19 21.88 -38.82 -8.00
N ILE I 20 21.78 -39.44 -6.82
CA ILE I 20 22.50 -38.93 -5.65
C ILE I 20 24.00 -39.09 -5.83
N ASP I 21 24.44 -40.17 -6.47
CA ASP I 21 25.86 -40.38 -6.67
C ASP I 21 26.49 -39.28 -7.50
N GLU I 22 25.71 -38.63 -8.35
CA GLU I 22 26.22 -37.58 -9.22
C GLU I 22 26.31 -36.23 -8.52
N CYS I 23 25.70 -36.07 -7.36
CA CYS I 23 25.68 -34.78 -6.71
C CYS I 23 27.02 -34.48 -6.04
N ILE I 24 27.14 -33.25 -5.52
CA ILE I 24 28.35 -32.77 -4.88
C ILE I 24 28.05 -32.52 -3.41
N LEU I 25 27.21 -33.37 -2.83
CA LEU I 25 26.79 -33.23 -1.44
C LEU I 25 27.96 -33.49 -0.48
N PRO I 26 27.89 -32.95 0.74
CA PRO I 26 28.88 -33.30 1.76
C PRO I 26 28.84 -34.79 2.06
N ALA I 27 29.89 -35.26 2.72
CA ALA I 27 30.00 -36.69 3.02
C ALA I 27 28.81 -37.17 3.83
N PHE I 28 28.46 -36.44 4.89
CA PHE I 28 27.36 -36.85 5.74
C PHE I 28 26.02 -36.79 5.00
N ASP I 29 25.77 -35.69 4.28
CA ASP I 29 24.52 -35.56 3.56
C ASP I 29 24.40 -36.59 2.45
N LYS I 30 25.47 -36.79 1.67
CA LYS I 30 25.41 -37.81 0.62
C LYS I 30 25.21 -39.20 1.21
N GLU I 31 25.85 -39.47 2.35
CA GLU I 31 25.67 -40.77 2.99
C GLU I 31 24.24 -40.97 3.46
N THR I 32 23.63 -39.94 4.07
CA THR I 32 22.26 -40.10 4.53
C THR I 32 21.27 -40.19 3.37
N PHE I 33 21.51 -39.47 2.27
CA PHE I 33 20.63 -39.61 1.12
C PHE I 33 20.78 -40.98 0.48
N LYS I 34 22.01 -41.49 0.42
CA LYS I 34 22.20 -42.84 -0.09
C LYS I 34 21.51 -43.86 0.80
N SER I 35 21.58 -43.67 2.12
CA SER I 35 20.87 -44.57 3.02
C SER I 35 19.37 -44.51 2.81
N ILE I 36 18.83 -43.31 2.61
CA ILE I 36 17.40 -43.17 2.35
C ILE I 36 17.00 -43.90 1.08
N THR I 37 17.78 -43.73 0.01
CA THR I 37 17.46 -44.43 -1.23
C THR I 37 17.57 -45.94 -1.08
N SER I 38 18.59 -46.41 -0.34
CA SER I 38 18.76 -47.84 -0.15
C SER I 38 17.63 -48.44 0.68
N LYS I 39 17.16 -47.70 1.69
CA LYS I 39 16.05 -48.18 2.50
C LYS I 39 14.80 -48.37 1.65
N GLY I 40 14.64 -47.58 0.60
CA GLY I 40 13.56 -47.73 -0.34
C GLY I 40 12.40 -46.79 -0.14
N LYS I 41 12.27 -46.20 1.05
CA LYS I 41 11.17 -45.31 1.35
C LYS I 41 11.72 -43.96 1.80
N ILE I 42 11.22 -42.89 1.18
CA ILE I 42 11.57 -41.53 1.59
C ILE I 42 10.69 -41.14 2.77
N PRO I 43 11.24 -40.74 3.89
CA PRO I 43 10.43 -40.14 4.95
C PRO I 43 10.09 -38.71 4.56
N HIS I 44 9.34 -38.04 5.41
CA HIS I 44 9.08 -36.62 5.18
C HIS I 44 10.39 -35.87 5.38
N ILE I 45 10.86 -35.19 4.35
CA ILE I 45 12.13 -34.48 4.42
C ILE I 45 11.88 -33.01 4.12
N ILE I 46 12.71 -32.15 4.70
CA ILE I 46 12.72 -30.73 4.41
C ILE I 46 14.15 -30.37 4.07
N LEU I 47 14.44 -30.21 2.79
CA LEU I 47 15.78 -29.84 2.34
C LEU I 47 15.86 -28.32 2.31
N HIS I 48 16.60 -27.73 3.23
CA HIS I 48 16.60 -26.29 3.36
C HIS I 48 18.01 -25.73 3.39
N SER I 49 18.18 -24.55 2.81
CA SER I 49 19.43 -23.80 2.84
C SER I 49 19.18 -22.37 2.38
N PRO I 50 19.59 -21.37 3.15
CA PRO I 50 19.43 -19.99 2.70
C PRO I 50 20.19 -19.69 1.41
N SER I 51 21.31 -20.35 1.18
CA SER I 51 22.08 -20.12 -0.03
C SER I 51 21.44 -20.87 -1.20
N PRO I 52 21.03 -20.19 -2.26
CA PRO I 52 20.44 -20.89 -3.40
C PRO I 52 21.49 -21.71 -4.13
N GLY I 53 21.00 -22.72 -4.84
CA GLY I 53 21.87 -23.52 -5.67
C GLY I 53 22.68 -24.57 -4.94
N THR I 54 22.38 -24.85 -3.67
CA THR I 54 23.14 -25.86 -2.96
C THR I 54 22.85 -27.27 -3.47
N GLY I 55 21.64 -27.52 -3.93
CA GLY I 55 21.32 -28.82 -4.48
C GLY I 55 19.99 -29.41 -4.04
N LYS I 56 19.16 -28.58 -3.39
CA LYS I 56 17.95 -29.10 -2.76
C LYS I 56 16.97 -29.69 -3.77
N THR I 57 16.62 -28.94 -4.81
CA THR I 57 15.72 -29.45 -5.81
C THR I 57 16.34 -30.61 -6.56
N THR I 58 17.64 -30.51 -6.84
CA THR I 58 18.35 -31.60 -7.48
C THR I 58 18.31 -32.86 -6.63
N VAL I 59 18.51 -32.72 -5.33
CA VAL I 59 18.49 -33.87 -4.44
C VAL I 59 17.09 -34.46 -4.34
N ALA I 60 16.06 -33.60 -4.32
CA ALA I 60 14.70 -34.09 -4.25
C ALA I 60 14.35 -34.91 -5.48
N LYS I 61 14.60 -34.36 -6.67
CA LYS I 61 14.31 -35.10 -7.89
C LYS I 61 15.20 -36.33 -8.01
N ALA I 62 16.43 -36.26 -7.51
CA ALA I 62 17.32 -37.40 -7.58
C ALA I 62 16.88 -38.52 -6.65
N LEU I 63 16.36 -38.18 -5.47
CA LEU I 63 15.80 -39.20 -4.59
C LEU I 63 14.59 -39.86 -5.24
N CYS I 64 13.66 -39.05 -5.75
CA CYS I 64 12.48 -39.61 -6.39
C CYS I 64 12.83 -40.38 -7.65
N HIS I 65 14.01 -40.17 -8.22
CA HIS I 65 14.46 -40.97 -9.35
C HIS I 65 15.16 -42.24 -8.89
N ASP I 66 15.94 -42.17 -7.82
CA ASP I 66 16.69 -43.32 -7.34
C ASP I 66 15.76 -44.39 -6.80
N VAL I 67 14.79 -44.01 -5.97
CA VAL I 67 13.84 -44.99 -5.44
C VAL I 67 12.70 -45.26 -6.40
N ASN I 68 12.74 -44.69 -7.61
CA ASN I 68 11.68 -44.85 -8.60
C ASN I 68 10.34 -44.41 -8.02
N ALA I 69 10.35 -43.34 -7.25
CA ALA I 69 9.13 -42.87 -6.64
C ALA I 69 8.18 -42.30 -7.67
N ASP I 70 6.89 -42.33 -7.33
CA ASP I 70 5.85 -41.70 -8.15
C ASP I 70 5.83 -40.21 -7.84
N MET I 71 6.88 -39.53 -8.27
CA MET I 71 7.05 -38.14 -7.90
C MET I 71 5.96 -37.28 -8.52
N MET I 72 5.41 -36.38 -7.72
CA MET I 72 4.51 -35.34 -8.17
C MET I 72 5.18 -34.02 -7.80
N PHE I 73 5.63 -33.28 -8.80
CA PHE I 73 6.36 -32.04 -8.54
C PHE I 73 5.39 -30.89 -8.45
N VAL I 74 5.50 -30.11 -7.38
CA VAL I 74 4.62 -28.99 -7.13
C VAL I 74 5.48 -27.74 -6.95
N ASN I 75 5.11 -26.66 -7.63
CA ASN I 75 5.63 -25.37 -7.24
C ASN I 75 5.08 -25.06 -5.87
N GLY I 76 5.96 -24.76 -4.92
CA GLY I 76 5.51 -24.57 -3.56
C GLY I 76 4.55 -23.40 -3.42
N SER I 77 4.77 -22.34 -4.19
CA SER I 77 3.89 -21.19 -4.12
C SER I 77 2.50 -21.47 -4.66
N ASP I 78 2.32 -22.58 -5.37
CA ASP I 78 1.01 -23.01 -5.83
C ASP I 78 0.35 -23.99 -4.89
N CYS I 79 0.99 -24.34 -3.78
CA CYS I 79 0.43 -25.31 -2.84
C CYS I 79 -0.42 -24.59 -1.80
N LYS I 80 -1.46 -23.93 -2.29
CA LYS I 80 -2.39 -23.23 -1.43
C LYS I 80 -3.32 -24.24 -0.77
N ILE I 81 -4.29 -23.75 0.00
CA ILE I 81 -5.13 -24.65 0.78
C ILE I 81 -6.02 -25.49 -0.13
N ASP I 82 -6.46 -24.92 -1.25
CA ASP I 82 -7.26 -25.70 -2.20
C ASP I 82 -6.41 -26.77 -2.87
N PHE I 83 -5.13 -26.50 -3.07
CA PHE I 83 -4.24 -27.51 -3.61
C PHE I 83 -4.07 -28.68 -2.65
N VAL I 84 -3.95 -28.38 -1.35
CA VAL I 84 -3.88 -29.45 -0.37
C VAL I 84 -5.17 -30.24 -0.32
N ARG I 85 -6.31 -29.54 -0.35
CA ARG I 85 -7.59 -30.23 -0.34
C ARG I 85 -7.91 -30.90 -1.65
N GLY I 86 -7.33 -30.43 -2.75
CA GLY I 86 -7.71 -30.87 -4.07
C GLY I 86 -6.75 -31.88 -4.65
N PRO I 87 -5.84 -31.41 -5.50
CA PRO I 87 -4.93 -32.35 -6.18
C PRO I 87 -4.08 -33.18 -5.24
N LEU I 88 -3.72 -32.63 -4.09
CA LEU I 88 -2.83 -33.36 -3.20
C LEU I 88 -3.53 -34.55 -2.57
N THR I 89 -4.77 -34.35 -2.11
CA THR I 89 -5.55 -35.45 -1.55
C THR I 89 -5.94 -36.47 -2.62
N ASN I 90 -6.23 -35.99 -3.84
CA ASN I 90 -6.47 -36.92 -4.94
C ASN I 90 -5.24 -37.76 -5.23
N PHE I 91 -4.07 -37.15 -5.17
CA PHE I 91 -2.84 -37.91 -5.43
C PHE I 91 -2.58 -38.91 -4.33
N ALA I 92 -2.72 -38.50 -3.07
CA ALA I 92 -2.42 -39.40 -1.96
C ALA I 92 -3.43 -40.52 -1.86
N SER I 93 -4.68 -40.26 -2.19
CA SER I 93 -5.71 -41.27 -2.03
C SER I 93 -5.78 -42.25 -3.18
N ALA I 94 -5.19 -41.93 -4.34
CA ALA I 94 -5.24 -42.83 -5.46
C ALA I 94 -4.40 -44.08 -5.18
N ALA I 95 -4.67 -45.14 -5.94
CA ALA I 95 -4.02 -46.42 -5.70
C ALA I 95 -2.76 -46.52 -6.54
N SER I 96 -1.68 -46.94 -5.90
CA SER I 96 -0.40 -47.18 -6.57
C SER I 96 -0.33 -48.67 -6.88
N PHE I 97 -0.74 -49.03 -8.09
CA PHE I 97 -0.69 -50.44 -8.49
C PHE I 97 0.74 -50.89 -8.78
N ASP I 98 1.58 -50.00 -9.30
CA ASP I 98 2.95 -50.37 -9.65
C ASP I 98 3.84 -50.58 -8.44
N GLY I 99 3.37 -50.23 -7.24
CA GLY I 99 4.19 -50.32 -6.07
C GLY I 99 5.15 -49.16 -5.89
N ARG I 100 5.16 -48.23 -6.85
CA ARG I 100 6.00 -47.04 -6.72
C ARG I 100 5.52 -46.21 -5.55
N GLN I 101 6.46 -45.75 -4.74
CA GLN I 101 6.09 -44.92 -3.60
C GLN I 101 5.64 -43.56 -4.08
N LYS I 102 4.52 -43.09 -3.54
CA LYS I 102 4.03 -41.75 -3.87
C LYS I 102 4.83 -40.74 -3.08
N VAL I 103 5.47 -39.80 -3.78
CA VAL I 103 6.23 -38.74 -3.14
C VAL I 103 5.77 -37.42 -3.72
N ILE I 104 5.50 -36.45 -2.86
CA ILE I 104 5.06 -35.13 -3.24
C ILE I 104 6.22 -34.18 -2.97
N VAL I 105 6.82 -33.65 -4.02
CA VAL I 105 7.94 -32.72 -3.89
C VAL I 105 7.37 -31.31 -3.98
N ILE I 106 7.36 -30.61 -2.86
CA ILE I 106 6.81 -29.26 -2.80
C ILE I 106 7.99 -28.31 -2.83
N ASP I 107 8.40 -27.93 -4.03
CA ASP I 107 9.62 -27.16 -4.22
C ASP I 107 9.39 -25.71 -3.84
N GLU I 108 10.32 -25.14 -3.07
CA GLU I 108 10.28 -23.74 -2.67
C GLU I 108 8.96 -23.42 -1.94
N PHE I 109 8.79 -24.06 -0.81
CA PHE I 109 7.57 -23.97 -0.01
C PHE I 109 7.76 -23.13 1.25
N ASP I 110 8.60 -22.11 1.16
CA ASP I 110 8.93 -21.29 2.32
C ASP I 110 8.19 -19.95 2.32
N ARG I 111 7.16 -19.80 1.51
CA ARG I 111 6.40 -18.56 1.52
C ARG I 111 5.61 -18.45 2.83
N SER I 112 5.56 -17.24 3.38
CA SER I 112 4.82 -17.03 4.61
C SER I 112 3.32 -16.98 4.36
N GLY I 113 2.91 -16.38 3.23
CA GLY I 113 1.49 -16.28 2.94
C GLY I 113 0.80 -17.62 2.94
N LEU I 114 1.52 -18.68 2.60
CA LEU I 114 0.99 -20.04 2.72
C LEU I 114 1.23 -20.59 4.11
N ALA I 115 0.84 -19.84 5.14
CA ALA I 115 0.92 -20.38 6.48
C ALA I 115 -0.21 -21.37 6.73
N GLU I 116 -1.45 -20.95 6.48
CA GLU I 116 -2.60 -21.83 6.66
C GLU I 116 -2.47 -23.07 5.81
N SER I 117 -2.05 -22.91 4.55
CA SER I 117 -1.88 -24.06 3.67
C SER I 117 -0.92 -25.07 4.25
N GLN I 118 0.03 -24.63 5.07
CA GLN I 118 0.96 -25.57 5.69
C GLN I 118 0.30 -26.33 6.82
N ARG I 119 -0.53 -25.65 7.63
CA ARG I 119 -1.21 -26.34 8.71
C ARG I 119 -1.97 -27.55 8.19
N HIS I 120 -2.78 -27.35 7.13
CA HIS I 120 -3.49 -28.47 6.53
C HIS I 120 -2.52 -29.56 6.11
N LEU I 121 -1.41 -29.18 5.49
CA LEU I 121 -0.41 -30.17 5.12
C LEU I 121 0.06 -30.95 6.33
N ARG I 122 0.28 -30.25 7.45
CA ARG I 122 0.65 -30.93 8.68
C ARG I 122 -0.46 -31.86 9.14
N SER I 123 -1.72 -31.44 9.00
CA SER I 123 -2.82 -32.37 9.21
C SER I 123 -2.83 -33.44 8.14
N PHE I 124 -2.52 -33.06 6.91
CA PHE I 124 -2.53 -34.00 5.80
C PHE I 124 -1.58 -35.17 6.06
N MET I 125 -0.37 -34.88 6.52
CA MET I 125 0.57 -35.94 6.82
C MET I 125 0.05 -36.86 7.90
N GLU I 126 -0.76 -36.35 8.82
CA GLU I 126 -1.26 -37.22 9.86
C GLU I 126 -2.29 -38.21 9.34
N ALA I 127 -2.85 -37.96 8.16
CA ALA I 127 -3.86 -38.84 7.60
C ALA I 127 -3.41 -39.60 6.37
N TYR I 128 -2.38 -39.13 5.68
CA TYR I 128 -1.85 -39.76 4.48
C TYR I 128 -0.34 -39.92 4.57
N SER I 129 0.16 -40.28 5.75
CA SER I 129 1.60 -40.54 5.86
C SER I 129 1.97 -41.87 5.23
N SER I 130 1.11 -42.88 5.37
CA SER I 130 1.41 -44.17 4.79
C SER I 130 1.30 -44.13 3.28
N ASN I 131 0.33 -43.39 2.75
CA ASN I 131 0.10 -43.37 1.31
C ASN I 131 1.21 -42.63 0.58
N CYS I 132 1.56 -41.43 1.05
CA CYS I 132 2.49 -40.57 0.33
C CYS I 132 3.47 -39.94 1.30
N SER I 133 4.66 -39.62 0.78
CA SER I 133 5.70 -38.95 1.54
C SER I 133 5.98 -37.60 0.92
N ILE I 134 6.45 -36.66 1.74
CA ILE I 134 6.51 -35.26 1.36
C ILE I 134 7.94 -34.75 1.51
N ILE I 135 8.47 -34.19 0.43
CA ILE I 135 9.77 -33.55 0.40
C ILE I 135 9.54 -32.08 0.15
N ILE I 136 10.03 -31.23 1.04
CA ILE I 136 9.82 -29.79 0.97
C ILE I 136 11.18 -29.14 0.81
N THR I 137 11.45 -28.55 -0.34
CA THR I 137 12.68 -27.80 -0.53
C THR I 137 12.41 -26.34 -0.25
N ALA I 138 13.27 -25.71 0.53
CA ALA I 138 13.02 -24.35 0.98
C ALA I 138 14.33 -23.61 1.17
N ASN I 139 14.23 -22.29 1.13
CA ASN I 139 15.39 -21.43 1.36
C ASN I 139 15.38 -20.81 2.75
N ASN I 140 14.28 -20.19 3.14
CA ASN I 140 14.14 -19.59 4.46
C ASN I 140 13.37 -20.58 5.33
N ILE I 141 14.08 -21.27 6.21
CA ILE I 141 13.44 -22.31 7.02
C ILE I 141 12.42 -21.72 7.96
N ASP I 142 12.58 -20.45 8.35
CA ASP I 142 11.60 -19.82 9.22
C ASP I 142 10.25 -19.66 8.55
N GLY I 143 10.19 -19.80 7.22
CA GLY I 143 8.93 -19.75 6.51
C GLY I 143 8.09 -20.99 6.64
N ILE I 144 8.72 -22.13 6.91
CA ILE I 144 7.99 -23.38 7.17
C ILE I 144 7.61 -23.40 8.64
N ILE I 145 6.33 -23.65 8.92
CA ILE I 145 5.86 -23.58 10.30
C ILE I 145 6.57 -24.63 11.13
N LYS I 146 6.69 -24.35 12.43
CA LYS I 146 7.40 -25.25 13.32
C LYS I 146 6.85 -26.67 13.35
N PRO I 147 5.54 -26.91 13.37
CA PRO I 147 5.07 -28.31 13.38
C PRO I 147 5.54 -29.12 12.18
N LEU I 148 5.65 -28.49 11.01
CA LEU I 148 6.15 -29.21 9.84
C LEU I 148 7.60 -29.63 10.03
N GLN I 149 8.42 -28.76 10.62
CA GLN I 149 9.79 -29.12 10.93
C GLN I 149 9.84 -30.23 11.98
N SER I 150 8.90 -30.22 12.93
CA SER I 150 8.86 -31.26 13.93
C SER I 150 8.51 -32.61 13.31
N ARG I 151 7.59 -32.63 12.36
CA ARG I 151 7.18 -33.89 11.75
C ARG I 151 8.21 -34.40 10.74
N CYS I 152 8.85 -33.48 10.02
CA CYS I 152 9.74 -33.86 8.93
C CYS I 152 11.19 -33.94 9.39
N ARG I 153 11.99 -34.66 8.60
CA ARG I 153 13.42 -34.75 8.80
C ARG I 153 14.08 -33.57 8.09
N VAL I 154 14.57 -32.61 8.85
CA VAL I 154 15.15 -31.39 8.30
C VAL I 154 16.60 -31.64 7.96
N ILE I 155 16.98 -31.33 6.73
CA ILE I 155 18.35 -31.51 6.25
C ILE I 155 18.85 -30.17 5.72
N THR I 156 19.89 -29.64 6.34
CA THR I 156 20.40 -28.32 6.00
C THR I 156 21.53 -28.45 5.01
N PHE I 157 21.40 -27.76 3.89
CA PHE I 157 22.41 -27.74 2.84
C PHE I 157 23.29 -26.50 2.99
N GLY I 158 24.45 -26.55 2.33
CA GLY I 158 25.26 -25.38 2.21
C GLY I 158 25.99 -24.93 3.45
N GLN I 159 26.21 -25.81 4.42
CA GLN I 159 27.08 -25.53 5.55
C GLN I 159 28.03 -26.71 5.75
N PRO I 160 28.92 -26.95 4.80
CA PRO I 160 29.81 -28.11 4.89
C PRO I 160 31.03 -27.81 5.75
N THR I 161 31.57 -28.87 6.36
CA THR I 161 32.77 -28.72 7.15
C THR I 161 33.95 -28.40 6.25
N ASP I 162 35.08 -28.05 6.86
CA ASP I 162 36.23 -27.62 6.08
C ASP I 162 36.73 -28.74 5.18
N GLU I 163 36.80 -29.96 5.71
CA GLU I 163 37.16 -31.10 4.86
C GLU I 163 36.12 -31.32 3.78
N ASP I 164 34.83 -31.21 4.14
CA ASP I 164 33.77 -31.32 3.15
C ASP I 164 33.87 -30.20 2.12
N LYS I 165 34.20 -28.99 2.56
CA LYS I 165 34.34 -27.89 1.63
C LYS I 165 35.45 -28.17 0.62
N ILE I 166 36.59 -28.68 1.10
CA ILE I 166 37.70 -28.98 0.20
C ILE I 166 37.30 -30.07 -0.79
N GLU I 167 36.68 -31.15 -0.28
CA GLU I 167 36.32 -32.26 -1.15
C GLU I 167 35.30 -31.85 -2.18
N MET I 168 34.28 -31.08 -1.79
CA MET I 168 33.26 -30.69 -2.74
C MET I 168 33.77 -29.64 -3.72
N MET I 169 34.71 -28.80 -3.31
CA MET I 169 35.34 -27.90 -4.26
C MET I 169 36.13 -28.69 -5.31
N LYS I 170 36.84 -29.74 -4.87
CA LYS I 170 37.55 -30.59 -5.82
C LYS I 170 36.58 -31.29 -6.78
N GLN I 171 35.47 -31.80 -6.23
CA GLN I 171 34.47 -32.46 -7.07
C GLN I 171 33.85 -31.50 -8.06
N MET I 172 33.58 -30.26 -7.64
CA MET I 172 32.99 -29.28 -8.54
C MET I 172 33.97 -28.85 -9.62
N ILE I 173 35.25 -28.75 -9.29
CA ILE I 173 36.26 -28.48 -10.32
C ILE I 173 36.28 -29.60 -11.35
N ARG I 174 36.25 -30.84 -10.88
CA ARG I 174 36.21 -31.97 -11.81
C ARG I 174 34.97 -31.94 -12.68
N ARG I 175 33.82 -31.64 -12.08
CA ARG I 175 32.58 -31.61 -12.85
C ARG I 175 32.56 -30.47 -13.85
N LEU I 176 33.17 -29.33 -13.50
CA LEU I 176 33.26 -28.23 -14.46
C LEU I 176 34.20 -28.57 -15.60
N THR I 177 35.27 -29.31 -15.33
CA THR I 177 36.12 -29.78 -16.42
C THR I 177 35.35 -30.72 -17.34
N GLU I 178 34.55 -31.62 -16.78
CA GLU I 178 33.72 -32.49 -17.60
C GLU I 178 32.70 -31.69 -18.40
N ILE I 179 32.09 -30.68 -17.79
CA ILE I 179 31.13 -29.84 -18.49
C ILE I 179 31.79 -29.12 -19.65
N CYS I 180 33.00 -28.59 -19.43
CA CYS I 180 33.72 -27.89 -20.49
C CYS I 180 34.11 -28.84 -21.62
N LYS I 181 34.58 -30.04 -21.28
CA LYS I 181 34.93 -30.99 -22.32
C LYS I 181 33.70 -31.53 -23.03
N HIS I 182 32.53 -31.40 -22.42
CA HIS I 182 31.28 -31.83 -23.04
C HIS I 182 30.61 -30.74 -23.86
N GLU I 183 30.91 -29.48 -23.59
CA GLU I 183 30.32 -28.35 -24.29
C GLU I 183 31.20 -27.82 -25.40
N GLY I 184 32.30 -28.51 -25.71
CA GLY I 184 33.23 -28.02 -26.71
C GLY I 184 33.94 -26.75 -26.30
N ILE I 185 34.33 -26.64 -25.04
CA ILE I 185 35.03 -25.47 -24.52
C ILE I 185 36.42 -25.90 -24.11
N ALA I 186 37.44 -25.27 -24.68
CA ALA I 186 38.82 -25.60 -24.38
C ALA I 186 39.26 -24.85 -23.13
N ILE I 187 39.85 -25.58 -22.20
CA ILE I 187 40.31 -25.03 -20.93
C ILE I 187 41.81 -24.76 -21.07
N ALA I 188 42.19 -23.49 -21.16
CA ALA I 188 43.60 -23.14 -21.30
C ALA I 188 44.31 -23.15 -19.95
N ASP I 189 43.72 -22.51 -18.94
CA ASP I 189 44.28 -22.47 -17.60
C ASP I 189 43.36 -23.21 -16.65
N MET I 190 43.92 -24.18 -15.92
CA MET I 190 43.13 -24.99 -15.00
C MET I 190 42.78 -24.26 -13.73
N LYS I 191 43.47 -23.17 -13.41
CA LYS I 191 43.16 -22.40 -12.22
C LYS I 191 41.91 -21.56 -12.37
N VAL I 192 41.47 -21.31 -13.61
CA VAL I 192 40.27 -20.53 -13.81
C VAL I 192 39.05 -21.27 -13.29
N VAL I 193 38.99 -22.59 -13.51
CA VAL I 193 37.87 -23.38 -13.00
C VAL I 193 37.89 -23.40 -11.48
N ALA I 194 39.07 -23.53 -10.88
CA ALA I 194 39.15 -23.49 -9.43
C ALA I 194 38.71 -22.15 -8.88
N ALA I 195 39.08 -21.05 -9.55
CA ALA I 195 38.65 -19.73 -9.13
C ALA I 195 37.14 -19.60 -9.24
N LEU I 196 36.57 -20.12 -10.33
CA LEU I 196 35.11 -20.06 -10.50
C LEU I 196 34.40 -20.82 -9.38
N VAL I 197 34.90 -22.01 -9.04
CA VAL I 197 34.28 -22.79 -7.98
C VAL I 197 34.42 -22.08 -6.63
N LYS I 198 35.61 -21.56 -6.34
CA LYS I 198 35.84 -20.95 -5.04
C LYS I 198 35.01 -19.67 -4.86
N LYS I 199 34.91 -18.86 -5.90
CA LYS I 199 34.19 -17.60 -5.77
C LYS I 199 32.70 -17.82 -5.55
N ASN I 200 32.10 -18.75 -6.29
CA ASN I 200 30.66 -18.96 -6.26
C ASN I 200 30.21 -20.04 -5.29
N PHE I 201 31.14 -20.66 -4.58
CA PHE I 201 30.77 -21.67 -3.59
C PHE I 201 29.96 -21.02 -2.46
N PRO I 202 28.93 -21.70 -1.92
CA PRO I 202 28.42 -23.04 -2.22
C PRO I 202 27.35 -23.06 -3.29
N ASP I 203 27.09 -21.94 -3.95
CA ASP I 203 26.12 -21.88 -5.03
C ASP I 203 26.72 -22.56 -6.26
N PHE I 204 26.32 -23.81 -6.50
CA PHE I 204 26.82 -24.51 -7.67
C PHE I 204 26.13 -24.06 -8.95
N ARG I 205 24.86 -23.69 -8.88
CA ARG I 205 24.19 -23.16 -10.05
C ARG I 205 24.84 -21.89 -10.53
N LYS I 206 25.20 -21.00 -9.61
CA LYS I 206 25.93 -19.80 -10.01
C LYS I 206 27.29 -20.15 -10.57
N THR I 207 27.91 -21.22 -10.09
CA THR I 207 29.19 -21.64 -10.64
C THR I 207 29.06 -22.02 -12.11
N ILE I 208 28.05 -22.82 -12.43
CA ILE I 208 27.83 -23.20 -13.83
C ILE I 208 27.41 -22.00 -14.65
N GLY I 209 26.64 -21.08 -14.06
CA GLY I 209 26.24 -19.89 -14.78
C GLY I 209 27.40 -18.97 -15.09
N GLU I 210 28.32 -18.80 -14.14
CA GLU I 210 29.52 -18.02 -14.39
C GLU I 210 30.44 -18.70 -15.38
N LEU I 211 30.50 -20.03 -15.33
CA LEU I 211 31.28 -20.76 -16.33
C LEU I 211 30.74 -20.51 -17.73
N ASP I 212 29.41 -20.54 -17.88
CA ASP I 212 28.82 -20.24 -19.18
C ASP I 212 29.04 -18.79 -19.57
N SER I 213 28.94 -17.86 -18.61
CA SER I 213 29.10 -16.45 -18.92
C SER I 213 30.50 -16.12 -19.37
N TYR I 214 31.51 -16.66 -18.70
CA TYR I 214 32.90 -16.34 -19.03
C TYR I 214 33.44 -17.15 -20.19
N SER I 215 32.76 -18.22 -20.57
CA SER I 215 33.18 -18.99 -21.74
C SER I 215 32.48 -18.52 -23.00
N SER I 216 32.54 -17.21 -23.26
CA SER I 216 31.90 -16.68 -24.46
C SER I 216 32.65 -17.10 -25.72
N LYS I 217 33.97 -17.04 -25.67
CA LYS I 217 34.80 -17.38 -26.82
C LYS I 217 35.28 -18.82 -26.82
N GLY I 218 34.90 -19.61 -25.82
CA GLY I 218 35.29 -21.00 -25.78
C GLY I 218 36.68 -21.26 -25.24
N VAL I 219 37.36 -20.24 -24.71
CA VAL I 219 38.68 -20.39 -24.13
C VAL I 219 38.70 -19.68 -22.78
N LEU I 220 39.28 -20.33 -21.78
CA LEU I 220 39.40 -19.77 -20.44
C LEU I 220 40.89 -19.56 -20.15
N ASP I 221 41.39 -18.39 -20.51
CA ASP I 221 42.80 -18.05 -20.38
C ASP I 221 43.02 -17.21 -19.14
N ALA I 222 44.25 -16.71 -18.98
CA ALA I 222 44.59 -15.91 -17.80
C ALA I 222 43.77 -14.62 -17.73
N GLY I 223 43.28 -14.14 -18.88
CA GLY I 223 42.38 -13.01 -18.85
C GLY I 223 41.09 -13.34 -18.12
N ILE I 224 40.53 -14.53 -18.38
CA ILE I 224 39.36 -14.96 -17.64
C ILE I 224 39.70 -15.10 -16.16
N LEU I 225 40.90 -15.58 -15.85
CA LEU I 225 41.31 -15.67 -14.45
C LEU I 225 41.32 -14.31 -13.78
N SER I 226 41.86 -13.30 -14.48
CA SER I 226 41.86 -11.95 -13.93
C SER I 226 40.44 -11.45 -13.73
N LEU I 227 39.55 -11.72 -14.68
CA LEU I 227 38.17 -11.26 -14.56
C LEU I 227 37.46 -11.92 -13.38
N VAL I 228 37.66 -13.23 -13.20
CA VAL I 228 36.96 -13.95 -12.14
C VAL I 228 37.49 -13.56 -10.77
N THR I 229 38.81 -13.54 -10.62
CA THR I 229 39.41 -13.34 -9.30
C THR I 229 39.34 -11.87 -8.86
N ASN I 230 39.29 -10.94 -9.79
CA ASN I 230 39.26 -9.51 -9.47
C ASN I 230 37.82 -9.03 -9.54
N ASP I 231 37.23 -8.75 -8.38
CA ASP I 231 35.82 -8.38 -8.29
C ASP I 231 35.69 -6.88 -8.46
N ARG I 232 35.21 -6.46 -9.63
CA ARG I 232 34.85 -5.06 -9.82
C ARG I 232 33.57 -4.74 -9.05
N GLY I 233 33.52 -3.55 -8.45
CA GLY I 233 32.42 -3.15 -7.62
C GLY I 233 32.70 -3.21 -6.14
N ALA I 234 33.79 -3.84 -5.72
CA ALA I 234 34.16 -3.90 -4.32
C ALA I 234 34.80 -2.58 -3.89
N ILE I 235 34.95 -2.43 -2.58
CA ILE I 235 35.51 -1.22 -1.99
C ILE I 235 36.98 -1.40 -1.61
N ASP I 236 37.67 -2.34 -2.26
CA ASP I 236 39.07 -2.59 -1.92
C ASP I 236 39.93 -1.35 -2.15
N ASP I 237 39.68 -0.63 -3.24
CA ASP I 237 40.39 0.62 -3.48
C ASP I 237 40.09 1.63 -2.37
N VAL I 238 38.83 1.78 -2.01
CA VAL I 238 38.46 2.70 -0.94
C VAL I 238 39.03 2.24 0.40
N LEU I 239 38.98 0.92 0.66
CA LEU I 239 39.50 0.40 1.91
C LEU I 239 41.00 0.65 2.04
N GLU I 240 41.76 0.39 0.96
CA GLU I 240 43.19 0.62 1.01
C GLU I 240 43.52 2.10 1.07
N SER I 241 42.69 2.95 0.47
CA SER I 241 42.87 4.38 0.64
C SER I 241 42.65 4.79 2.09
N LEU I 242 41.63 4.23 2.73
CA LEU I 242 41.33 4.56 4.12
C LEU I 242 42.45 4.11 5.05
N LYS I 243 42.99 2.91 4.83
CA LYS I 243 44.06 2.43 5.72
C LYS I 243 45.35 3.20 5.50
N ASN I 244 45.60 3.67 4.28
CA ASN I 244 46.80 4.42 3.97
C ASN I 244 46.65 5.90 4.24
N LYS I 245 45.44 6.36 4.58
CA LYS I 245 45.14 7.79 4.68
C LYS I 245 45.46 8.52 3.38
N ASP I 246 45.22 7.84 2.27
CA ASP I 246 45.51 8.37 0.94
C ASP I 246 44.54 9.49 0.64
N VAL I 247 44.99 10.74 0.84
CA VAL I 247 44.11 11.88 0.61
C VAL I 247 43.75 11.98 -0.87
N LYS I 248 44.74 11.84 -1.75
CA LYS I 248 44.49 12.00 -3.19
C LYS I 248 43.56 10.91 -3.70
N GLN I 249 43.78 9.66 -3.28
CA GLN I 249 42.94 8.57 -3.76
C GLN I 249 41.49 8.73 -3.31
N LEU I 250 41.30 9.11 -2.04
CA LEU I 250 39.94 9.34 -1.55
C LEU I 250 39.29 10.51 -2.25
N ARG I 251 40.05 11.58 -2.49
CA ARG I 251 39.52 12.74 -3.21
C ARG I 251 39.09 12.37 -4.62
N ALA I 252 39.90 11.55 -5.30
CA ALA I 252 39.57 11.13 -6.65
C ALA I 252 38.36 10.18 -6.67
N LEU I 253 38.27 9.30 -5.68
CA LEU I 253 37.21 8.29 -5.66
C LEU I 253 35.89 8.83 -5.14
N ALA I 254 35.89 9.94 -4.42
CA ALA I 254 34.65 10.45 -3.83
C ALA I 254 33.54 10.67 -4.86
N PRO I 255 33.78 11.28 -6.03
CA PRO I 255 32.69 11.40 -7.01
C PRO I 255 32.31 10.08 -7.68
N LYS I 256 33.10 9.02 -7.51
CA LYS I 256 32.77 7.75 -8.16
C LYS I 256 31.58 7.08 -7.49
N TYR I 257 31.41 7.27 -6.19
CA TYR I 257 30.29 6.70 -5.45
C TYR I 257 29.23 7.74 -5.13
N ALA I 258 29.21 8.86 -5.86
CA ALA I 258 28.29 9.94 -5.54
C ALA I 258 26.84 9.54 -5.77
N ALA I 259 26.56 8.84 -6.86
CA ALA I 259 25.17 8.52 -7.19
C ALA I 259 24.60 7.45 -6.27
N ASP I 260 25.37 6.39 -6.03
CA ASP I 260 24.92 5.26 -5.23
C ASP I 260 25.44 5.41 -3.79
N TYR I 261 24.88 6.40 -3.10
CA TYR I 261 25.37 6.75 -1.77
C TYR I 261 24.95 5.72 -0.72
N SER I 262 23.65 5.38 -0.68
CA SER I 262 23.13 4.58 0.43
C SER I 262 23.71 3.17 0.42
N TRP I 263 23.68 2.50 -0.74
CA TRP I 263 24.21 1.15 -0.83
C TRP I 263 25.71 1.13 -0.53
N PHE I 264 26.44 2.12 -1.05
CA PHE I 264 27.87 2.16 -0.81
C PHE I 264 28.16 2.33 0.67
N VAL I 265 27.42 3.21 1.34
CA VAL I 265 27.60 3.40 2.78
C VAL I 265 27.32 2.11 3.53
N GLY I 266 26.25 1.41 3.17
CA GLY I 266 25.93 0.16 3.85
C GLY I 266 27.03 -0.88 3.67
N LYS I 267 27.50 -1.05 2.42
CA LYS I 267 28.57 -1.99 2.14
C LYS I 267 29.85 -1.60 2.87
N LEU I 268 30.15 -0.31 2.91
CA LEU I 268 31.37 0.17 3.54
C LEU I 268 31.34 -0.15 5.04
N ALA I 269 30.21 0.14 5.69
CA ALA I 269 30.09 -0.17 7.11
C ALA I 269 30.17 -1.67 7.36
N GLU I 270 29.49 -2.46 6.55
CA GLU I 270 29.52 -3.91 6.72
C GLU I 270 30.94 -4.46 6.57
N GLU I 271 31.70 -3.93 5.61
CA GLU I 271 33.05 -4.40 5.40
C GLU I 271 33.97 -3.97 6.54
N ILE I 272 33.91 -2.70 6.94
CA ILE I 272 34.87 -2.21 7.93
C ILE I 272 34.57 -2.80 9.31
N TYR I 273 33.31 -3.14 9.59
CA TYR I 273 32.94 -3.57 10.93
C TYR I 273 33.82 -4.71 11.44
N SER I 274 34.24 -5.60 10.55
CA SER I 274 35.01 -6.78 10.94
C SER I 274 36.51 -6.54 11.00
N ARG I 275 36.99 -5.36 10.64
CA ARG I 275 38.43 -5.12 10.53
C ARG I 275 38.92 -4.00 11.44
N VAL I 276 38.21 -3.69 12.52
CA VAL I 276 38.57 -2.59 13.40
C VAL I 276 38.35 -3.00 14.86
N THR I 277 38.94 -2.23 15.76
CA THR I 277 38.79 -2.43 17.18
C THR I 277 37.34 -2.16 17.58
N PRO I 278 36.83 -2.84 18.62
CA PRO I 278 35.46 -2.54 19.09
C PRO I 278 35.20 -1.06 19.30
N GLN I 279 36.11 -0.34 19.97
CA GLN I 279 35.94 1.10 20.11
C GLN I 279 35.89 1.77 18.74
N SER I 280 36.76 1.33 17.84
CA SER I 280 36.67 1.81 16.46
C SER I 280 35.35 1.42 15.82
N ILE I 281 34.75 0.29 16.23
CA ILE I 281 33.45 -0.06 15.67
C ILE I 281 32.40 0.97 16.09
N ILE I 282 32.36 1.30 17.39
CA ILE I 282 31.42 2.32 17.86
C ILE I 282 31.64 3.63 17.12
N ARG I 283 32.90 4.05 17.04
CA ARG I 283 33.20 5.34 16.41
C ARG I 283 32.79 5.35 14.94
N MET I 284 33.13 4.30 14.21
CA MET I 284 32.83 4.28 12.78
C MET I 284 31.33 4.26 12.53
N TYR I 285 30.58 3.50 13.33
CA TYR I 285 29.14 3.48 13.15
C TYR I 285 28.54 4.85 13.47
N GLU I 286 29.09 5.52 14.49
CA GLU I 286 28.62 6.86 14.81
C GLU I 286 28.84 7.82 13.64
N ILE I 287 30.05 7.83 13.07
CA ILE I 287 30.30 8.74 11.96
C ILE I 287 29.44 8.39 10.76
N VAL I 288 29.31 7.11 10.44
CA VAL I 288 28.53 6.72 9.28
C VAL I 288 27.08 7.14 9.44
N GLY I 289 26.50 6.87 10.62
CA GLY I 289 25.12 7.26 10.85
C GLY I 289 24.92 8.75 10.79
N GLU I 290 25.82 9.51 11.44
CA GLU I 290 25.68 10.95 11.46
C GLU I 290 25.78 11.53 10.05
N ASN I 291 26.69 11.01 9.24
CA ASN I 291 26.79 11.51 7.88
C ASN I 291 25.57 11.12 7.05
N ASN I 292 25.08 9.89 7.22
CA ASN I 292 23.95 9.44 6.42
C ASN I 292 22.67 10.16 6.80
N GLN I 293 22.56 10.62 8.04
CA GLN I 293 21.37 11.35 8.46
C GLN I 293 21.28 12.70 7.77
N TYR I 294 22.42 13.34 7.50
CA TYR I 294 22.46 14.63 6.83
C TYR I 294 22.60 14.50 5.32
N HIS I 295 22.28 13.32 4.76
CA HIS I 295 22.44 13.11 3.33
C HIS I 295 21.56 14.04 2.52
N GLY I 296 20.34 14.27 2.98
CA GLY I 296 19.41 15.13 2.27
C GLY I 296 19.52 16.60 2.63
N ILE I 297 20.50 16.99 3.44
CA ILE I 297 20.65 18.37 3.88
C ILE I 297 21.91 19.00 3.29
N ALA I 298 23.03 18.27 3.28
CA ALA I 298 24.26 18.82 2.75
C ALA I 298 24.10 19.15 1.28
N ALA I 299 24.81 20.18 0.83
CA ALA I 299 24.69 20.63 -0.56
C ALA I 299 25.52 19.76 -1.49
N ASN I 300 26.83 19.74 -1.31
CA ASN I 300 27.73 18.97 -2.18
C ASN I 300 27.81 17.55 -1.66
N THR I 301 27.14 16.62 -2.35
CA THR I 301 27.18 15.22 -1.94
C THR I 301 28.56 14.62 -2.16
N GLU I 302 29.27 15.05 -3.20
CA GLU I 302 30.63 14.57 -3.42
C GLU I 302 31.55 15.03 -2.30
N LEU I 303 31.48 16.31 -1.93
CA LEU I 303 32.26 16.79 -0.81
C LEU I 303 31.79 16.16 0.50
N HIS I 304 30.49 15.88 0.60
CA HIS I 304 29.96 15.12 1.73
C HIS I 304 30.66 13.77 1.86
N LEU I 305 30.78 13.05 0.74
CA LEU I 305 31.42 11.75 0.77
C LEU I 305 32.92 11.86 1.03
N ALA I 306 33.55 12.91 0.51
CA ALA I 306 34.95 13.16 0.84
C ALA I 306 35.14 13.39 2.33
N TYR I 307 34.23 14.14 2.94
CA TYR I 307 34.23 14.31 4.39
C TYR I 307 34.09 12.98 5.11
N LEU I 308 33.19 12.13 4.61
CA LEU I 308 33.02 10.80 5.19
C LEU I 308 34.32 10.01 5.13
N PHE I 309 34.97 10.04 3.97
CA PHE I 309 36.24 9.32 3.81
C PHE I 309 37.29 9.85 4.76
N ILE I 310 37.38 11.17 4.89
CA ILE I 310 38.39 11.77 5.76
C ILE I 310 38.17 11.31 7.19
N GLN I 311 36.92 11.41 7.67
CA GLN I 311 36.63 11.02 9.05
C GLN I 311 36.92 9.54 9.27
N LEU I 312 36.50 8.69 8.33
CA LEU I 312 36.70 7.26 8.49
C LEU I 312 38.18 6.90 8.52
N ALA I 313 38.96 7.51 7.62
CA ALA I 313 40.40 7.24 7.60
C ALA I 313 41.08 7.77 8.84
N CYS I 314 40.56 8.85 9.41
CA CYS I 314 41.23 9.48 10.54
C CYS I 314 40.95 8.75 11.85
N GLU I 315 39.68 8.61 12.21
CA GLU I 315 39.31 8.14 13.53
C GLU I 315 39.37 6.62 13.69
N MET I 316 40.00 5.91 12.76
CA MET I 316 39.96 4.46 12.76
C MET I 316 41.31 3.88 13.14
N GLN I 317 41.29 2.79 13.90
CA GLN I 317 42.49 2.06 14.30
C GLN I 317 42.29 0.59 13.95
N TRP I 318 42.91 0.15 12.85
CA TRP I 318 42.78 -1.22 12.41
C TRP I 318 43.41 -2.18 13.41
N LYS I 319 42.80 -3.36 13.54
CA LYS I 319 43.26 -4.38 14.48
C LYS I 319 44.64 -4.90 14.13
N MET J 1 -22.41 -45.17 20.19
CA MET J 1 -22.10 -44.79 18.82
C MET J 1 -21.15 -45.81 18.18
N SER J 2 -20.78 -45.57 16.92
CA SER J 2 -19.82 -46.39 16.19
C SER J 2 -20.31 -47.85 16.11
N LEU J 3 -21.41 -48.01 15.37
CA LEU J 3 -22.08 -49.29 15.17
C LEU J 3 -21.12 -50.45 14.93
N PHE J 4 -19.96 -50.18 14.37
CA PHE J 4 -18.96 -51.20 14.07
C PHE J 4 -18.00 -51.30 15.24
N LYS J 5 -18.01 -52.46 15.91
CA LYS J 5 -17.28 -52.65 17.16
C LYS J 5 -15.84 -53.08 16.96
N ASP J 6 -15.40 -53.25 15.72
CA ASP J 6 -13.99 -53.54 15.46
C ASP J 6 -13.22 -52.27 15.16
N ASP J 7 -13.56 -51.59 14.05
CA ASP J 7 -12.90 -50.37 13.62
C ASP J 7 -11.41 -50.54 13.42
N ILE J 8 -10.75 -49.44 13.06
CA ILE J 8 -9.30 -49.38 12.96
C ILE J 8 -8.72 -48.24 13.78
N GLN J 9 -9.55 -47.49 14.49
CA GLN J 9 -9.13 -46.44 15.41
C GLN J 9 -8.38 -45.31 14.69
N LEU J 10 -9.08 -44.70 13.74
CA LEU J 10 -8.54 -43.55 13.05
C LEU J 10 -8.43 -42.37 14.00
N ASN J 11 -7.34 -41.61 13.90
CA ASN J 11 -7.17 -40.46 14.75
C ASN J 11 -8.08 -39.33 14.28
N GLU J 12 -7.93 -38.16 14.89
CA GLU J 12 -8.76 -37.02 14.51
C GLU J 12 -8.52 -36.63 13.06
N HIS J 13 -7.25 -36.61 12.64
CA HIS J 13 -6.91 -36.16 11.31
C HIS J 13 -7.41 -37.14 10.24
N GLN J 14 -7.29 -38.44 10.49
CA GLN J 14 -7.76 -39.41 9.51
C GLN J 14 -9.26 -39.34 9.34
N VAL J 15 -9.99 -39.23 10.44
CA VAL J 15 -11.44 -39.11 10.36
C VAL J 15 -11.83 -37.83 9.63
N ALA J 16 -11.13 -36.72 9.94
CA ALA J 16 -11.47 -35.45 9.33
C ALA J 16 -11.20 -35.45 7.83
N TRP J 17 -10.05 -35.98 7.40
CA TRP J 17 -9.70 -35.94 5.99
C TRP J 17 -10.46 -36.99 5.19
N TYR J 18 -10.55 -38.22 5.68
CA TYR J 18 -11.20 -39.29 4.94
C TYR J 18 -12.68 -39.04 4.77
N SER J 19 -13.29 -38.27 5.66
CA SER J 19 -14.69 -37.91 5.53
C SER J 19 -14.91 -36.68 4.67
N LYS J 20 -13.84 -36.00 4.27
CA LYS J 20 -13.93 -34.75 3.52
C LYS J 20 -14.73 -33.70 4.27
N ASP J 21 -14.57 -33.68 5.60
CA ASP J 21 -15.27 -32.74 6.46
C ASP J 21 -14.38 -31.53 6.65
N TRP J 22 -14.42 -30.62 5.68
CA TRP J 22 -13.44 -29.53 5.65
C TRP J 22 -13.58 -28.59 6.83
N THR J 23 -14.73 -28.56 7.49
CA THR J 23 -14.81 -27.85 8.76
C THR J 23 -13.99 -28.56 9.83
N ALA J 24 -14.13 -29.88 9.92
CA ALA J 24 -13.34 -30.64 10.88
C ALA J 24 -11.87 -30.66 10.49
N VAL J 25 -11.58 -30.68 9.19
CA VAL J 25 -10.18 -30.60 8.74
C VAL J 25 -9.58 -29.27 9.10
N GLN J 26 -10.32 -28.18 8.90
CA GLN J 26 -9.84 -26.87 9.30
C GLN J 26 -9.63 -26.81 10.81
N SER J 27 -10.53 -27.40 11.59
CA SER J 27 -10.35 -27.41 13.04
C SER J 27 -9.12 -28.21 13.45
N ALA J 28 -8.90 -29.35 12.82
CA ALA J 28 -7.75 -30.19 13.17
C ALA J 28 -6.44 -29.54 12.74
N ALA J 29 -6.45 -28.83 11.61
CA ALA J 29 -5.25 -28.14 11.15
C ALA J 29 -4.99 -26.89 11.95
N ASP J 30 -6.04 -26.28 12.52
CA ASP J 30 -5.85 -25.13 13.40
C ASP J 30 -5.23 -25.51 14.73
N SER J 31 -5.14 -26.80 15.03
CA SER J 31 -4.59 -27.25 16.30
C SER J 31 -3.07 -27.20 16.33
N PHE J 32 -2.43 -26.62 15.32
CA PHE J 32 -0.99 -26.42 15.36
C PHE J 32 -0.62 -24.97 15.68
N LYS J 33 -1.05 -24.03 14.84
CA LYS J 33 -0.75 -22.61 14.97
C LYS J 33 0.58 -22.32 15.66
N GLU J 34 0.59 -22.32 16.99
CA GLU J 34 1.78 -22.07 17.81
C GLU J 34 2.38 -20.69 17.53
N LYS J 35 1.61 -19.67 17.89
CA LYS J 35 2.10 -18.29 17.83
C LYS J 35 3.02 -18.05 19.01
N ALA J 36 4.33 -18.03 18.75
CA ALA J 36 5.33 -18.09 19.81
C ALA J 36 6.65 -17.53 19.28
N GLU J 37 7.75 -17.90 19.94
CA GLU J 37 9.15 -17.72 19.60
C GLU J 37 9.71 -16.34 19.99
N ASN J 38 8.89 -15.41 20.49
CA ASN J 38 9.33 -14.21 21.20
C ASN J 38 10.63 -13.65 20.65
N GLU J 39 10.63 -13.35 19.36
CA GLU J 39 11.86 -13.00 18.66
C GLU J 39 12.54 -11.79 19.29
N PHE J 40 11.75 -10.86 19.82
CA PHE J 40 12.32 -9.58 20.27
C PHE J 40 13.17 -9.75 21.52
N PHE J 41 12.65 -10.45 22.53
CA PHE J 41 13.30 -10.46 23.84
C PHE J 41 14.61 -11.21 23.85
N GLU J 42 14.94 -11.95 22.79
CA GLU J 42 16.24 -12.60 22.68
C GLU J 42 17.25 -11.74 21.92
N ILE J 43 16.87 -10.54 21.50
CA ILE J 43 17.82 -9.58 20.96
C ILE J 43 18.22 -8.64 22.08
N ILE J 44 17.22 -8.00 22.70
CA ILE J 44 17.49 -7.05 23.77
C ILE J 44 18.30 -7.70 24.88
N GLY J 45 17.84 -8.87 25.35
CA GLY J 45 18.61 -9.61 26.34
C GLY J 45 20.02 -9.90 25.87
N ALA J 46 20.15 -10.31 24.60
CA ALA J 46 21.48 -10.51 24.04
C ALA J 46 22.29 -9.24 24.11
N ILE J 47 21.69 -8.10 23.77
CA ILE J 47 22.38 -6.82 23.88
C ILE J 47 22.76 -6.56 25.33
N ASN J 48 21.91 -6.95 26.27
CA ASN J 48 22.22 -6.76 27.68
C ASN J 48 23.25 -7.75 28.18
N ASN J 49 23.59 -8.78 27.39
CA ASN J 49 24.55 -9.78 27.81
C ASN J 49 25.66 -10.00 26.78
N LYS J 50 25.73 -9.15 25.74
CA LYS J 50 26.77 -9.19 24.71
C LYS J 50 26.98 -10.59 24.12
N THR J 51 25.97 -11.44 24.17
CA THR J 51 26.07 -12.78 23.61
C THR J 51 26.03 -12.72 22.09
N LYS J 52 26.80 -13.58 21.46
CA LYS J 52 26.85 -13.63 19.99
C LYS J 52 25.48 -13.98 19.43
N CYS J 53 25.07 -13.26 18.40
CA CYS J 53 23.79 -13.50 17.74
C CYS J 53 23.86 -12.99 16.31
N SER J 54 22.94 -13.48 15.48
CA SER J 54 22.84 -13.07 14.09
C SER J 54 21.37 -12.84 13.76
N ILE J 55 21.08 -11.74 13.07
CA ILE J 55 19.70 -11.38 12.73
C ILE J 55 19.50 -11.30 11.22
N ALA J 56 20.42 -11.89 10.44
CA ALA J 56 20.31 -11.81 8.99
C ALA J 56 19.03 -12.47 8.50
N GLN J 57 18.65 -13.60 9.12
CA GLN J 57 17.38 -14.25 8.81
C GLN J 57 16.23 -13.76 9.66
N LYS J 58 16.48 -12.88 10.63
CA LYS J 58 15.48 -12.45 11.59
C LYS J 58 14.84 -11.14 11.17
N ASP J 59 13.90 -10.67 11.98
CA ASP J 59 13.21 -9.41 11.77
C ASP J 59 13.57 -8.44 12.89
N TYR J 60 14.13 -7.29 12.52
CA TYR J 60 14.65 -6.32 13.47
C TYR J 60 13.86 -5.03 13.37
N SER J 61 13.41 -4.51 14.51
CA SER J 61 12.66 -3.27 14.56
C SER J 61 13.40 -2.29 15.46
N LYS J 62 13.89 -1.20 14.85
CA LYS J 62 14.72 -0.25 15.60
C LYS J 62 13.93 0.47 16.68
N PHE J 63 12.67 0.79 16.41
CA PHE J 63 11.88 1.54 17.38
C PHE J 63 11.68 0.74 18.66
N MET J 64 11.27 -0.52 18.52
CA MET J 64 11.01 -1.35 19.71
C MET J 64 12.30 -1.62 20.48
N VAL J 65 13.39 -1.89 19.77
CA VAL J 65 14.67 -2.14 20.44
C VAL J 65 15.11 -0.91 21.23
N GLU J 66 15.03 0.26 20.60
CA GLU J 66 15.44 1.49 21.28
C GLU J 66 14.54 1.80 22.48
N ASN J 67 13.23 1.63 22.31
CA ASN J 67 12.31 1.89 23.43
C ASN J 67 12.55 0.92 24.57
N ALA J 68 12.79 -0.35 24.26
CA ALA J 68 13.06 -1.33 25.30
C ALA J 68 14.35 -1.00 26.05
N LEU J 69 15.41 -0.65 25.31
CA LEU J 69 16.67 -0.34 25.96
C LEU J 69 16.63 0.98 26.71
N SER J 70 15.75 1.92 26.32
CA SER J 70 15.67 3.20 27.00
C SER J 70 15.18 3.07 28.42
N GLN J 71 14.51 1.97 28.76
CA GLN J 71 14.06 1.76 30.13
C GLN J 71 15.22 1.68 31.10
N PHE J 72 16.42 1.38 30.62
CA PHE J 72 17.58 1.20 31.47
C PHE J 72 18.58 2.31 31.19
N PRO J 73 18.76 3.25 32.11
CA PRO J 73 19.65 4.40 31.81
C PRO J 73 21.06 4.01 31.46
N GLU J 74 21.56 2.88 31.99
CA GLU J 74 22.93 2.48 31.73
C GLU J 74 23.21 2.32 30.23
N CYS J 75 22.23 1.84 29.48
CA CYS J 75 22.38 1.68 28.04
C CYS J 75 21.88 2.89 27.26
N MET J 76 21.34 3.90 27.91
CA MET J 76 20.61 4.90 27.15
C MET J 76 21.53 5.84 26.37
N PRO J 77 22.71 6.21 26.89
CA PRO J 77 23.65 6.99 26.05
C PRO J 77 23.89 6.36 24.69
N ALA J 78 23.90 5.03 24.60
CA ALA J 78 23.96 4.38 23.30
C ALA J 78 22.68 4.60 22.51
N VAL J 79 21.53 4.41 23.17
CA VAL J 79 20.25 4.55 22.48
C VAL J 79 20.10 5.94 21.90
N TYR J 80 20.38 6.97 22.71
CA TYR J 80 20.31 8.33 22.22
C TYR J 80 21.25 8.53 21.03
N ALA J 81 22.41 7.87 21.06
CA ALA J 81 23.34 7.98 19.94
C ALA J 81 22.74 7.41 18.68
N MET J 82 21.93 6.35 18.80
CA MET J 82 21.18 5.84 17.66
C MET J 82 19.87 6.57 17.44
N ASN J 83 19.42 7.36 18.41
CA ASN J 83 18.17 8.10 18.23
C ASN J 83 18.36 9.27 17.29
N LEU J 84 19.58 9.80 17.18
CA LEU J 84 19.84 10.93 16.29
C LEU J 84 20.34 10.49 14.93
N ILE J 85 21.23 9.51 14.89
CA ILE J 85 21.99 9.19 13.68
C ILE J 85 21.67 7.81 13.12
N GLY J 86 20.98 6.95 13.87
CA GLY J 86 20.73 5.62 13.37
C GLY J 86 19.58 5.51 12.40
N SER J 87 18.92 6.63 12.09
CA SER J 87 17.78 6.58 11.19
C SER J 87 18.20 6.08 9.81
N GLY J 88 19.37 6.50 9.33
CA GLY J 88 19.83 6.08 8.02
C GLY J 88 20.54 4.75 8.00
N LEU J 89 21.03 4.29 9.15
CA LEU J 89 21.77 3.03 9.18
C LEU J 89 20.82 1.86 8.94
N SER J 90 21.39 0.76 8.45
CA SER J 90 20.61 -0.44 8.24
C SER J 90 20.28 -1.08 9.58
N ASP J 91 19.30 -2.00 9.54
CA ASP J 91 18.95 -2.74 10.74
C ASP J 91 20.14 -3.55 11.25
N GLU J 92 20.88 -4.17 10.32
CA GLU J 92 22.05 -4.94 10.73
C GLU J 92 23.08 -4.05 11.41
N ALA J 93 23.37 -2.89 10.83
CA ALA J 93 24.35 -1.99 11.42
C ALA J 93 23.84 -1.39 12.73
N HIS J 94 22.54 -1.11 12.81
CA HIS J 94 21.96 -0.62 14.06
C HIS J 94 22.16 -1.64 15.18
N PHE J 95 21.84 -2.90 14.90
CA PHE J 95 22.06 -3.94 15.90
C PHE J 95 23.54 -4.09 16.23
N ASN J 96 24.39 -3.99 15.21
CA ASN J 96 25.83 -4.15 15.44
C ASN J 96 26.37 -3.06 16.35
N TYR J 97 25.95 -1.81 16.12
CA TYR J 97 26.38 -0.71 16.98
C TYR J 97 25.84 -0.88 18.38
N LEU J 98 24.58 -1.28 18.52
CA LEU J 98 24.03 -1.49 19.86
C LEU J 98 24.74 -2.64 20.57
N MET J 99 25.18 -3.63 19.81
CA MET J 99 25.97 -4.72 20.38
C MET J 99 27.31 -4.21 20.88
N ALA J 100 28.01 -3.46 20.04
CA ALA J 100 29.37 -3.04 20.39
C ALA J 100 29.37 -2.00 21.50
N ALA J 101 28.33 -1.17 21.59
CA ALA J 101 28.33 -0.02 22.48
C ALA J 101 27.68 -0.28 23.83
N VAL J 102 26.50 -0.87 23.86
CA VAL J 102 25.74 -1.00 25.10
C VAL J 102 26.50 -1.88 26.09
N PRO J 103 26.81 -1.39 27.28
CA PRO J 103 27.54 -2.21 28.25
C PRO J 103 26.68 -3.32 28.81
N ARG J 104 27.35 -4.42 29.16
CA ARG J 104 26.66 -5.59 29.69
C ARG J 104 26.08 -5.31 31.07
N GLY J 105 24.92 -5.89 31.35
CA GLY J 105 24.31 -5.75 32.65
C GLY J 105 23.16 -6.71 32.88
N LYS J 106 22.91 -7.05 34.14
CA LYS J 106 21.79 -7.92 34.51
C LYS J 106 20.53 -7.07 34.70
N ARG J 107 20.01 -6.58 33.57
CA ARG J 107 18.89 -5.65 33.56
C ARG J 107 17.66 -6.33 32.97
N TYR J 108 16.57 -6.33 33.73
CA TYR J 108 15.29 -6.87 33.28
C TYR J 108 14.19 -6.09 33.99
N GLY J 109 12.99 -6.15 33.43
CA GLY J 109 11.86 -5.55 34.10
C GLY J 109 10.71 -5.30 33.13
N LYS J 110 9.83 -4.40 33.56
CA LYS J 110 8.64 -4.04 32.81
C LYS J 110 8.77 -2.62 32.29
N TRP J 111 8.24 -2.40 31.09
CA TRP J 111 8.30 -1.08 30.47
C TRP J 111 7.67 -0.03 31.36
N ALA J 112 8.34 1.13 31.45
CA ALA J 112 7.89 2.22 32.31
C ALA J 112 6.88 3.06 31.55
N LYS J 113 5.61 2.96 31.92
CA LYS J 113 4.53 3.78 31.39
C LYS J 113 3.32 3.52 32.29
N LEU J 114 2.17 4.09 31.92
CA LEU J 114 0.95 3.77 32.64
C LEU J 114 0.66 2.28 32.51
N VAL J 115 0.38 1.63 33.65
CA VAL J 115 0.27 0.18 33.68
C VAL J 115 -1.17 -0.15 33.31
N GLU J 116 -1.46 -0.08 32.01
CA GLU J 116 -2.76 -0.38 31.42
C GLU J 116 -3.91 0.15 32.27
N ASP J 117 -4.98 -0.66 32.36
CA ASP J 117 -6.15 -0.51 33.22
C ASP J 117 -7.34 -1.21 32.60
N SER J 118 -7.66 -0.85 31.36
CA SER J 118 -8.83 -1.37 30.63
C SER J 118 -10.11 -0.90 31.30
N THR J 119 -9.98 -0.14 32.39
CA THR J 119 -11.09 0.56 33.00
C THR J 119 -10.90 2.07 32.97
N GLU J 120 -9.66 2.52 32.77
CA GLU J 120 -9.32 3.94 32.70
C GLU J 120 -8.92 4.38 31.30
N VAL J 121 -8.23 3.51 30.56
CA VAL J 121 -7.91 3.82 29.17
C VAL J 121 -9.19 3.91 28.35
N LEU J 122 -10.17 3.06 28.63
CA LEU J 122 -11.43 3.14 27.91
C LEU J 122 -12.16 4.45 28.22
N ILE J 123 -12.13 4.88 29.48
CA ILE J 123 -12.77 6.14 29.83
C ILE J 123 -12.09 7.29 29.11
N ILE J 124 -10.75 7.28 29.09
CA ILE J 124 -10.01 8.34 28.42
C ILE J 124 -10.33 8.36 26.93
N LYS J 125 -10.31 7.18 26.28
CA LYS J 125 -10.59 7.11 24.86
C LYS J 125 -12.02 7.58 24.56
N LEU J 126 -12.97 7.20 25.41
CA LEU J 126 -14.36 7.58 25.18
C LEU J 126 -14.57 9.08 25.36
N LEU J 127 -13.94 9.67 26.38
CA LEU J 127 -14.05 11.12 26.55
C LEU J 127 -13.39 11.86 25.40
N ALA J 128 -12.23 11.37 24.94
CA ALA J 128 -11.56 12.00 23.82
C ALA J 128 -12.40 11.91 22.54
N LYS J 129 -13.08 10.79 22.34
CA LYS J 129 -13.93 10.65 21.15
C LYS J 129 -15.16 11.54 21.24
N ARG J 130 -15.80 11.60 22.41
CA ARG J 130 -17.03 12.36 22.54
C ARG J 130 -16.76 13.86 22.48
N TYR J 131 -15.79 14.34 23.24
CA TYR J 131 -15.53 15.77 23.31
C TYR J 131 -14.57 16.26 22.25
N GLN J 132 -14.10 15.36 21.37
CA GLN J 132 -13.21 15.73 20.28
C GLN J 132 -11.95 16.43 20.78
N VAL J 133 -11.42 15.95 21.91
CA VAL J 133 -10.19 16.49 22.48
C VAL J 133 -9.13 15.39 22.47
N ASN J 134 -7.88 15.81 22.63
CA ASN J 134 -6.77 14.88 22.56
C ASN J 134 -6.71 14.02 23.82
N THR J 135 -5.77 13.09 23.84
CA THR J 135 -5.66 12.19 24.98
C THR J 135 -5.32 12.94 26.26
N ASN J 136 -4.41 13.91 26.18
CA ASN J 136 -4.04 14.69 27.36
C ASN J 136 -5.23 15.47 27.90
N ASP J 137 -5.98 16.13 27.04
CA ASP J 137 -7.17 16.83 27.49
C ASP J 137 -8.24 15.86 27.95
N ALA J 138 -8.28 14.65 27.39
CA ALA J 138 -9.21 13.65 27.88
C ALA J 138 -8.88 13.23 29.30
N ILE J 139 -7.59 13.06 29.59
CA ILE J 139 -7.17 12.78 30.96
C ILE J 139 -7.54 13.93 31.87
N ASN J 140 -7.35 15.16 31.41
CA ASN J 140 -7.75 16.32 32.20
C ASN J 140 -9.25 16.29 32.49
N TYR J 141 -10.05 15.99 31.48
CA TYR J 141 -11.50 15.95 31.65
C TYR J 141 -11.90 14.86 32.63
N LYS J 142 -11.27 13.69 32.53
CA LYS J 142 -11.62 12.60 33.43
C LYS J 142 -11.22 12.93 34.86
N SER J 143 -10.04 13.54 35.04
CA SER J 143 -9.61 13.92 36.38
C SER J 143 -10.55 14.96 36.98
N ILE J 144 -11.04 15.88 36.15
CA ILE J 144 -12.00 16.88 36.62
C ILE J 144 -13.31 16.21 36.99
N LEU J 145 -13.80 15.32 36.13
CA LEU J 145 -15.10 14.70 36.37
C LEU J 145 -15.07 13.82 37.61
N THR J 146 -13.97 13.10 37.84
CA THR J 146 -13.88 12.28 39.03
C THR J 146 -13.97 13.13 40.29
N LYS J 147 -13.29 14.27 40.31
CA LYS J 147 -13.34 15.16 41.47
C LYS J 147 -14.68 15.85 41.58
N ASN J 148 -15.19 16.35 40.45
CA ASN J 148 -16.46 17.06 40.47
C ASN J 148 -17.58 16.14 40.92
N GLY J 149 -17.57 14.89 40.45
CA GLY J 149 -18.61 13.95 40.77
C GLY J 149 -19.64 13.74 39.68
N LYS J 150 -19.45 14.34 38.51
CA LYS J 150 -20.38 14.21 37.40
C LYS J 150 -20.00 13.09 36.45
N LEU J 151 -18.96 12.33 36.76
CA LEU J 151 -18.51 11.28 35.85
C LEU J 151 -19.58 10.22 35.55
N PRO J 152 -20.31 9.68 36.55
CA PRO J 152 -21.34 8.69 36.21
C PRO J 152 -22.39 9.19 35.24
N LEU J 153 -22.80 10.45 35.36
CA LEU J 153 -23.77 11.00 34.42
C LEU J 153 -23.21 11.03 33.01
N VAL J 154 -21.96 11.46 32.86
CA VAL J 154 -21.32 11.50 31.55
C VAL J 154 -21.20 10.11 30.97
N LEU J 155 -20.83 9.13 31.80
CA LEU J 155 -20.73 7.76 31.32
C LEU J 155 -22.09 7.24 30.86
N LYS J 156 -23.15 7.55 31.61
CA LYS J 156 -24.49 7.15 31.17
C LYS J 156 -24.85 7.82 29.84
N GLU J 157 -24.39 9.06 29.65
CA GLU J 157 -24.67 9.76 28.39
C GLU J 157 -23.97 9.08 27.21
N LEU J 158 -22.67 8.82 27.34
CA LEU J 158 -21.88 8.37 26.20
C LEU J 158 -21.52 6.89 26.26
N LYS J 159 -22.28 6.09 27.01
CA LYS J 159 -22.08 4.65 26.94
C LYS J 159 -22.47 4.08 25.59
N GLY J 160 -23.25 4.82 24.79
CA GLY J 160 -23.62 4.35 23.47
C GLY J 160 -22.48 4.34 22.48
N LEU J 161 -21.44 5.14 22.72
CA LEU J 161 -20.29 5.16 21.83
C LEU J 161 -19.53 3.84 21.87
N VAL J 162 -19.63 3.10 22.98
CA VAL J 162 -19.01 1.78 23.06
C VAL J 162 -19.74 0.85 22.11
N THR J 163 -18.99 0.22 21.20
CA THR J 163 -19.59 -0.65 20.21
C THR J 163 -18.66 -1.83 19.96
N ASP J 164 -18.98 -2.62 18.94
CA ASP J 164 -18.26 -3.86 18.69
C ASP J 164 -16.81 -3.60 18.28
N ASP J 165 -16.60 -2.72 17.31
CA ASP J 165 -15.26 -2.46 16.79
C ASP J 165 -14.54 -1.34 17.54
N PHE J 166 -15.23 -0.61 18.42
CA PHE J 166 -14.54 0.44 19.17
C PHE J 166 -13.59 -0.15 20.19
N LEU J 167 -13.96 -1.25 20.82
CA LEU J 167 -13.15 -1.81 21.89
C LEU J 167 -11.79 -2.27 21.37
N LYS J 168 -11.74 -2.71 20.11
CA LYS J 168 -10.46 -3.15 19.55
C LYS J 168 -9.44 -2.02 19.51
N GLU J 169 -9.91 -0.78 19.41
CA GLU J 169 -9.00 0.36 19.46
C GLU J 169 -8.33 0.48 20.82
N VAL J 170 -9.05 0.18 21.89
CA VAL J 170 -8.51 0.31 23.23
C VAL J 170 -7.34 -0.64 23.44
N THR J 171 -7.54 -1.92 23.12
CA THR J 171 -6.54 -2.93 23.40
C THR J 171 -6.61 -4.01 22.32
N LYS J 172 -5.54 -4.79 22.22
CA LYS J 172 -5.49 -5.91 21.29
C LYS J 172 -5.74 -7.26 21.96
N ASN J 173 -5.50 -7.36 23.26
CA ASN J 173 -5.73 -8.61 23.97
C ASN J 173 -7.21 -8.94 24.03
N VAL J 174 -7.51 -10.21 24.26
CA VAL J 174 -8.91 -10.68 24.25
C VAL J 174 -9.43 -10.49 25.66
N LYS J 175 -9.81 -9.25 25.97
CA LYS J 175 -10.52 -8.94 27.21
C LYS J 175 -11.71 -8.02 26.98
N GLU J 176 -11.86 -7.45 25.78
CA GLU J 176 -12.95 -6.53 25.49
C GLU J 176 -14.31 -7.19 25.63
N GLN J 177 -14.36 -8.53 25.59
CA GLN J 177 -15.62 -9.22 25.83
C GLN J 177 -16.20 -8.86 27.20
N LYS J 178 -15.33 -8.61 28.18
CA LYS J 178 -15.82 -8.15 29.49
C LYS J 178 -16.22 -6.68 29.42
N GLN J 179 -15.51 -5.89 28.60
CA GLN J 179 -15.74 -4.45 28.57
C GLN J 179 -17.15 -4.11 28.12
N LEU J 180 -17.70 -4.89 27.20
CA LEU J 180 -19.07 -4.66 26.75
C LEU J 180 -20.05 -4.69 27.92
N LYS J 181 -19.77 -5.50 28.95
CA LYS J 181 -20.62 -5.49 30.13
C LYS J 181 -20.17 -4.47 31.15
N LYS J 182 -18.90 -4.08 31.13
CA LYS J 182 -18.38 -3.13 32.11
C LYS J 182 -19.19 -1.84 32.11
N LEU J 183 -19.45 -1.30 30.92
CA LEU J 183 -20.34 -0.15 30.76
C LEU J 183 -21.67 -0.55 30.15
N ALA J 184 -22.12 -1.78 30.41
CA ALA J 184 -23.40 -2.23 29.89
C ALA J 184 -24.54 -1.38 30.44
N LEU J 185 -24.51 -1.09 31.74
CA LEU J 185 -25.51 -0.22 32.36
C LEU J 185 -24.76 0.57 33.45
N GLU J 186 -24.31 1.77 33.08
CA GLU J 186 -23.65 2.63 34.05
C GLU J 186 -24.65 3.17 35.07
N TRP J 187 -25.84 3.56 34.60
CA TRP J 187 -26.91 4.04 35.46
C TRP J 187 -26.44 5.13 36.41
PB ADP K . -6.89 25.74 23.65
O1B ADP K . -7.38 25.04 22.41
O2B ADP K . -5.89 26.84 23.40
O3B ADP K . -6.51 24.82 24.77
PA ADP K . -9.68 26.07 23.88
O1A ADP K . -9.73 24.60 23.57
O2A ADP K . -10.27 27.10 22.95
O3A ADP K . -8.18 26.54 24.19
O5' ADP K . -10.39 26.28 25.30
C5' ADP K . -11.71 25.79 25.53
C4' ADP K . -12.27 26.49 26.77
O4' ADP K . -11.36 27.47 27.23
C3' ADP K . -13.57 27.19 26.45
O3' ADP K . -14.64 26.56 27.12
C2' ADP K . -13.44 28.57 27.05
O2' ADP K . -14.34 28.63 28.15
C1' ADP K . -12.03 28.67 27.57
N9 ADP K . -11.34 29.78 26.87
C8 ADP K . -10.12 29.66 26.34
N7 ADP K . -9.73 30.82 25.75
C5 ADP K . -10.73 31.70 25.91
C6 ADP K . -10.95 33.10 25.53
N6 ADP K . -10.01 33.79 24.85
N1 ADP K . -12.12 33.66 25.88
C2 ADP K . -13.05 32.98 26.57
N3 ADP K . -12.91 31.70 26.94
C4 ADP K . -11.79 31.01 26.65
MG MG L . -8.82 23.18 22.12
PA 08T M . 0.78 27.88 -7.16
PB 08T M . 2.77 26.23 -6.16
BE 08T M . 3.15 24.87 -3.81
C5' 08T M . -0.55 29.86 -6.27
O5' 08T M . 0.49 29.39 -7.04
C4' 08T M . -0.90 31.26 -6.48
O4' 08T M . 0.22 32.02 -6.27
C3' 08T M . -1.18 31.44 -7.89
O3' 08T M . -2.52 31.24 -8.22
C2' 08T M . -0.73 32.73 -8.21
O2' 08T M . -1.69 33.70 -8.05
C1' 08T M . 0.36 32.94 -7.29
N1 08T M . 3.32 33.89 -11.35
O1A 08T M . 0.85 27.62 -8.66
O1B 08T M . 1.71 25.15 -6.33
F1 08T M . 2.52 23.86 -4.75
C2 08T M . 2.19 34.48 -11.04
O2A 08T M . -0.26 26.97 -6.50
O2B 08T M . 3.99 26.04 -7.05
F2 08T M . 2.36 24.99 -2.61
N3 08T M . 1.52 34.13 -9.96
O3A 08T M . 2.23 27.63 -6.55
O3B 08T M . 3.18 26.21 -4.62
F3 08T M . 4.54 24.41 -3.38
C4 08T M . 1.99 33.18 -9.14
C5 08T M . 3.16 32.57 -9.44
C6 08T M . 3.83 32.94 -10.58
N6 08T M . 5.04 32.31 -10.91
N7 08T M . 3.40 31.68 -8.49
C8 08T M . 2.41 31.72 -7.61
N9 08T M . 1.55 32.63 -8.00
MG MG N . 1.21 23.10 -6.03
PA 08T O . 16.62 3.04 -21.04
PB 08T O . 16.97 2.16 -18.49
BE 08T O . 15.79 2.53 -16.01
C5' 08T O . 16.30 5.13 -22.46
O5' 08T O . 17.16 4.23 -21.89
C4' 08T O . 16.92 6.03 -23.44
O4' 08T O . 18.15 6.40 -22.98
C3' 08T O . 17.20 5.27 -24.64
O3' 08T O . 16.13 5.29 -25.54
C2' 08T O . 18.34 5.86 -25.19
O2' 08T O . 18.06 6.92 -26.02
C1' 08T O . 19.06 6.32 -24.03
N1 08T O . 22.93 3.37 -25.62
O1A 08T O . 15.13 2.79 -21.15
O1B 08T O . 15.65 1.41 -18.63
F1 08T O . 14.94 1.46 -16.62
C2 08T O . 22.29 4.26 -26.33
O2A 08T O . 17.39 1.83 -21.51
O2B 08T O . 18.19 1.30 -18.81
F2 08T O . 15.03 3.76 -15.92
N3 08T O . 21.29 4.97 -25.79
O3A 08T O . 17.04 3.31 -19.53
O3B 08T O . 17.01 2.73 -17.00
F3 08T O . 16.22 2.15 -14.61
C4 08T O . 20.94 4.78 -24.51
C5 08T O . 21.60 3.84 -23.77
C6 08T O . 22.61 3.14 -24.35
N6 08T O . 23.30 2.18 -23.58
N7 08T O . 21.07 3.85 -22.56
C8 08T O . 20.09 4.74 -22.53
N9 08T O . 20.00 5.30 -23.71
MG MG P . 13.87 0.41 -17.70
PA 08T Q . 19.21 -26.77 -7.76
PB 08T Q . 18.45 -25.45 -5.52
BE 08T Q . 17.21 -23.10 -4.72
C5' 08T Q . 20.36 -26.47 -10.04
O5' 08T Q . 20.43 -26.77 -8.70
C4' 08T Q . 21.62 -26.58 -10.76
O4' 08T Q . 22.64 -26.27 -9.87
C3' 08T Q . 21.84 -27.99 -11.10
O3' 08T Q . 21.48 -28.27 -12.42
C2' 08T Q . 23.20 -28.25 -10.89
O2' 08T Q . 23.93 -28.21 -12.05
C1' 08T Q . 23.64 -27.23 -9.96
N1 08T Q . 25.56 -31.22 -7.36
O1A 08T Q . 17.84 -26.72 -8.43
O1B 08T Q . 17.01 -25.66 -5.98
F1 08T Q . 16.03 -24.04 -4.93
C2 08T Q . 25.64 -31.00 -8.66
O2A 08T Q . 19.32 -28.05 -6.93
O2B 08T Q . 18.95 -26.54 -4.58
F2 08T Q . 17.18 -22.07 -5.73
N3 08T Q . 25.10 -29.92 -9.19
O3A 08T Q . 19.37 -25.55 -6.75
O3B 08T Q . 18.50 -23.98 -4.86
F3 08T Q . 17.10 -22.42 -3.37
C4 08T Q . 24.45 -29.02 -8.44
C5 08T Q . 24.36 -29.23 -7.08
C6 08T Q . 24.94 -30.36 -6.56
N6 08T Q . 24.85 -30.59 -5.17
N7 08T Q . 23.69 -28.21 -6.58
C8 08T Q . 23.36 -27.38 -7.55
N9 08T Q . 23.81 -27.87 -8.69
MG MG R . 14.66 -25.20 -5.59
#